data_9MRB
# 
_entry.id   9MRB 
# 
_audit_conform.dict_name       mmcif_pdbx.dic 
_audit_conform.dict_version    5.403 
_audit_conform.dict_location   http://mmcif.pdb.org/dictionaries/ascii/mmcif_pdbx.dic 
# 
loop_
_database_2.database_id 
_database_2.database_code 
_database_2.pdbx_database_accession 
_database_2.pdbx_DOI 
PDB   9MRB         pdb_00009mrb 10.2210/pdb9mrb/pdb 
WWPDB D_1000291578 ?            ?                   
# 
loop_
_pdbx_audit_revision_history.ordinal 
_pdbx_audit_revision_history.data_content_type 
_pdbx_audit_revision_history.major_revision 
_pdbx_audit_revision_history.minor_revision 
_pdbx_audit_revision_history.revision_date 
_pdbx_audit_revision_history.part_number 
1 'Structure model' 1 0 2025-02-19 ? 
2 'Structure model' 1 1 2025-04-02 ? 
3 'Structure model' 1 2 2025-04-30 ? 
# 
_pdbx_audit_revision_details.ordinal             1 
_pdbx_audit_revision_details.revision_ordinal    1 
_pdbx_audit_revision_details.data_content_type   'Structure model' 
_pdbx_audit_revision_details.provider            repository 
_pdbx_audit_revision_details.type                'Initial release' 
_pdbx_audit_revision_details.description         ? 
_pdbx_audit_revision_details.details             ? 
# 
loop_
_pdbx_audit_revision_group.ordinal 
_pdbx_audit_revision_group.revision_ordinal 
_pdbx_audit_revision_group.data_content_type 
_pdbx_audit_revision_group.group 
1 2 'Structure model' 'Database references' 
2 3 'Structure model' 'Database references' 
# 
loop_
_pdbx_audit_revision_category.ordinal 
_pdbx_audit_revision_category.revision_ordinal 
_pdbx_audit_revision_category.data_content_type 
_pdbx_audit_revision_category.category 
1 2 'Structure model' citation        
2 2 'Structure model' citation_author 
3 3 'Structure model' citation        
4 3 'Structure model' citation_author 
# 
loop_
_pdbx_audit_revision_item.ordinal 
_pdbx_audit_revision_item.revision_ordinal 
_pdbx_audit_revision_item.data_content_type 
_pdbx_audit_revision_item.item 
1  2 'Structure model' '_citation.country'                 
2  2 'Structure model' '_citation.journal_abbrev'          
3  2 'Structure model' '_citation.journal_id_ASTM'         
4  2 'Structure model' '_citation.journal_id_CSD'          
5  2 'Structure model' '_citation.journal_id_ISSN'         
6  2 'Structure model' '_citation.page_first'              
7  2 'Structure model' '_citation.page_last'               
8  2 'Structure model' '_citation.pdbx_database_id_DOI'    
9  2 'Structure model' '_citation.pdbx_database_id_PubMed' 
10 2 'Structure model' '_citation.title'                   
11 2 'Structure model' '_citation.year'                    
12 3 'Structure model' '_citation.journal_volume'          
13 3 'Structure model' '_citation_author.name'             
# 
_pdbx_database_status.status_code                     REL 
_pdbx_database_status.status_code_sf                  REL 
_pdbx_database_status.status_code_mr                  ? 
_pdbx_database_status.entry_id                        9MRB 
_pdbx_database_status.recvd_initial_deposition_date   2025-01-07 
_pdbx_database_status.SG_entry                        N 
_pdbx_database_status.deposit_site                    RCSB 
_pdbx_database_status.process_site                    RCSB 
_pdbx_database_status.status_code_cs                  ? 
_pdbx_database_status.status_code_nmr_data            ? 
_pdbx_database_status.methods_development_category    ? 
_pdbx_database_status.pdb_format_compatible           Y 
# 
_pdbx_contact_author.id                 2 
_pdbx_contact_author.email              dabaker@uw.edu 
_pdbx_contact_author.name_first         David 
_pdbx_contact_author.name_last          Baker 
_pdbx_contact_author.name_mi            ? 
_pdbx_contact_author.role               'principal investigator/group leader' 
_pdbx_contact_author.identifier_ORCID   0000-0001-7896-6217 
# 
loop_
_audit_author.name 
_audit_author.pdbx_ordinal 
_audit_author.identifier_ORCID 
'Pellock, S.J.' 1 ? 
'Lauko, A.'     2 ? 
'Bera, A.'      3 ? 
'Baker, D.'     4 ? 
# 
_citation.abstract                  ? 
_citation.abstract_id_CAS           ? 
_citation.book_id_ISBN              ? 
_citation.book_publisher            ? 
_citation.book_publisher_city       ? 
_citation.book_title                ? 
_citation.coordinate_linkage        ? 
_citation.country                   US 
_citation.database_id_Medline       ? 
_citation.details                   ? 
_citation.id                        primary 
_citation.journal_abbrev            Science 
_citation.journal_id_ASTM           SCIEAS 
_citation.journal_id_CSD            0038 
_citation.journal_id_ISSN           1095-9203 
_citation.journal_full              ? 
_citation.journal_issue             ? 
_citation.journal_volume            388 
_citation.language                  ? 
_citation.page_first                eadu2454 
_citation.page_last                 eadu2454 
_citation.title                     'Computational design of serine hydrolases.' 
_citation.year                      2025 
_citation.database_id_CSD           ? 
_citation.pdbx_database_id_DOI      10.1126/science.adu2454 
_citation.pdbx_database_id_PubMed   39946508 
_citation.pdbx_database_id_patent   ? 
_citation.unpublished_flag          ? 
# 
loop_
_citation_author.citation_id 
_citation_author.name 
_citation_author.ordinal 
_citation_author.identifier_ORCID 
primary 'Lauko, A.'         1  0000-0001-5903-3518 
primary 'Pellock, S.J.'     2  0000-0002-7557-7985 
primary 'Sumida, K.H.'      3  0000-0003-2773-9676 
primary 'Anishchenko, I.'   4  0000-0003-3645-2044 
primary 'Juergens, D.'      5  0000-0001-6425-8391 
primary 'Ahern, W.'         6  0009-0006-1247-8847 
primary 'Jeung, J.'         7  0009-0004-8604-908X 
primary 'Shida, A.F.'       8  0000-0003-4140-6085 
primary 'Hunt, A.'          9  0000-0001-9620-593X 
primary 'Kalvet, I.'        10 0000-0002-6610-2857 
primary 'Norn, C.'          11 0000-0002-1450-4651 
primary 'Humphreys, I.R.'   12 ?                   
primary 'Jamieson, C.'      13 ?                   
primary 'Krishna, R.'       14 0009-0003-6387-9622 
primary 'Kipnis, Y.'        15 0000-0002-3057-4916 
primary 'Kang, A.'          16 0000-0001-5487-0499 
primary 'Brackenbrough, E.' 17 0009-0004-1476-0219 
primary 'Bera, A.K.'        18 0000-0001-9473-2912 
primary 'Sankaran, B.'      19 0000-0002-3266-8131 
primary 'Houk, K.N.'        20 0000-0002-8387-5261 
primary 'Baker, D.'         21 0000-0001-7896-6217 
# 
loop_
_entity.id 
_entity.type 
_entity.src_method 
_entity.pdbx_description 
_entity.formula_weight 
_entity.pdbx_number_of_molecules 
_entity.pdbx_ec 
_entity.pdbx_mutation 
_entity.pdbx_fragment 
_entity.details 
1 polymer     man dad_t1                 17939.246 1  ? ? ? ? 
2 non-polymer nat 'TETRAETHYLENE GLYCOL' 194.226   1  ? ? ? ? 
3 water       nat water                  18.015    37 ? ? ? ? 
# 
_entity_poly.entity_id                      1 
_entity_poly.type                           'polypeptide(L)' 
_entity_poly.nstd_linkage                   no 
_entity_poly.nstd_monomer                   no 
_entity_poly.pdbx_seq_one_letter_code       
;MTEEEKAQAVEDFHKYHTALVVRLAGVPPHERYERLDRWITEQLIYGDESKRDEWIDALAEAAGIFKEALERNITTPEEF
NAFLKEKGKRAVDLVATLTNAYIAVLEGDPEAIARFLGISLEEVQEIIDAARKAVKEGRGASIGIYTKLRELEERRAA
;
_entity_poly.pdbx_seq_one_letter_code_can   
;MTEEEKAQAVEDFHKYHTALVVRLAGVPPHERYERLDRWITEQLIYGDESKRDEWIDALAEAAGIFKEALERNITTPEEF
NAFLKEKGKRAVDLVATLTNAYIAVLEGDPEAIARFLGISLEEVQEIIDAARKAVKEGRGASIGIYTKLRELEERRAA
;
_entity_poly.pdbx_strand_id                 A 
_entity_poly.pdbx_target_identifier         ? 
# 
loop_
_pdbx_entity_nonpoly.entity_id 
_pdbx_entity_nonpoly.name 
_pdbx_entity_nonpoly.comp_id 
2 'TETRAETHYLENE GLYCOL' PG4 
3 water                  HOH 
# 
loop_
_entity_poly_seq.entity_id 
_entity_poly_seq.num 
_entity_poly_seq.mon_id 
_entity_poly_seq.hetero 
1 1   MET n 
1 2   THR n 
1 3   GLU n 
1 4   GLU n 
1 5   GLU n 
1 6   LYS n 
1 7   ALA n 
1 8   GLN n 
1 9   ALA n 
1 10  VAL n 
1 11  GLU n 
1 12  ASP n 
1 13  PHE n 
1 14  HIS n 
1 15  LYS n 
1 16  TYR n 
1 17  HIS n 
1 18  THR n 
1 19  ALA n 
1 20  LEU n 
1 21  VAL n 
1 22  VAL n 
1 23  ARG n 
1 24  LEU n 
1 25  ALA n 
1 26  GLY n 
1 27  VAL n 
1 28  PRO n 
1 29  PRO n 
1 30  HIS n 
1 31  GLU n 
1 32  ARG n 
1 33  TYR n 
1 34  GLU n 
1 35  ARG n 
1 36  LEU n 
1 37  ASP n 
1 38  ARG n 
1 39  TRP n 
1 40  ILE n 
1 41  THR n 
1 42  GLU n 
1 43  GLN n 
1 44  LEU n 
1 45  ILE n 
1 46  TYR n 
1 47  GLY n 
1 48  ASP n 
1 49  GLU n 
1 50  SER n 
1 51  LYS n 
1 52  ARG n 
1 53  ASP n 
1 54  GLU n 
1 55  TRP n 
1 56  ILE n 
1 57  ASP n 
1 58  ALA n 
1 59  LEU n 
1 60  ALA n 
1 61  GLU n 
1 62  ALA n 
1 63  ALA n 
1 64  GLY n 
1 65  ILE n 
1 66  PHE n 
1 67  LYS n 
1 68  GLU n 
1 69  ALA n 
1 70  LEU n 
1 71  GLU n 
1 72  ARG n 
1 73  ASN n 
1 74  ILE n 
1 75  THR n 
1 76  THR n 
1 77  PRO n 
1 78  GLU n 
1 79  GLU n 
1 80  PHE n 
1 81  ASN n 
1 82  ALA n 
1 83  PHE n 
1 84  LEU n 
1 85  LYS n 
1 86  GLU n 
1 87  LYS n 
1 88  GLY n 
1 89  LYS n 
1 90  ARG n 
1 91  ALA n 
1 92  VAL n 
1 93  ASP n 
1 94  LEU n 
1 95  VAL n 
1 96  ALA n 
1 97  THR n 
1 98  LEU n 
1 99  THR n 
1 100 ASN n 
1 101 ALA n 
1 102 TYR n 
1 103 ILE n 
1 104 ALA n 
1 105 VAL n 
1 106 LEU n 
1 107 GLU n 
1 108 GLY n 
1 109 ASP n 
1 110 PRO n 
1 111 GLU n 
1 112 ALA n 
1 113 ILE n 
1 114 ALA n 
1 115 ARG n 
1 116 PHE n 
1 117 LEU n 
1 118 GLY n 
1 119 ILE n 
1 120 SER n 
1 121 LEU n 
1 122 GLU n 
1 123 GLU n 
1 124 VAL n 
1 125 GLN n 
1 126 GLU n 
1 127 ILE n 
1 128 ILE n 
1 129 ASP n 
1 130 ALA n 
1 131 ALA n 
1 132 ARG n 
1 133 LYS n 
1 134 ALA n 
1 135 VAL n 
1 136 LYS n 
1 137 GLU n 
1 138 GLY n 
1 139 ARG n 
1 140 GLY n 
1 141 ALA n 
1 142 SER n 
1 143 ILE n 
1 144 GLY n 
1 145 ILE n 
1 146 TYR n 
1 147 THR n 
1 148 LYS n 
1 149 LEU n 
1 150 ARG n 
1 151 GLU n 
1 152 LEU n 
1 153 GLU n 
1 154 GLU n 
1 155 ARG n 
1 156 ARG n 
1 157 ALA n 
1 158 ALA n 
# 
_entity_src_gen.entity_id                          1 
_entity_src_gen.pdbx_src_id                        1 
_entity_src_gen.pdbx_alt_source_flag               sample 
_entity_src_gen.pdbx_seq_type                      'Biological sequence' 
_entity_src_gen.pdbx_beg_seq_num                   1 
_entity_src_gen.pdbx_end_seq_num                   158 
_entity_src_gen.gene_src_common_name               ? 
_entity_src_gen.gene_src_genus                     ? 
_entity_src_gen.pdbx_gene_src_gene                 ? 
_entity_src_gen.gene_src_species                   ? 
_entity_src_gen.gene_src_strain                    ? 
_entity_src_gen.gene_src_tissue                    ? 
_entity_src_gen.gene_src_tissue_fraction           ? 
_entity_src_gen.gene_src_details                   ? 
_entity_src_gen.pdbx_gene_src_fragment             ? 
_entity_src_gen.pdbx_gene_src_scientific_name      'synthetic construct' 
_entity_src_gen.pdbx_gene_src_ncbi_taxonomy_id     32630 
_entity_src_gen.pdbx_gene_src_variant              ? 
_entity_src_gen.pdbx_gene_src_cell_line            ? 
_entity_src_gen.pdbx_gene_src_atcc                 ? 
_entity_src_gen.pdbx_gene_src_organ                ? 
_entity_src_gen.pdbx_gene_src_organelle            ? 
_entity_src_gen.pdbx_gene_src_cell                 ? 
_entity_src_gen.pdbx_gene_src_cellular_location    ? 
_entity_src_gen.host_org_common_name               ? 
_entity_src_gen.pdbx_host_org_scientific_name      'Escherichia coli' 
_entity_src_gen.pdbx_host_org_ncbi_taxonomy_id     562 
_entity_src_gen.host_org_genus                     ? 
_entity_src_gen.pdbx_host_org_gene                 ? 
_entity_src_gen.pdbx_host_org_organ                ? 
_entity_src_gen.host_org_species                   ? 
_entity_src_gen.pdbx_host_org_tissue               ? 
_entity_src_gen.pdbx_host_org_tissue_fraction      ? 
_entity_src_gen.pdbx_host_org_strain               ? 
_entity_src_gen.pdbx_host_org_variant              ? 
_entity_src_gen.pdbx_host_org_cell_line            ? 
_entity_src_gen.pdbx_host_org_atcc                 ? 
_entity_src_gen.pdbx_host_org_culture_collection   ? 
_entity_src_gen.pdbx_host_org_cell                 ? 
_entity_src_gen.pdbx_host_org_organelle            ? 
_entity_src_gen.pdbx_host_org_cellular_location    ? 
_entity_src_gen.pdbx_host_org_vector_type          ? 
_entity_src_gen.pdbx_host_org_vector               ? 
_entity_src_gen.host_org_details                   ? 
_entity_src_gen.expression_system_id               ? 
_entity_src_gen.plasmid_name                       ? 
_entity_src_gen.plasmid_details                    ? 
_entity_src_gen.pdbx_description                   ? 
# 
loop_
_chem_comp.id 
_chem_comp.type 
_chem_comp.mon_nstd_flag 
_chem_comp.name 
_chem_comp.pdbx_synonyms 
_chem_comp.formula 
_chem_comp.formula_weight 
ALA 'L-peptide linking' y ALANINE                ? 'C3 H7 N O2'     89.093  
ARG 'L-peptide linking' y ARGININE               ? 'C6 H15 N4 O2 1' 175.209 
ASN 'L-peptide linking' y ASPARAGINE             ? 'C4 H8 N2 O3'    132.118 
ASP 'L-peptide linking' y 'ASPARTIC ACID'        ? 'C4 H7 N O4'     133.103 
GLN 'L-peptide linking' y GLUTAMINE              ? 'C5 H10 N2 O3'   146.144 
GLU 'L-peptide linking' y 'GLUTAMIC ACID'        ? 'C5 H9 N O4'     147.129 
GLY 'peptide linking'   y GLYCINE                ? 'C2 H5 N O2'     75.067  
HIS 'L-peptide linking' y HISTIDINE              ? 'C6 H10 N3 O2 1' 156.162 
HOH non-polymer         . WATER                  ? 'H2 O'           18.015  
ILE 'L-peptide linking' y ISOLEUCINE             ? 'C6 H13 N O2'    131.173 
LEU 'L-peptide linking' y LEUCINE                ? 'C6 H13 N O2'    131.173 
LYS 'L-peptide linking' y LYSINE                 ? 'C6 H15 N2 O2 1' 147.195 
MET 'L-peptide linking' y METHIONINE             ? 'C5 H11 N O2 S'  149.211 
PG4 non-polymer         . 'TETRAETHYLENE GLYCOL' ? 'C8 H18 O5'      194.226 
PHE 'L-peptide linking' y PHENYLALANINE          ? 'C9 H11 N O2'    165.189 
PRO 'L-peptide linking' y PROLINE                ? 'C5 H9 N O2'     115.130 
SER 'L-peptide linking' y SERINE                 ? 'C3 H7 N O3'     105.093 
THR 'L-peptide linking' y THREONINE              ? 'C4 H9 N O3'     119.119 
TRP 'L-peptide linking' y TRYPTOPHAN             ? 'C11 H12 N2 O2'  204.225 
TYR 'L-peptide linking' y TYROSINE               ? 'C9 H11 N O3'    181.189 
VAL 'L-peptide linking' y VALINE                 ? 'C5 H11 N O2'    117.146 
# 
loop_
_pdbx_poly_seq_scheme.asym_id 
_pdbx_poly_seq_scheme.entity_id 
_pdbx_poly_seq_scheme.seq_id 
_pdbx_poly_seq_scheme.mon_id 
_pdbx_poly_seq_scheme.ndb_seq_num 
_pdbx_poly_seq_scheme.pdb_seq_num 
_pdbx_poly_seq_scheme.auth_seq_num 
_pdbx_poly_seq_scheme.pdb_mon_id 
_pdbx_poly_seq_scheme.auth_mon_id 
_pdbx_poly_seq_scheme.pdb_strand_id 
_pdbx_poly_seq_scheme.pdb_ins_code 
_pdbx_poly_seq_scheme.hetero 
A 1 1   MET 1   1   ?   ?   ?   A . n 
A 1 2   THR 2   2   ?   ?   ?   A . n 
A 1 3   GLU 3   3   ?   ?   ?   A . n 
A 1 4   GLU 4   4   ?   ?   ?   A . n 
A 1 5   GLU 5   5   ?   ?   ?   A . n 
A 1 6   LYS 6   6   ?   ?   ?   A . n 
A 1 7   ALA 7   7   ?   ?   ?   A . n 
A 1 8   GLN 8   8   ?   ?   ?   A . n 
A 1 9   ALA 9   9   9   ALA ALA A . n 
A 1 10  VAL 10  10  10  VAL VAL A . n 
A 1 11  GLU 11  11  11  GLU GLU A . n 
A 1 12  ASP 12  12  12  ASP ASP A . n 
A 1 13  PHE 13  13  13  PHE PHE A . n 
A 1 14  HIS 14  14  14  HIS HIS A . n 
A 1 15  LYS 15  15  15  LYS LYS A . n 
A 1 16  TYR 16  16  16  TYR TYR A . n 
A 1 17  HIS 17  17  17  HIS HIS A . n 
A 1 18  THR 18  18  18  THR THR A . n 
A 1 19  ALA 19  19  19  ALA ALA A . n 
A 1 20  LEU 20  20  20  LEU LEU A . n 
A 1 21  VAL 21  21  21  VAL VAL A . n 
A 1 22  VAL 22  22  22  VAL VAL A . n 
A 1 23  ARG 23  23  23  ARG ARG A . n 
A 1 24  LEU 24  24  24  LEU LEU A . n 
A 1 25  ALA 25  25  25  ALA ALA A . n 
A 1 26  GLY 26  26  26  GLY GLY A . n 
A 1 27  VAL 27  27  27  VAL VAL A . n 
A 1 28  PRO 28  28  28  PRO PRO A . n 
A 1 29  PRO 29  29  29  PRO PRO A . n 
A 1 30  HIS 30  30  30  HIS HIS A . n 
A 1 31  GLU 31  31  31  GLU GLU A . n 
A 1 32  ARG 32  32  32  ARG ARG A . n 
A 1 33  TYR 33  33  33  TYR TYR A . n 
A 1 34  GLU 34  34  34  GLU GLU A . n 
A 1 35  ARG 35  35  35  ARG ARG A . n 
A 1 36  LEU 36  36  36  LEU LEU A . n 
A 1 37  ASP 37  37  37  ASP ASP A . n 
A 1 38  ARG 38  38  38  ARG ARG A . n 
A 1 39  TRP 39  39  39  TRP TRP A . n 
A 1 40  ILE 40  40  40  ILE ILE A . n 
A 1 41  THR 41  41  41  THR THR A . n 
A 1 42  GLU 42  42  42  GLU GLU A . n 
A 1 43  GLN 43  43  43  GLN GLN A . n 
A 1 44  LEU 44  44  44  LEU LEU A . n 
A 1 45  ILE 45  45  45  ILE ILE A . n 
A 1 46  TYR 46  46  46  TYR TYR A . n 
A 1 47  GLY 47  47  ?   ?   ?   A . n 
A 1 48  ASP 48  48  ?   ?   ?   A . n 
A 1 49  GLU 49  49  ?   ?   ?   A . n 
A 1 50  SER 50  50  ?   ?   ?   A . n 
A 1 51  LYS 51  51  ?   ?   ?   A . n 
A 1 52  ARG 52  52  52  ARG ARG A . n 
A 1 53  ASP 53  53  53  ASP ASP A . n 
A 1 54  GLU 54  54  54  GLU GLU A . n 
A 1 55  TRP 55  55  55  TRP TRP A . n 
A 1 56  ILE 56  56  56  ILE ILE A . n 
A 1 57  ASP 57  57  57  ASP ASP A . n 
A 1 58  ALA 58  58  58  ALA ALA A . n 
A 1 59  LEU 59  59  59  LEU LEU A . n 
A 1 60  ALA 60  60  60  ALA ALA A . n 
A 1 61  GLU 61  61  61  GLU GLU A . n 
A 1 62  ALA 62  62  62  ALA ALA A . n 
A 1 63  ALA 63  63  63  ALA ALA A . n 
A 1 64  GLY 64  64  64  GLY GLY A . n 
A 1 65  ILE 65  65  65  ILE ILE A . n 
A 1 66  PHE 66  66  66  PHE PHE A . n 
A 1 67  LYS 67  67  67  LYS LYS A . n 
A 1 68  GLU 68  68  68  GLU GLU A . n 
A 1 69  ALA 69  69  69  ALA ALA A . n 
A 1 70  LEU 70  70  70  LEU LEU A . n 
A 1 71  GLU 71  71  71  GLU GLU A . n 
A 1 72  ARG 72  72  72  ARG ARG A . n 
A 1 73  ASN 73  73  73  ASN ASN A . n 
A 1 74  ILE 74  74  74  ILE ILE A . n 
A 1 75  THR 75  75  75  THR THR A . n 
A 1 76  THR 76  76  76  THR THR A . n 
A 1 77  PRO 77  77  77  PRO PRO A . n 
A 1 78  GLU 78  78  78  GLU GLU A . n 
A 1 79  GLU 79  79  79  GLU GLU A . n 
A 1 80  PHE 80  80  80  PHE PHE A . n 
A 1 81  ASN 81  81  81  ASN ASN A . n 
A 1 82  ALA 82  82  82  ALA ALA A . n 
A 1 83  PHE 83  83  83  PHE PHE A . n 
A 1 84  LEU 84  84  84  LEU LEU A . n 
A 1 85  LYS 85  85  85  LYS LYS A . n 
A 1 86  GLU 86  86  86  GLU GLU A . n 
A 1 87  LYS 87  87  87  LYS LYS A . n 
A 1 88  GLY 88  88  88  GLY GLY A . n 
A 1 89  LYS 89  89  89  LYS LYS A . n 
A 1 90  ARG 90  90  90  ARG ARG A . n 
A 1 91  ALA 91  91  91  ALA ALA A . n 
A 1 92  VAL 92  92  92  VAL VAL A . n 
A 1 93  ASP 93  93  93  ASP ASP A . n 
A 1 94  LEU 94  94  94  LEU LEU A . n 
A 1 95  VAL 95  95  95  VAL VAL A . n 
A 1 96  ALA 96  96  96  ALA ALA A . n 
A 1 97  THR 97  97  97  THR THR A . n 
A 1 98  LEU 98  98  98  LEU LEU A . n 
A 1 99  THR 99  99  99  THR THR A . n 
A 1 100 ASN 100 100 100 ASN ASN A . n 
A 1 101 ALA 101 101 101 ALA ALA A . n 
A 1 102 TYR 102 102 102 TYR TYR A . n 
A 1 103 ILE 103 103 103 ILE ILE A . n 
A 1 104 ALA 104 104 104 ALA ALA A . n 
A 1 105 VAL 105 105 105 VAL VAL A . n 
A 1 106 LEU 106 106 106 LEU LEU A . n 
A 1 107 GLU 107 107 107 GLU GLU A . n 
A 1 108 GLY 108 108 108 GLY GLY A . n 
A 1 109 ASP 109 109 109 ASP ASP A . n 
A 1 110 PRO 110 110 110 PRO PRO A . n 
A 1 111 GLU 111 111 111 GLU GLU A . n 
A 1 112 ALA 112 112 112 ALA ALA A . n 
A 1 113 ILE 113 113 113 ILE ILE A . n 
A 1 114 ALA 114 114 114 ALA ALA A . n 
A 1 115 ARG 115 115 115 ARG ARG A . n 
A 1 116 PHE 116 116 116 PHE PHE A . n 
A 1 117 LEU 117 117 117 LEU LEU A . n 
A 1 118 GLY 118 118 118 GLY GLY A . n 
A 1 119 ILE 119 119 119 ILE ILE A . n 
A 1 120 SER 120 120 120 SER SER A . n 
A 1 121 LEU 121 121 121 LEU LEU A . n 
A 1 122 GLU 122 122 122 GLU GLU A . n 
A 1 123 GLU 123 123 123 GLU GLU A . n 
A 1 124 VAL 124 124 124 VAL VAL A . n 
A 1 125 GLN 125 125 125 GLN GLN A . n 
A 1 126 GLU 126 126 126 GLU GLU A . n 
A 1 127 ILE 127 127 127 ILE ILE A . n 
A 1 128 ILE 128 128 128 ILE ILE A . n 
A 1 129 ASP 129 129 129 ASP ASP A . n 
A 1 130 ALA 130 130 130 ALA ALA A . n 
A 1 131 ALA 131 131 131 ALA ALA A . n 
A 1 132 ARG 132 132 132 ARG ARG A . n 
A 1 133 LYS 133 133 133 LYS LYS A . n 
A 1 134 ALA 134 134 134 ALA ALA A . n 
A 1 135 VAL 135 135 135 VAL VAL A . n 
A 1 136 LYS 136 136 136 LYS LYS A . n 
A 1 137 GLU 137 137 137 GLU GLU A . n 
A 1 138 GLY 138 138 138 GLY GLY A . n 
A 1 139 ARG 139 139 139 ARG ARG A . n 
A 1 140 GLY 140 140 140 GLY GLY A . n 
A 1 141 ALA 141 141 141 ALA ALA A . n 
A 1 142 SER 142 142 142 SER SER A . n 
A 1 143 ILE 143 143 143 ILE ILE A . n 
A 1 144 GLY 144 144 144 GLY GLY A . n 
A 1 145 ILE 145 145 145 ILE ILE A . n 
A 1 146 TYR 146 146 146 TYR TYR A . n 
A 1 147 THR 147 147 147 THR THR A . n 
A 1 148 LYS 148 148 148 LYS LYS A . n 
A 1 149 LEU 149 149 149 LEU LEU A . n 
A 1 150 ARG 150 150 150 ARG ARG A . n 
A 1 151 GLU 151 151 151 GLU GLU A . n 
A 1 152 LEU 152 152 152 LEU LEU A . n 
A 1 153 GLU 153 153 153 GLU GLU A . n 
A 1 154 GLU 154 154 154 GLU GLU A . n 
A 1 155 ARG 155 155 ?   ?   ?   A . n 
A 1 156 ARG 156 156 ?   ?   ?   A . n 
A 1 157 ALA 157 157 ?   ?   ?   A . n 
A 1 158 ALA 158 158 ?   ?   ?   A . n 
# 
loop_
_pdbx_nonpoly_scheme.asym_id 
_pdbx_nonpoly_scheme.entity_id 
_pdbx_nonpoly_scheme.mon_id 
_pdbx_nonpoly_scheme.ndb_seq_num 
_pdbx_nonpoly_scheme.pdb_seq_num 
_pdbx_nonpoly_scheme.auth_seq_num 
_pdbx_nonpoly_scheme.pdb_mon_id 
_pdbx_nonpoly_scheme.auth_mon_id 
_pdbx_nonpoly_scheme.pdb_strand_id 
_pdbx_nonpoly_scheme.pdb_ins_code 
B 2 PG4 1  301 301 PG4 PG4 A . 
C 3 HOH 1  401 8   HOH HOH A . 
C 3 HOH 2  402 35  HOH HOH A . 
C 3 HOH 3  403 110 HOH HOH A . 
C 3 HOH 4  404 24  HOH HOH A . 
C 3 HOH 5  405 7   HOH HOH A . 
C 3 HOH 6  406 105 HOH HOH A . 
C 3 HOH 7  407 91  HOH HOH A . 
C 3 HOH 8  408 100 HOH HOH A . 
C 3 HOH 9  409 82  HOH HOH A . 
C 3 HOH 10 410 42  HOH HOH A . 
C 3 HOH 11 411 99  HOH HOH A . 
C 3 HOH 12 412 104 HOH HOH A . 
C 3 HOH 13 413 3   HOH HOH A . 
C 3 HOH 14 414 4   HOH HOH A . 
C 3 HOH 15 415 67  HOH HOH A . 
C 3 HOH 16 416 93  HOH HOH A . 
C 3 HOH 17 417 28  HOH HOH A . 
C 3 HOH 18 418 89  HOH HOH A . 
C 3 HOH 19 419 47  HOH HOH A . 
C 3 HOH 20 420 20  HOH HOH A . 
C 3 HOH 21 421 45  HOH HOH A . 
C 3 HOH 22 422 101 HOH HOH A . 
C 3 HOH 23 423 112 HOH HOH A . 
C 3 HOH 24 424 109 HOH HOH A . 
C 3 HOH 25 425 77  HOH HOH A . 
C 3 HOH 26 426 106 HOH HOH A . 
C 3 HOH 27 427 97  HOH HOH A . 
C 3 HOH 28 428 83  HOH HOH A . 
C 3 HOH 29 429 59  HOH HOH A . 
C 3 HOH 30 430 116 HOH HOH A . 
C 3 HOH 31 431 115 HOH HOH A . 
C 3 HOH 32 432 113 HOH HOH A . 
C 3 HOH 33 433 56  HOH HOH A . 
C 3 HOH 34 434 102 HOH HOH A . 
C 3 HOH 35 435 107 HOH HOH A . 
C 3 HOH 36 436 111 HOH HOH A . 
C 3 HOH 37 437 98  HOH HOH A . 
# 
loop_
_software.citation_id 
_software.classification 
_software.compiler_name 
_software.compiler_version 
_software.contact_author 
_software.contact_author_email 
_software.date 
_software.description 
_software.dependencies 
_software.hardware 
_software.language 
_software.location 
_software.mods 
_software.name 
_software.os 
_software.os_version 
_software.type 
_software.version 
_software.pdbx_ordinal 
? refinement       ? ? ? ? ? ? ? ? ? ? ? PHENIX  ? ? ? 1.21_5207 1 
? 'data reduction' ? ? ? ? ? ? ? ? ? ? ? XDS     ? ? ? .         2 
? 'data scaling'   ? ? ? ? ? ? ? ? ? ? ? Aimless ? ? ? .         3 
? phasing          ? ? ? ? ? ? ? ? ? ? ? PHENIX  ? ? ? .         4 
# 
_cell.angle_alpha                  90.000 
_cell.angle_alpha_esd              ? 
_cell.angle_beta                   97.226 
_cell.angle_beta_esd               ? 
_cell.angle_gamma                  90.000 
_cell.angle_gamma_esd              ? 
_cell.entry_id                     9MRB 
_cell.details                      ? 
_cell.formula_units_Z              ? 
_cell.length_a                     42.424 
_cell.length_a_esd                 ? 
_cell.length_b                     56.721 
_cell.length_b_esd                 ? 
_cell.length_c                     51.595 
_cell.length_c_esd                 ? 
_cell.volume                       123168.614 
_cell.volume_esd                   ? 
_cell.Z_PDB                        4 
_cell.reciprocal_angle_alpha       ? 
_cell.reciprocal_angle_beta        ? 
_cell.reciprocal_angle_gamma       ? 
_cell.reciprocal_angle_alpha_esd   ? 
_cell.reciprocal_angle_beta_esd    ? 
_cell.reciprocal_angle_gamma_esd   ? 
_cell.reciprocal_length_a          ? 
_cell.reciprocal_length_b          ? 
_cell.reciprocal_length_c          ? 
_cell.reciprocal_length_a_esd      ? 
_cell.reciprocal_length_b_esd      ? 
_cell.reciprocal_length_c_esd      ? 
_cell.pdbx_unique_axis             ? 
_cell.pdbx_esd_method              ? 
# 
_symmetry.entry_id                         9MRB 
_symmetry.cell_setting                     ? 
_symmetry.Int_Tables_number                5 
_symmetry.space_group_name_Hall            'C 2y' 
_symmetry.space_group_name_H-M             'C 1 2 1' 
_symmetry.pdbx_full_space_group_name_H-M   ? 
# 
_exptl.absorpt_coefficient_mu     ? 
_exptl.absorpt_correction_T_max   ? 
_exptl.absorpt_correction_T_min   ? 
_exptl.absorpt_correction_type    ? 
_exptl.absorpt_process_details    ? 
_exptl.entry_id                   9MRB 
_exptl.crystals_number            1 
_exptl.details                    ? 
_exptl.method                     'X-RAY DIFFRACTION' 
_exptl.method_details             ? 
# 
_exptl_crystal.colour                       ? 
_exptl_crystal.density_diffrn               ? 
_exptl_crystal.density_Matthews             1.72 
_exptl_crystal.density_method               ? 
_exptl_crystal.density_percent_sol          28.34 
_exptl_crystal.description                  ? 
_exptl_crystal.F_000                        ? 
_exptl_crystal.id                           1 
_exptl_crystal.preparation                  ? 
_exptl_crystal.size_max                     ? 
_exptl_crystal.size_mid                     ? 
_exptl_crystal.size_min                     ? 
_exptl_crystal.size_rad                     ? 
_exptl_crystal.colour_lustre                ? 
_exptl_crystal.colour_modifier              ? 
_exptl_crystal.colour_primary               ? 
_exptl_crystal.density_meas                 ? 
_exptl_crystal.density_meas_esd             ? 
_exptl_crystal.density_meas_gt              ? 
_exptl_crystal.density_meas_lt              ? 
_exptl_crystal.density_meas_temp            ? 
_exptl_crystal.density_meas_temp_esd        ? 
_exptl_crystal.density_meas_temp_gt         ? 
_exptl_crystal.density_meas_temp_lt         ? 
_exptl_crystal.pdbx_crystal_image_url       ? 
_exptl_crystal.pdbx_crystal_image_format    ? 
_exptl_crystal.pdbx_mosaicity               ? 
_exptl_crystal.pdbx_mosaicity_esd           ? 
_exptl_crystal.pdbx_mosaic_method           ? 
_exptl_crystal.pdbx_mosaic_block_size       ? 
_exptl_crystal.pdbx_mosaic_block_size_esd   ? 
# 
_exptl_crystal_grow.apparatus       ? 
_exptl_crystal_grow.atmosphere      ? 
_exptl_crystal_grow.crystal_id      1 
_exptl_crystal_grow.details         ? 
_exptl_crystal_grow.method          'VAPOR DIFFUSION, SITTING DROP' 
_exptl_crystal_grow.method_ref      ? 
_exptl_crystal_grow.pH              ? 
_exptl_crystal_grow.pressure        ? 
_exptl_crystal_grow.pressure_esd    ? 
_exptl_crystal_grow.seeding         ? 
_exptl_crystal_grow.seeding_ref     ? 
_exptl_crystal_grow.temp_details    ? 
_exptl_crystal_grow.temp_esd        ? 
_exptl_crystal_grow.time            ? 
_exptl_crystal_grow.pdbx_details    '0.1M Potassium chloride, 0.02M Tris pH7.0, 20% PEG4000' 
_exptl_crystal_grow.pdbx_pH_range   ? 
_exptl_crystal_grow.temp            293 
# 
_diffrn.ambient_environment              ? 
_diffrn.ambient_temp                     100 
_diffrn.ambient_temp_details             ? 
_diffrn.ambient_temp_esd                 ? 
_diffrn.crystal_id                       1 
_diffrn.crystal_support                  ? 
_diffrn.crystal_treatment                ? 
_diffrn.details                          ? 
_diffrn.id                               1 
_diffrn.ambient_pressure                 ? 
_diffrn.ambient_pressure_esd             ? 
_diffrn.ambient_pressure_gt              ? 
_diffrn.ambient_pressure_lt              ? 
_diffrn.ambient_temp_gt                  ? 
_diffrn.ambient_temp_lt                  ? 
_diffrn.pdbx_serial_crystal_experiment   N 
# 
_diffrn_detector.details                      ? 
_diffrn_detector.detector                     PIXEL 
_diffrn_detector.diffrn_id                    1 
_diffrn_detector.type                         'DECTRIS EIGER X 16M' 
_diffrn_detector.area_resol_mean              ? 
_diffrn_detector.dtime                        ? 
_diffrn_detector.pdbx_frames_total            ? 
_diffrn_detector.pdbx_collection_time_total   ? 
_diffrn_detector.pdbx_collection_date         2024-09-16 
_diffrn_detector.pdbx_frequency               ? 
_diffrn_detector.id                           ? 
_diffrn_detector.number_of_axes               ? 
# 
_diffrn_radiation.collimation                      ? 
_diffrn_radiation.diffrn_id                        1 
_diffrn_radiation.filter_edge                      ? 
_diffrn_radiation.inhomogeneity                    ? 
_diffrn_radiation.monochromator                    ? 
_diffrn_radiation.polarisn_norm                    ? 
_diffrn_radiation.polarisn_ratio                   ? 
_diffrn_radiation.probe                            ? 
_diffrn_radiation.type                             ? 
_diffrn_radiation.xray_symbol                      ? 
_diffrn_radiation.wavelength_id                    1 
_diffrn_radiation.pdbx_monochromatic_or_laue_m_l   M 
_diffrn_radiation.pdbx_wavelength_list             ? 
_diffrn_radiation.pdbx_wavelength                  ? 
_diffrn_radiation.pdbx_diffrn_protocol             'SINGLE WAVELENGTH' 
_diffrn_radiation.pdbx_analyzer                    ? 
_diffrn_radiation.pdbx_scattering_type             x-ray 
# 
_diffrn_radiation_wavelength.id           1 
_diffrn_radiation_wavelength.wavelength   0.97934 
_diffrn_radiation_wavelength.wt           1.0 
# 
_diffrn_source.current                     ? 
_diffrn_source.details                     ? 
_diffrn_source.diffrn_id                   1 
_diffrn_source.power                       ? 
_diffrn_source.size                        ? 
_diffrn_source.source                      SYNCHROTRON 
_diffrn_source.target                      ? 
_diffrn_source.type                        'NSLS-II BEAMLINE 17-ID-2' 
_diffrn_source.voltage                     ? 
_diffrn_source.take-off_angle              ? 
_diffrn_source.pdbx_wavelength_list        0.97934 
_diffrn_source.pdbx_wavelength             ? 
_diffrn_source.pdbx_synchrotron_beamline   17-ID-2 
_diffrn_source.pdbx_synchrotron_site       NSLS-II 
# 
_reflns.B_iso_Wilson_estimate                          28.66 
_reflns.entry_id                                       9MRB 
_reflns.data_reduction_details                         ? 
_reflns.data_reduction_method                          ? 
_reflns.d_resolution_high                              2.00 
_reflns.d_resolution_low                               51.19 
_reflns.details                                        ? 
_reflns.limit_h_max                                    ? 
_reflns.limit_h_min                                    ? 
_reflns.limit_k_max                                    ? 
_reflns.limit_k_min                                    ? 
_reflns.limit_l_max                                    ? 
_reflns.limit_l_min                                    ? 
_reflns.number_all                                     ? 
_reflns.number_obs                                     8217 
_reflns.observed_criterion                             ? 
_reflns.observed_criterion_F_max                       ? 
_reflns.observed_criterion_F_min                       ? 
_reflns.observed_criterion_I_max                       ? 
_reflns.observed_criterion_I_min                       ? 
_reflns.observed_criterion_sigma_F                     ? 
_reflns.observed_criterion_sigma_I                     ? 
_reflns.percent_possible_obs                           98.77 
_reflns.R_free_details                                 ? 
_reflns.Rmerge_F_all                                   ? 
_reflns.Rmerge_F_obs                                   ? 
_reflns.Friedel_coverage                               ? 
_reflns.number_gt                                      ? 
_reflns.threshold_expression                           ? 
_reflns.pdbx_redundancy                                4.3 
_reflns.pdbx_netI_over_av_sigmaI                       ? 
_reflns.pdbx_netI_over_sigmaI                          4.04 
_reflns.pdbx_res_netI_over_av_sigmaI_2                 ? 
_reflns.pdbx_res_netI_over_sigmaI_2                    ? 
_reflns.pdbx_chi_squared                               ? 
_reflns.pdbx_scaling_rejects                           ? 
_reflns.pdbx_d_res_high_opt                            ? 
_reflns.pdbx_d_res_low_opt                             ? 
_reflns.pdbx_d_res_opt_method                          ? 
_reflns.phase_calculation_details                      ? 
_reflns.pdbx_Rrim_I_all                                ? 
_reflns.pdbx_Rpim_I_all                                0.09992 
_reflns.pdbx_d_opt                                     ? 
_reflns.pdbx_number_measured_all                       ? 
_reflns.pdbx_diffrn_id                                 1 
_reflns.pdbx_ordinal                                   1 
_reflns.pdbx_CC_half                                   0.992 
_reflns.pdbx_CC_star                                   0.998 
_reflns.pdbx_R_split                                   ? 
_reflns.pdbx_Rmerge_I_obs                              0.1852 
_reflns.pdbx_Rmerge_I_all                              ? 
_reflns.pdbx_Rsym_value                                ? 
_reflns.pdbx_CC_split_method                           ? 
_reflns.pdbx_aniso_diffraction_limit_axis_1_ortho[1]   ? 
_reflns.pdbx_aniso_diffraction_limit_axis_1_ortho[2]   ? 
_reflns.pdbx_aniso_diffraction_limit_axis_1_ortho[3]   ? 
_reflns.pdbx_aniso_diffraction_limit_axis_2_ortho[1]   ? 
_reflns.pdbx_aniso_diffraction_limit_axis_2_ortho[2]   ? 
_reflns.pdbx_aniso_diffraction_limit_axis_2_ortho[3]   ? 
_reflns.pdbx_aniso_diffraction_limit_axis_3_ortho[1]   ? 
_reflns.pdbx_aniso_diffraction_limit_axis_3_ortho[2]   ? 
_reflns.pdbx_aniso_diffraction_limit_axis_3_ortho[3]   ? 
_reflns.pdbx_aniso_diffraction_limit_1                 ? 
_reflns.pdbx_aniso_diffraction_limit_2                 ? 
_reflns.pdbx_aniso_diffraction_limit_3                 ? 
_reflns.pdbx_aniso_B_tensor_eigenvector_1_ortho[1]     ? 
_reflns.pdbx_aniso_B_tensor_eigenvector_1_ortho[2]     ? 
_reflns.pdbx_aniso_B_tensor_eigenvector_1_ortho[3]     ? 
_reflns.pdbx_aniso_B_tensor_eigenvector_2_ortho[1]     ? 
_reflns.pdbx_aniso_B_tensor_eigenvector_2_ortho[2]     ? 
_reflns.pdbx_aniso_B_tensor_eigenvector_2_ortho[3]     ? 
_reflns.pdbx_aniso_B_tensor_eigenvector_3_ortho[1]     ? 
_reflns.pdbx_aniso_B_tensor_eigenvector_3_ortho[2]     ? 
_reflns.pdbx_aniso_B_tensor_eigenvector_3_ortho[3]     ? 
_reflns.pdbx_aniso_B_tensor_eigenvalue_1               ? 
_reflns.pdbx_aniso_B_tensor_eigenvalue_2               ? 
_reflns.pdbx_aniso_B_tensor_eigenvalue_3               ? 
_reflns.pdbx_orthogonalization_convention              ? 
_reflns.pdbx_percent_possible_ellipsoidal              ? 
_reflns.pdbx_percent_possible_spherical                ? 
_reflns.pdbx_percent_possible_ellipsoidal_anomalous    ? 
_reflns.pdbx_percent_possible_spherical_anomalous      ? 
_reflns.pdbx_redundancy_anomalous                      ? 
_reflns.pdbx_CC_half_anomalous                         ? 
_reflns.pdbx_absDiff_over_sigma_anomalous              ? 
_reflns.pdbx_percent_possible_anomalous                ? 
_reflns.pdbx_observed_signal_threshold                 ? 
_reflns.pdbx_signal_type                               ? 
_reflns.pdbx_signal_details                            ? 
_reflns.pdbx_signal_software_id                        ? 
# 
_reflns_shell.d_res_high                                    2.0 
_reflns_shell.d_res_low                                     2.13 
_reflns_shell.meanI_over_sigI_all                           ? 
_reflns_shell.meanI_over_sigI_obs                           0.92 
_reflns_shell.number_measured_all                           ? 
_reflns_shell.number_measured_obs                           ? 
_reflns_shell.number_possible                               ? 
_reflns_shell.number_unique_all                             ? 
_reflns_shell.number_unique_obs                             1357 
_reflns_shell.percent_possible_obs                          ? 
_reflns_shell.Rmerge_F_all                                  ? 
_reflns_shell.Rmerge_F_obs                                  ? 
_reflns_shell.meanI_over_sigI_gt                            ? 
_reflns_shell.meanI_over_uI_all                             ? 
_reflns_shell.meanI_over_uI_gt                              ? 
_reflns_shell.number_measured_gt                            ? 
_reflns_shell.number_unique_gt                              ? 
_reflns_shell.percent_possible_gt                           ? 
_reflns_shell.Rmerge_F_gt                                   ? 
_reflns_shell.Rmerge_I_gt                                   ? 
_reflns_shell.pdbx_redundancy                               4.4 
_reflns_shell.pdbx_chi_squared                              ? 
_reflns_shell.pdbx_netI_over_sigmaI_all                     ? 
_reflns_shell.pdbx_netI_over_sigmaI_obs                     ? 
_reflns_shell.pdbx_Rrim_I_all                               ? 
_reflns_shell.pdbx_Rpim_I_all                               0.7874 
_reflns_shell.pdbx_rejects                                  ? 
_reflns_shell.pdbx_ordinal                                  1 
_reflns_shell.pdbx_diffrn_id                                1 
_reflns_shell.pdbx_CC_half                                  0.566 
_reflns_shell.pdbx_CC_star                                  0.85 
_reflns_shell.pdbx_R_split                                  ? 
_reflns_shell.percent_possible_all                          98.62 
_reflns_shell.Rmerge_I_all                                  ? 
_reflns_shell.Rmerge_I_obs                                  1.494 
_reflns_shell.pdbx_Rsym_value                               ? 
_reflns_shell.pdbx_percent_possible_ellipsoidal             ? 
_reflns_shell.pdbx_percent_possible_spherical               ? 
_reflns_shell.pdbx_percent_possible_ellipsoidal_anomalous   ? 
_reflns_shell.pdbx_percent_possible_spherical_anomalous     ? 
_reflns_shell.pdbx_redundancy_anomalous                     ? 
_reflns_shell.pdbx_CC_half_anomalous                        ? 
_reflns_shell.pdbx_absDiff_over_sigma_anomalous             ? 
_reflns_shell.pdbx_percent_possible_anomalous               ? 
# 
_refine.aniso_B[1][1]                            ? 
_refine.aniso_B[1][2]                            ? 
_refine.aniso_B[1][3]                            ? 
_refine.aniso_B[2][2]                            ? 
_refine.aniso_B[2][3]                            ? 
_refine.aniso_B[3][3]                            ? 
_refine.B_iso_max                                ? 
_refine.B_iso_mean                               31.02 
_refine.B_iso_min                                ? 
_refine.correlation_coeff_Fo_to_Fc               ? 
_refine.correlation_coeff_Fo_to_Fc_free          ? 
_refine.details                                  ? 
_refine.diff_density_max                         ? 
_refine.diff_density_max_esd                     ? 
_refine.diff_density_min                         ? 
_refine.diff_density_min_esd                     ? 
_refine.diff_density_rms                         ? 
_refine.diff_density_rms_esd                     ? 
_refine.entry_id                                 9MRB 
_refine.pdbx_refine_id                           'X-RAY DIFFRACTION' 
_refine.ls_abs_structure_details                 ? 
_refine.ls_abs_structure_Flack                   ? 
_refine.ls_abs_structure_Flack_esd               ? 
_refine.ls_abs_structure_Rogers                  ? 
_refine.ls_abs_structure_Rogers_esd              ? 
_refine.ls_d_res_high                            2.00 
_refine.ls_d_res_low                             51.19 
_refine.ls_extinction_coef                       ? 
_refine.ls_extinction_coef_esd                   ? 
_refine.ls_extinction_expression                 ? 
_refine.ls_extinction_method                     ? 
_refine.ls_goodness_of_fit_all                   ? 
_refine.ls_goodness_of_fit_all_esd               ? 
_refine.ls_goodness_of_fit_obs                   ? 
_refine.ls_goodness_of_fit_obs_esd               ? 
_refine.ls_hydrogen_treatment                    ? 
_refine.ls_matrix_type                           ? 
_refine.ls_number_constraints                    ? 
_refine.ls_number_parameters                     ? 
_refine.ls_number_reflns_all                     ? 
_refine.ls_number_reflns_obs                     8173 
_refine.ls_number_reflns_R_free                  818 
_refine.ls_number_reflns_R_work                  7355 
_refine.ls_number_restraints                     ? 
_refine.ls_percent_reflns_obs                    98.77 
_refine.ls_percent_reflns_R_free                 10.01 
_refine.ls_R_factor_all                          ? 
_refine.ls_R_factor_obs                          0.2171 
_refine.ls_R_factor_R_free                       0.2573 
_refine.ls_R_factor_R_free_error                 ? 
_refine.ls_R_factor_R_free_error_details         ? 
_refine.ls_R_factor_R_work                       0.2127 
_refine.ls_R_Fsqd_factor_obs                     ? 
_refine.ls_R_I_factor_obs                        ? 
_refine.ls_redundancy_reflns_all                 ? 
_refine.ls_redundancy_reflns_obs                 ? 
_refine.ls_restrained_S_all                      ? 
_refine.ls_restrained_S_obs                      ? 
_refine.ls_shift_over_esd_max                    ? 
_refine.ls_shift_over_esd_mean                   ? 
_refine.ls_structure_factor_coef                 ? 
_refine.ls_weighting_details                     ? 
_refine.ls_weighting_scheme                      ? 
_refine.ls_wR_factor_all                         ? 
_refine.ls_wR_factor_obs                         ? 
_refine.ls_wR_factor_R_free                      ? 
_refine.ls_wR_factor_R_work                      ? 
_refine.occupancy_max                            ? 
_refine.occupancy_min                            ? 
_refine.solvent_model_details                    'FLAT BULK SOLVENT MODEL' 
_refine.solvent_model_param_bsol                 ? 
_refine.solvent_model_param_ksol                 ? 
_refine.pdbx_R_complete                          ? 
_refine.ls_R_factor_gt                           ? 
_refine.ls_goodness_of_fit_gt                    ? 
_refine.ls_goodness_of_fit_ref                   ? 
_refine.ls_shift_over_su_max                     ? 
_refine.ls_shift_over_su_max_lt                  ? 
_refine.ls_shift_over_su_mean                    ? 
_refine.ls_shift_over_su_mean_lt                 ? 
_refine.pdbx_ls_sigma_I                          ? 
_refine.pdbx_ls_sigma_F                          1.34 
_refine.pdbx_ls_sigma_Fsqd                       ? 
_refine.pdbx_data_cutoff_high_absF               ? 
_refine.pdbx_data_cutoff_high_rms_absF           ? 
_refine.pdbx_data_cutoff_low_absF                ? 
_refine.pdbx_isotropic_thermal_model             ? 
_refine.pdbx_ls_cross_valid_method               'FREE R-VALUE' 
_refine.pdbx_method_to_determine_struct          'MOLECULAR REPLACEMENT' 
_refine.pdbx_starting_model                      ? 
_refine.pdbx_stereochemistry_target_values       'GeoStd + Monomer Library + CDL v1.2' 
_refine.pdbx_R_Free_selection_details            ? 
_refine.pdbx_stereochem_target_val_spec_case     ? 
_refine.pdbx_overall_ESU_R                       ? 
_refine.pdbx_overall_ESU_R_Free                  ? 
_refine.pdbx_solvent_vdw_probe_radii             1.1000 
_refine.pdbx_solvent_ion_probe_radii             ? 
_refine.pdbx_solvent_shrinkage_radii             0.9000 
_refine.pdbx_real_space_R                        ? 
_refine.pdbx_density_correlation                 ? 
_refine.pdbx_pd_number_of_powder_patterns        ? 
_refine.pdbx_pd_number_of_points                 ? 
_refine.pdbx_pd_meas_number_of_points            ? 
_refine.pdbx_pd_proc_ls_prof_R_factor            ? 
_refine.pdbx_pd_proc_ls_prof_wR_factor           ? 
_refine.pdbx_pd_Marquardt_correlation_coeff      ? 
_refine.pdbx_pd_Fsqrd_R_factor                   ? 
_refine.pdbx_pd_ls_matrix_band_width             ? 
_refine.pdbx_overall_phase_error                 26.8149 
_refine.pdbx_overall_SU_R_free_Cruickshank_DPI   ? 
_refine.pdbx_overall_SU_R_free_Blow_DPI          ? 
_refine.pdbx_overall_SU_R_Blow_DPI               ? 
_refine.pdbx_TLS_residual_ADP_flag               ? 
_refine.pdbx_diffrn_id                           1 
_refine.overall_SU_B                             ? 
_refine.overall_SU_ML                            0.2112 
_refine.overall_SU_R_Cruickshank_DPI             ? 
_refine.overall_SU_R_free                        ? 
_refine.overall_FOM_free_R_set                   ? 
_refine.overall_FOM_work_R_set                   ? 
_refine.pdbx_average_fsc_overall                 ? 
_refine.pdbx_average_fsc_work                    ? 
_refine.pdbx_average_fsc_free                    ? 
# 
_refine_hist.pdbx_refine_id                   'X-RAY DIFFRACTION' 
_refine_hist.cycle_id                         LAST 
_refine_hist.details                          ? 
_refine_hist.d_res_high                       2.00 
_refine_hist.d_res_low                        51.19 
_refine_hist.number_atoms_solvent             37 
_refine_hist.number_atoms_total               1181 
_refine_hist.number_reflns_all                ? 
_refine_hist.number_reflns_obs                ? 
_refine_hist.number_reflns_R_free             ? 
_refine_hist.number_reflns_R_work             ? 
_refine_hist.R_factor_all                     ? 
_refine_hist.R_factor_obs                     ? 
_refine_hist.R_factor_R_free                  ? 
_refine_hist.R_factor_R_work                  ? 
_refine_hist.pdbx_number_residues_total       ? 
_refine_hist.pdbx_B_iso_mean_ligand           ? 
_refine_hist.pdbx_B_iso_mean_solvent          ? 
_refine_hist.pdbx_number_atoms_protein        1131 
_refine_hist.pdbx_number_atoms_nucleic_acid   0 
_refine_hist.pdbx_number_atoms_ligand         13 
_refine_hist.pdbx_number_atoms_lipid          ? 
_refine_hist.pdbx_number_atoms_carb           ? 
_refine_hist.pdbx_pseudo_atom_details         ? 
# 
loop_
_refine_ls_restr.pdbx_refine_id 
_refine_ls_restr.criterion 
_refine_ls_restr.dev_ideal 
_refine_ls_restr.dev_ideal_target 
_refine_ls_restr.number 
_refine_ls_restr.rejects 
_refine_ls_restr.type 
_refine_ls_restr.weight 
_refine_ls_restr.pdbx_restraint_function 
'X-RAY DIFFRACTION' ? 0.0018  ? 1162 ? f_bond_d           ? ? 
'X-RAY DIFFRACTION' ? 0.3959  ? 1565 ? f_angle_d          ? ? 
'X-RAY DIFFRACTION' ? 0.0342  ? 175  ? f_chiral_restr     ? ? 
'X-RAY DIFFRACTION' ? 0.0041  ? 201  ? f_plane_restr      ? ? 
'X-RAY DIFFRACTION' ? 14.3099 ? 439  ? f_dihedral_angle_d ? ? 
# 
loop_
_refine_ls_shell.pdbx_refine_id 
_refine_ls_shell.d_res_high 
_refine_ls_shell.d_res_low 
_refine_ls_shell.number_reflns_all 
_refine_ls_shell.number_reflns_obs 
_refine_ls_shell.number_reflns_R_free 
_refine_ls_shell.number_reflns_R_work 
_refine_ls_shell.percent_reflns_obs 
_refine_ls_shell.percent_reflns_R_free 
_refine_ls_shell.R_factor_all 
_refine_ls_shell.R_factor_obs 
_refine_ls_shell.R_factor_R_free_error 
_refine_ls_shell.R_factor_R_work 
_refine_ls_shell.redundancy_reflns_all 
_refine_ls_shell.redundancy_reflns_obs 
_refine_ls_shell.wR_factor_all 
_refine_ls_shell.wR_factor_obs 
_refine_ls_shell.wR_factor_R_free 
_refine_ls_shell.wR_factor_R_work 
_refine_ls_shell.pdbx_R_complete 
_refine_ls_shell.pdbx_total_number_of_bins_used 
_refine_ls_shell.pdbx_phase_error 
_refine_ls_shell.pdbx_fsc_work 
_refine_ls_shell.pdbx_fsc_free 
_refine_ls_shell.R_factor_R_free 
'X-RAY DIFFRACTION' 2.00 2.13  . . 136 1219 98.69 . . . . 0.2665 . . . . . . . . . . . 0.3125 
'X-RAY DIFFRACTION' 2.13 2.29  . . 133 1201 98.31 . . . . 0.2361 . . . . . . . . . . . 0.3178 
'X-RAY DIFFRACTION' 2.29 2.52  . . 137 1231 98.63 . . . . 0.2201 . . . . . . . . . . . 0.2798 
'X-RAY DIFFRACTION' 2.52 2.89  . . 136 1222 99.49 . . . . 0.2114 . . . . . . . . . . . 0.2511 
'X-RAY DIFFRACTION' 2.89 3.64  . . 136 1227 98.77 . . . . 0.2203 . . . . . . . . . . . 0.2410 
'X-RAY DIFFRACTION' 3.64 51.19 . . 140 1255 98.80 . . . . 0.1925 . . . . . . . . . . . 0.2389 
# 
_struct.entry_id                     9MRB 
_struct.title                        'The designed serine hydrolase known as dad_t1' 
_struct.pdbx_model_details           ? 
_struct.pdbx_formula_weight          ? 
_struct.pdbx_formula_weight_method   ? 
_struct.pdbx_model_type_details      ? 
_struct.pdbx_CASP_flag               N 
# 
_struct_keywords.entry_id        9MRB 
_struct_keywords.text            'enzyme, serine hydrolase, DE NOVO PROTEIN' 
_struct_keywords.pdbx_keywords   'DE NOVO PROTEIN' 
# 
loop_
_struct_asym.id 
_struct_asym.pdbx_blank_PDB_chainid_flag 
_struct_asym.pdbx_modified 
_struct_asym.entity_id 
_struct_asym.details 
A N N 1 ? 
B N N 2 ? 
C N N 3 ? 
# 
_struct_ref.id                         1 
_struct_ref.db_name                    PDB 
_struct_ref.db_code                    9MRB 
_struct_ref.pdbx_db_accession          9MRB 
_struct_ref.pdbx_db_isoform            ? 
_struct_ref.entity_id                  1 
_struct_ref.pdbx_seq_one_letter_code   ? 
_struct_ref.pdbx_align_begin           1 
# 
_struct_ref_seq.align_id                      1 
_struct_ref_seq.ref_id                        1 
_struct_ref_seq.pdbx_PDB_id_code              9MRB 
_struct_ref_seq.pdbx_strand_id                A 
_struct_ref_seq.seq_align_beg                 1 
_struct_ref_seq.pdbx_seq_align_beg_ins_code   ? 
_struct_ref_seq.seq_align_end                 158 
_struct_ref_seq.pdbx_seq_align_end_ins_code   ? 
_struct_ref_seq.pdbx_db_accession             9MRB 
_struct_ref_seq.db_align_beg                  1 
_struct_ref_seq.pdbx_db_align_beg_ins_code    ? 
_struct_ref_seq.db_align_end                  158 
_struct_ref_seq.pdbx_db_align_end_ins_code    ? 
_struct_ref_seq.pdbx_auth_seq_align_beg       1 
_struct_ref_seq.pdbx_auth_seq_align_end       158 
# 
_pdbx_struct_assembly.id                   1 
_pdbx_struct_assembly.details              author_and_software_defined_assembly 
_pdbx_struct_assembly.method_details       PISA 
_pdbx_struct_assembly.oligomeric_details   monomeric 
_pdbx_struct_assembly.oligomeric_count     1 
# 
_pdbx_struct_assembly_gen.assembly_id       1 
_pdbx_struct_assembly_gen.oper_expression   1 
_pdbx_struct_assembly_gen.asym_id_list      A,B,C 
# 
_pdbx_struct_assembly_auth_evidence.id                     1 
_pdbx_struct_assembly_auth_evidence.assembly_id            1 
_pdbx_struct_assembly_auth_evidence.experimental_support   'gel filtration' 
_pdbx_struct_assembly_auth_evidence.details                ? 
# 
_pdbx_struct_oper_list.id                   1 
_pdbx_struct_oper_list.type                 'identity operation' 
_pdbx_struct_oper_list.name                 1_555 
_pdbx_struct_oper_list.symmetry_operation   x,y,z 
_pdbx_struct_oper_list.matrix[1][1]         1.0000000000 
_pdbx_struct_oper_list.matrix[1][2]         0.0000000000 
_pdbx_struct_oper_list.matrix[1][3]         0.0000000000 
_pdbx_struct_oper_list.vector[1]            0.0000000000 
_pdbx_struct_oper_list.matrix[2][1]         0.0000000000 
_pdbx_struct_oper_list.matrix[2][2]         1.0000000000 
_pdbx_struct_oper_list.matrix[2][3]         0.0000000000 
_pdbx_struct_oper_list.vector[2]            0.0000000000 
_pdbx_struct_oper_list.matrix[3][1]         0.0000000000 
_pdbx_struct_oper_list.matrix[3][2]         0.0000000000 
_pdbx_struct_oper_list.matrix[3][3]         1.0000000000 
_pdbx_struct_oper_list.vector[3]            0.0000000000 
# 
loop_
_struct_conf.conf_type_id 
_struct_conf.id 
_struct_conf.pdbx_PDB_helix_id 
_struct_conf.beg_label_comp_id 
_struct_conf.beg_label_asym_id 
_struct_conf.beg_label_seq_id 
_struct_conf.pdbx_beg_PDB_ins_code 
_struct_conf.end_label_comp_id 
_struct_conf.end_label_asym_id 
_struct_conf.end_label_seq_id 
_struct_conf.pdbx_end_PDB_ins_code 
_struct_conf.beg_auth_comp_id 
_struct_conf.beg_auth_asym_id 
_struct_conf.beg_auth_seq_id 
_struct_conf.end_auth_comp_id 
_struct_conf.end_auth_asym_id 
_struct_conf.end_auth_seq_id 
_struct_conf.pdbx_PDB_helix_class 
_struct_conf.details 
_struct_conf.pdbx_PDB_helix_length 
HELX_P HELX_P1 AA1 ALA A 9   ? GLY A 26  ? ALA A 9   GLY A 26  1 ? 18 
HELX_P HELX_P2 AA2 HIS A 30  ? TYR A 46  ? HIS A 30  TYR A 46  1 ? 17 
HELX_P HELX_P3 AA3 ASP A 53  ? GLU A 71  ? ASP A 53  GLU A 71  1 ? 19 
HELX_P HELX_P4 AA4 THR A 76  ? GLY A 88  ? THR A 76  GLY A 88  1 ? 13 
HELX_P HELX_P5 AA5 GLY A 88  ? ASP A 109 ? GLY A 88  ASP A 109 1 ? 22 
HELX_P HELX_P6 AA6 ASP A 109 ? GLY A 118 ? ASP A 109 GLY A 118 1 ? 10 
HELX_P HELX_P7 AA7 SER A 120 ? GLU A 137 ? SER A 120 GLU A 137 1 ? 18 
HELX_P HELX_P8 AA8 GLY A 140 ? GLU A 154 ? GLY A 140 GLU A 154 1 ? 15 
# 
_struct_conf_type.id          HELX_P 
_struct_conf_type.criteria    ? 
_struct_conf_type.reference   ? 
# 
_pdbx_entry_details.entry_id                   9MRB 
_pdbx_entry_details.nonpolymer_details         ? 
_pdbx_entry_details.sequence_details           ? 
_pdbx_entry_details.compound_details           ? 
_pdbx_entry_details.source_details             ? 
_pdbx_entry_details.has_ligand_of_interest     N 
_pdbx_entry_details.has_protein_modification   N 
# 
_pdbx_struct_special_symmetry.id              1 
_pdbx_struct_special_symmetry.PDB_model_num   1 
_pdbx_struct_special_symmetry.auth_asym_id    A 
_pdbx_struct_special_symmetry.auth_comp_id    HOH 
_pdbx_struct_special_symmetry.auth_seq_id     423 
_pdbx_struct_special_symmetry.PDB_ins_code    ? 
_pdbx_struct_special_symmetry.label_asym_id   C 
_pdbx_struct_special_symmetry.label_comp_id   HOH 
_pdbx_struct_special_symmetry.label_seq_id    . 
# 
loop_
_space_group_symop.id 
_space_group_symop.operation_xyz 
1 x,y,z           
2 -x,y,-z         
3 x+1/2,y+1/2,z   
4 -x+1/2,y+1/2,-z 
# 
loop_
_pdbx_unobs_or_zero_occ_residues.id 
_pdbx_unobs_or_zero_occ_residues.PDB_model_num 
_pdbx_unobs_or_zero_occ_residues.polymer_flag 
_pdbx_unobs_or_zero_occ_residues.occupancy_flag 
_pdbx_unobs_or_zero_occ_residues.auth_asym_id 
_pdbx_unobs_or_zero_occ_residues.auth_comp_id 
_pdbx_unobs_or_zero_occ_residues.auth_seq_id 
_pdbx_unobs_or_zero_occ_residues.PDB_ins_code 
_pdbx_unobs_or_zero_occ_residues.label_asym_id 
_pdbx_unobs_or_zero_occ_residues.label_comp_id 
_pdbx_unobs_or_zero_occ_residues.label_seq_id 
1  1 Y 1 A MET 1   ? A MET 1   
2  1 Y 1 A THR 2   ? A THR 2   
3  1 Y 1 A GLU 3   ? A GLU 3   
4  1 Y 1 A GLU 4   ? A GLU 4   
5  1 Y 1 A GLU 5   ? A GLU 5   
6  1 Y 1 A LYS 6   ? A LYS 6   
7  1 Y 1 A ALA 7   ? A ALA 7   
8  1 Y 1 A GLN 8   ? A GLN 8   
9  1 Y 1 A GLY 47  ? A GLY 47  
10 1 Y 1 A ASP 48  ? A ASP 48  
11 1 Y 1 A GLU 49  ? A GLU 49  
12 1 Y 1 A SER 50  ? A SER 50  
13 1 Y 1 A LYS 51  ? A LYS 51  
14 1 Y 1 A ARG 155 ? A ARG 155 
15 1 Y 1 A ARG 156 ? A ARG 156 
16 1 Y 1 A ALA 157 ? A ALA 157 
17 1 Y 1 A ALA 158 ? A ALA 158 
# 
loop_
_chem_comp_atom.comp_id 
_chem_comp_atom.atom_id 
_chem_comp_atom.type_symbol 
_chem_comp_atom.pdbx_aromatic_flag 
_chem_comp_atom.pdbx_stereo_config 
_chem_comp_atom.pdbx_ordinal 
ALA N    N N N 1   
ALA CA   C N S 2   
ALA C    C N N 3   
ALA O    O N N 4   
ALA CB   C N N 5   
ALA OXT  O N N 6   
ALA H    H N N 7   
ALA H2   H N N 8   
ALA HA   H N N 9   
ALA HB1  H N N 10  
ALA HB2  H N N 11  
ALA HB3  H N N 12  
ALA HXT  H N N 13  
ARG N    N N N 14  
ARG CA   C N S 15  
ARG C    C N N 16  
ARG O    O N N 17  
ARG CB   C N N 18  
ARG CG   C N N 19  
ARG CD   C N N 20  
ARG NE   N N N 21  
ARG CZ   C N N 22  
ARG NH1  N N N 23  
ARG NH2  N N N 24  
ARG OXT  O N N 25  
ARG H    H N N 26  
ARG H2   H N N 27  
ARG HA   H N N 28  
ARG HB2  H N N 29  
ARG HB3  H N N 30  
ARG HG2  H N N 31  
ARG HG3  H N N 32  
ARG HD2  H N N 33  
ARG HD3  H N N 34  
ARG HE   H N N 35  
ARG HH11 H N N 36  
ARG HH12 H N N 37  
ARG HH21 H N N 38  
ARG HH22 H N N 39  
ARG HXT  H N N 40  
ASN N    N N N 41  
ASN CA   C N S 42  
ASN C    C N N 43  
ASN O    O N N 44  
ASN CB   C N N 45  
ASN CG   C N N 46  
ASN OD1  O N N 47  
ASN ND2  N N N 48  
ASN OXT  O N N 49  
ASN H    H N N 50  
ASN H2   H N N 51  
ASN HA   H N N 52  
ASN HB2  H N N 53  
ASN HB3  H N N 54  
ASN HD21 H N N 55  
ASN HD22 H N N 56  
ASN HXT  H N N 57  
ASP N    N N N 58  
ASP CA   C N S 59  
ASP C    C N N 60  
ASP O    O N N 61  
ASP CB   C N N 62  
ASP CG   C N N 63  
ASP OD1  O N N 64  
ASP OD2  O N N 65  
ASP OXT  O N N 66  
ASP H    H N N 67  
ASP H2   H N N 68  
ASP HA   H N N 69  
ASP HB2  H N N 70  
ASP HB3  H N N 71  
ASP HD2  H N N 72  
ASP HXT  H N N 73  
GLN N    N N N 74  
GLN CA   C N S 75  
GLN C    C N N 76  
GLN O    O N N 77  
GLN CB   C N N 78  
GLN CG   C N N 79  
GLN CD   C N N 80  
GLN OE1  O N N 81  
GLN NE2  N N N 82  
GLN OXT  O N N 83  
GLN H    H N N 84  
GLN H2   H N N 85  
GLN HA   H N N 86  
GLN HB2  H N N 87  
GLN HB3  H N N 88  
GLN HG2  H N N 89  
GLN HG3  H N N 90  
GLN HE21 H N N 91  
GLN HE22 H N N 92  
GLN HXT  H N N 93  
GLU N    N N N 94  
GLU CA   C N S 95  
GLU C    C N N 96  
GLU O    O N N 97  
GLU CB   C N N 98  
GLU CG   C N N 99  
GLU CD   C N N 100 
GLU OE1  O N N 101 
GLU OE2  O N N 102 
GLU OXT  O N N 103 
GLU H    H N N 104 
GLU H2   H N N 105 
GLU HA   H N N 106 
GLU HB2  H N N 107 
GLU HB3  H N N 108 
GLU HG2  H N N 109 
GLU HG3  H N N 110 
GLU HE2  H N N 111 
GLU HXT  H N N 112 
GLY N    N N N 113 
GLY CA   C N N 114 
GLY C    C N N 115 
GLY O    O N N 116 
GLY OXT  O N N 117 
GLY H    H N N 118 
GLY H2   H N N 119 
GLY HA2  H N N 120 
GLY HA3  H N N 121 
GLY HXT  H N N 122 
HIS N    N N N 123 
HIS CA   C N S 124 
HIS C    C N N 125 
HIS O    O N N 126 
HIS CB   C N N 127 
HIS CG   C Y N 128 
HIS ND1  N Y N 129 
HIS CD2  C Y N 130 
HIS CE1  C Y N 131 
HIS NE2  N Y N 132 
HIS OXT  O N N 133 
HIS H    H N N 134 
HIS H2   H N N 135 
HIS HA   H N N 136 
HIS HB2  H N N 137 
HIS HB3  H N N 138 
HIS HD1  H N N 139 
HIS HD2  H N N 140 
HIS HE1  H N N 141 
HIS HE2  H N N 142 
HIS HXT  H N N 143 
HOH O    O N N 144 
HOH H1   H N N 145 
HOH H2   H N N 146 
ILE N    N N N 147 
ILE CA   C N S 148 
ILE C    C N N 149 
ILE O    O N N 150 
ILE CB   C N S 151 
ILE CG1  C N N 152 
ILE CG2  C N N 153 
ILE CD1  C N N 154 
ILE OXT  O N N 155 
ILE H    H N N 156 
ILE H2   H N N 157 
ILE HA   H N N 158 
ILE HB   H N N 159 
ILE HG12 H N N 160 
ILE HG13 H N N 161 
ILE HG21 H N N 162 
ILE HG22 H N N 163 
ILE HG23 H N N 164 
ILE HD11 H N N 165 
ILE HD12 H N N 166 
ILE HD13 H N N 167 
ILE HXT  H N N 168 
LEU N    N N N 169 
LEU CA   C N S 170 
LEU C    C N N 171 
LEU O    O N N 172 
LEU CB   C N N 173 
LEU CG   C N N 174 
LEU CD1  C N N 175 
LEU CD2  C N N 176 
LEU OXT  O N N 177 
LEU H    H N N 178 
LEU H2   H N N 179 
LEU HA   H N N 180 
LEU HB2  H N N 181 
LEU HB3  H N N 182 
LEU HG   H N N 183 
LEU HD11 H N N 184 
LEU HD12 H N N 185 
LEU HD13 H N N 186 
LEU HD21 H N N 187 
LEU HD22 H N N 188 
LEU HD23 H N N 189 
LEU HXT  H N N 190 
LYS N    N N N 191 
LYS CA   C N S 192 
LYS C    C N N 193 
LYS O    O N N 194 
LYS CB   C N N 195 
LYS CG   C N N 196 
LYS CD   C N N 197 
LYS CE   C N N 198 
LYS NZ   N N N 199 
LYS OXT  O N N 200 
LYS H    H N N 201 
LYS H2   H N N 202 
LYS HA   H N N 203 
LYS HB2  H N N 204 
LYS HB3  H N N 205 
LYS HG2  H N N 206 
LYS HG3  H N N 207 
LYS HD2  H N N 208 
LYS HD3  H N N 209 
LYS HE2  H N N 210 
LYS HE3  H N N 211 
LYS HZ1  H N N 212 
LYS HZ2  H N N 213 
LYS HZ3  H N N 214 
LYS HXT  H N N 215 
MET N    N N N 216 
MET CA   C N S 217 
MET C    C N N 218 
MET O    O N N 219 
MET CB   C N N 220 
MET CG   C N N 221 
MET SD   S N N 222 
MET CE   C N N 223 
MET OXT  O N N 224 
MET H    H N N 225 
MET H2   H N N 226 
MET HA   H N N 227 
MET HB2  H N N 228 
MET HB3  H N N 229 
MET HG2  H N N 230 
MET HG3  H N N 231 
MET HE1  H N N 232 
MET HE2  H N N 233 
MET HE3  H N N 234 
MET HXT  H N N 235 
PG4 O1   O N N 236 
PG4 C1   C N N 237 
PG4 C2   C N N 238 
PG4 O2   O N N 239 
PG4 C3   C N N 240 
PG4 C4   C N N 241 
PG4 O3   O N N 242 
PG4 C5   C N N 243 
PG4 C6   C N N 244 
PG4 O4   O N N 245 
PG4 C7   C N N 246 
PG4 C8   C N N 247 
PG4 O5   O N N 248 
PG4 HO1  H N N 249 
PG4 H11  H N N 250 
PG4 H12  H N N 251 
PG4 H21  H N N 252 
PG4 H22  H N N 253 
PG4 H31  H N N 254 
PG4 H32  H N N 255 
PG4 H41  H N N 256 
PG4 H42  H N N 257 
PG4 H51  H N N 258 
PG4 H52  H N N 259 
PG4 H61  H N N 260 
PG4 H62  H N N 261 
PG4 H71  H N N 262 
PG4 H72  H N N 263 
PG4 H81  H N N 264 
PG4 H82  H N N 265 
PG4 HO5  H N N 266 
PHE N    N N N 267 
PHE CA   C N S 268 
PHE C    C N N 269 
PHE O    O N N 270 
PHE CB   C N N 271 
PHE CG   C Y N 272 
PHE CD1  C Y N 273 
PHE CD2  C Y N 274 
PHE CE1  C Y N 275 
PHE CE2  C Y N 276 
PHE CZ   C Y N 277 
PHE OXT  O N N 278 
PHE H    H N N 279 
PHE H2   H N N 280 
PHE HA   H N N 281 
PHE HB2  H N N 282 
PHE HB3  H N N 283 
PHE HD1  H N N 284 
PHE HD2  H N N 285 
PHE HE1  H N N 286 
PHE HE2  H N N 287 
PHE HZ   H N N 288 
PHE HXT  H N N 289 
PRO N    N N N 290 
PRO CA   C N S 291 
PRO C    C N N 292 
PRO O    O N N 293 
PRO CB   C N N 294 
PRO CG   C N N 295 
PRO CD   C N N 296 
PRO OXT  O N N 297 
PRO H    H N N 298 
PRO HA   H N N 299 
PRO HB2  H N N 300 
PRO HB3  H N N 301 
PRO HG2  H N N 302 
PRO HG3  H N N 303 
PRO HD2  H N N 304 
PRO HD3  H N N 305 
PRO HXT  H N N 306 
SER N    N N N 307 
SER CA   C N S 308 
SER C    C N N 309 
SER O    O N N 310 
SER CB   C N N 311 
SER OG   O N N 312 
SER OXT  O N N 313 
SER H    H N N 314 
SER H2   H N N 315 
SER HA   H N N 316 
SER HB2  H N N 317 
SER HB3  H N N 318 
SER HG   H N N 319 
SER HXT  H N N 320 
THR N    N N N 321 
THR CA   C N S 322 
THR C    C N N 323 
THR O    O N N 324 
THR CB   C N R 325 
THR OG1  O N N 326 
THR CG2  C N N 327 
THR OXT  O N N 328 
THR H    H N N 329 
THR H2   H N N 330 
THR HA   H N N 331 
THR HB   H N N 332 
THR HG1  H N N 333 
THR HG21 H N N 334 
THR HG22 H N N 335 
THR HG23 H N N 336 
THR HXT  H N N 337 
TRP N    N N N 338 
TRP CA   C N S 339 
TRP C    C N N 340 
TRP O    O N N 341 
TRP CB   C N N 342 
TRP CG   C Y N 343 
TRP CD1  C Y N 344 
TRP CD2  C Y N 345 
TRP NE1  N Y N 346 
TRP CE2  C Y N 347 
TRP CE3  C Y N 348 
TRP CZ2  C Y N 349 
TRP CZ3  C Y N 350 
TRP CH2  C Y N 351 
TRP OXT  O N N 352 
TRP H    H N N 353 
TRP H2   H N N 354 
TRP HA   H N N 355 
TRP HB2  H N N 356 
TRP HB3  H N N 357 
TRP HD1  H N N 358 
TRP HE1  H N N 359 
TRP HE3  H N N 360 
TRP HZ2  H N N 361 
TRP HZ3  H N N 362 
TRP HH2  H N N 363 
TRP HXT  H N N 364 
TYR N    N N N 365 
TYR CA   C N S 366 
TYR C    C N N 367 
TYR O    O N N 368 
TYR CB   C N N 369 
TYR CG   C Y N 370 
TYR CD1  C Y N 371 
TYR CD2  C Y N 372 
TYR CE1  C Y N 373 
TYR CE2  C Y N 374 
TYR CZ   C Y N 375 
TYR OH   O N N 376 
TYR OXT  O N N 377 
TYR H    H N N 378 
TYR H2   H N N 379 
TYR HA   H N N 380 
TYR HB2  H N N 381 
TYR HB3  H N N 382 
TYR HD1  H N N 383 
TYR HD2  H N N 384 
TYR HE1  H N N 385 
TYR HE2  H N N 386 
TYR HH   H N N 387 
TYR HXT  H N N 388 
VAL N    N N N 389 
VAL CA   C N S 390 
VAL C    C N N 391 
VAL O    O N N 392 
VAL CB   C N N 393 
VAL CG1  C N N 394 
VAL CG2  C N N 395 
VAL OXT  O N N 396 
VAL H    H N N 397 
VAL H2   H N N 398 
VAL HA   H N N 399 
VAL HB   H N N 400 
VAL HG11 H N N 401 
VAL HG12 H N N 402 
VAL HG13 H N N 403 
VAL HG21 H N N 404 
VAL HG22 H N N 405 
VAL HG23 H N N 406 
VAL HXT  H N N 407 
# 
loop_
_chem_comp_bond.comp_id 
_chem_comp_bond.atom_id_1 
_chem_comp_bond.atom_id_2 
_chem_comp_bond.value_order 
_chem_comp_bond.pdbx_aromatic_flag 
_chem_comp_bond.pdbx_stereo_config 
_chem_comp_bond.pdbx_ordinal 
ALA N   CA   sing N N 1   
ALA N   H    sing N N 2   
ALA N   H2   sing N N 3   
ALA CA  C    sing N N 4   
ALA CA  CB   sing N N 5   
ALA CA  HA   sing N N 6   
ALA C   O    doub N N 7   
ALA C   OXT  sing N N 8   
ALA CB  HB1  sing N N 9   
ALA CB  HB2  sing N N 10  
ALA CB  HB3  sing N N 11  
ALA OXT HXT  sing N N 12  
ARG N   CA   sing N N 13  
ARG N   H    sing N N 14  
ARG N   H2   sing N N 15  
ARG CA  C    sing N N 16  
ARG CA  CB   sing N N 17  
ARG CA  HA   sing N N 18  
ARG C   O    doub N N 19  
ARG C   OXT  sing N N 20  
ARG CB  CG   sing N N 21  
ARG CB  HB2  sing N N 22  
ARG CB  HB3  sing N N 23  
ARG CG  CD   sing N N 24  
ARG CG  HG2  sing N N 25  
ARG CG  HG3  sing N N 26  
ARG CD  NE   sing N N 27  
ARG CD  HD2  sing N N 28  
ARG CD  HD3  sing N N 29  
ARG NE  CZ   sing N N 30  
ARG NE  HE   sing N N 31  
ARG CZ  NH1  sing N N 32  
ARG CZ  NH2  doub N N 33  
ARG NH1 HH11 sing N N 34  
ARG NH1 HH12 sing N N 35  
ARG NH2 HH21 sing N N 36  
ARG NH2 HH22 sing N N 37  
ARG OXT HXT  sing N N 38  
ASN N   CA   sing N N 39  
ASN N   H    sing N N 40  
ASN N   H2   sing N N 41  
ASN CA  C    sing N N 42  
ASN CA  CB   sing N N 43  
ASN CA  HA   sing N N 44  
ASN C   O    doub N N 45  
ASN C   OXT  sing N N 46  
ASN CB  CG   sing N N 47  
ASN CB  HB2  sing N N 48  
ASN CB  HB3  sing N N 49  
ASN CG  OD1  doub N N 50  
ASN CG  ND2  sing N N 51  
ASN ND2 HD21 sing N N 52  
ASN ND2 HD22 sing N N 53  
ASN OXT HXT  sing N N 54  
ASP N   CA   sing N N 55  
ASP N   H    sing N N 56  
ASP N   H2   sing N N 57  
ASP CA  C    sing N N 58  
ASP CA  CB   sing N N 59  
ASP CA  HA   sing N N 60  
ASP C   O    doub N N 61  
ASP C   OXT  sing N N 62  
ASP CB  CG   sing N N 63  
ASP CB  HB2  sing N N 64  
ASP CB  HB3  sing N N 65  
ASP CG  OD1  doub N N 66  
ASP CG  OD2  sing N N 67  
ASP OD2 HD2  sing N N 68  
ASP OXT HXT  sing N N 69  
GLN N   CA   sing N N 70  
GLN N   H    sing N N 71  
GLN N   H2   sing N N 72  
GLN CA  C    sing N N 73  
GLN CA  CB   sing N N 74  
GLN CA  HA   sing N N 75  
GLN C   O    doub N N 76  
GLN C   OXT  sing N N 77  
GLN CB  CG   sing N N 78  
GLN CB  HB2  sing N N 79  
GLN CB  HB3  sing N N 80  
GLN CG  CD   sing N N 81  
GLN CG  HG2  sing N N 82  
GLN CG  HG3  sing N N 83  
GLN CD  OE1  doub N N 84  
GLN CD  NE2  sing N N 85  
GLN NE2 HE21 sing N N 86  
GLN NE2 HE22 sing N N 87  
GLN OXT HXT  sing N N 88  
GLU N   CA   sing N N 89  
GLU N   H    sing N N 90  
GLU N   H2   sing N N 91  
GLU CA  C    sing N N 92  
GLU CA  CB   sing N N 93  
GLU CA  HA   sing N N 94  
GLU C   O    doub N N 95  
GLU C   OXT  sing N N 96  
GLU CB  CG   sing N N 97  
GLU CB  HB2  sing N N 98  
GLU CB  HB3  sing N N 99  
GLU CG  CD   sing N N 100 
GLU CG  HG2  sing N N 101 
GLU CG  HG3  sing N N 102 
GLU CD  OE1  doub N N 103 
GLU CD  OE2  sing N N 104 
GLU OE2 HE2  sing N N 105 
GLU OXT HXT  sing N N 106 
GLY N   CA   sing N N 107 
GLY N   H    sing N N 108 
GLY N   H2   sing N N 109 
GLY CA  C    sing N N 110 
GLY CA  HA2  sing N N 111 
GLY CA  HA3  sing N N 112 
GLY C   O    doub N N 113 
GLY C   OXT  sing N N 114 
GLY OXT HXT  sing N N 115 
HIS N   CA   sing N N 116 
HIS N   H    sing N N 117 
HIS N   H2   sing N N 118 
HIS CA  C    sing N N 119 
HIS CA  CB   sing N N 120 
HIS CA  HA   sing N N 121 
HIS C   O    doub N N 122 
HIS C   OXT  sing N N 123 
HIS CB  CG   sing N N 124 
HIS CB  HB2  sing N N 125 
HIS CB  HB3  sing N N 126 
HIS CG  ND1  sing Y N 127 
HIS CG  CD2  doub Y N 128 
HIS ND1 CE1  doub Y N 129 
HIS ND1 HD1  sing N N 130 
HIS CD2 NE2  sing Y N 131 
HIS CD2 HD2  sing N N 132 
HIS CE1 NE2  sing Y N 133 
HIS CE1 HE1  sing N N 134 
HIS NE2 HE2  sing N N 135 
HIS OXT HXT  sing N N 136 
HOH O   H1   sing N N 137 
HOH O   H2   sing N N 138 
ILE N   CA   sing N N 139 
ILE N   H    sing N N 140 
ILE N   H2   sing N N 141 
ILE CA  C    sing N N 142 
ILE CA  CB   sing N N 143 
ILE CA  HA   sing N N 144 
ILE C   O    doub N N 145 
ILE C   OXT  sing N N 146 
ILE CB  CG1  sing N N 147 
ILE CB  CG2  sing N N 148 
ILE CB  HB   sing N N 149 
ILE CG1 CD1  sing N N 150 
ILE CG1 HG12 sing N N 151 
ILE CG1 HG13 sing N N 152 
ILE CG2 HG21 sing N N 153 
ILE CG2 HG22 sing N N 154 
ILE CG2 HG23 sing N N 155 
ILE CD1 HD11 sing N N 156 
ILE CD1 HD12 sing N N 157 
ILE CD1 HD13 sing N N 158 
ILE OXT HXT  sing N N 159 
LEU N   CA   sing N N 160 
LEU N   H    sing N N 161 
LEU N   H2   sing N N 162 
LEU CA  C    sing N N 163 
LEU CA  CB   sing N N 164 
LEU CA  HA   sing N N 165 
LEU C   O    doub N N 166 
LEU C   OXT  sing N N 167 
LEU CB  CG   sing N N 168 
LEU CB  HB2  sing N N 169 
LEU CB  HB3  sing N N 170 
LEU CG  CD1  sing N N 171 
LEU CG  CD2  sing N N 172 
LEU CG  HG   sing N N 173 
LEU CD1 HD11 sing N N 174 
LEU CD1 HD12 sing N N 175 
LEU CD1 HD13 sing N N 176 
LEU CD2 HD21 sing N N 177 
LEU CD2 HD22 sing N N 178 
LEU CD2 HD23 sing N N 179 
LEU OXT HXT  sing N N 180 
LYS N   CA   sing N N 181 
LYS N   H    sing N N 182 
LYS N   H2   sing N N 183 
LYS CA  C    sing N N 184 
LYS CA  CB   sing N N 185 
LYS CA  HA   sing N N 186 
LYS C   O    doub N N 187 
LYS C   OXT  sing N N 188 
LYS CB  CG   sing N N 189 
LYS CB  HB2  sing N N 190 
LYS CB  HB3  sing N N 191 
LYS CG  CD   sing N N 192 
LYS CG  HG2  sing N N 193 
LYS CG  HG3  sing N N 194 
LYS CD  CE   sing N N 195 
LYS CD  HD2  sing N N 196 
LYS CD  HD3  sing N N 197 
LYS CE  NZ   sing N N 198 
LYS CE  HE2  sing N N 199 
LYS CE  HE3  sing N N 200 
LYS NZ  HZ1  sing N N 201 
LYS NZ  HZ2  sing N N 202 
LYS NZ  HZ3  sing N N 203 
LYS OXT HXT  sing N N 204 
MET N   CA   sing N N 205 
MET N   H    sing N N 206 
MET N   H2   sing N N 207 
MET CA  C    sing N N 208 
MET CA  CB   sing N N 209 
MET CA  HA   sing N N 210 
MET C   O    doub N N 211 
MET C   OXT  sing N N 212 
MET CB  CG   sing N N 213 
MET CB  HB2  sing N N 214 
MET CB  HB3  sing N N 215 
MET CG  SD   sing N N 216 
MET CG  HG2  sing N N 217 
MET CG  HG3  sing N N 218 
MET SD  CE   sing N N 219 
MET CE  HE1  sing N N 220 
MET CE  HE2  sing N N 221 
MET CE  HE3  sing N N 222 
MET OXT HXT  sing N N 223 
PG4 O1  C1   sing N N 224 
PG4 O1  HO1  sing N N 225 
PG4 C1  C2   sing N N 226 
PG4 C1  H11  sing N N 227 
PG4 C1  H12  sing N N 228 
PG4 C2  O2   sing N N 229 
PG4 C2  H21  sing N N 230 
PG4 C2  H22  sing N N 231 
PG4 O2  C3   sing N N 232 
PG4 C3  C4   sing N N 233 
PG4 C3  H31  sing N N 234 
PG4 C3  H32  sing N N 235 
PG4 C4  O3   sing N N 236 
PG4 C4  H41  sing N N 237 
PG4 C4  H42  sing N N 238 
PG4 O3  C5   sing N N 239 
PG4 C5  C6   sing N N 240 
PG4 C5  H51  sing N N 241 
PG4 C5  H52  sing N N 242 
PG4 C6  O4   sing N N 243 
PG4 C6  H61  sing N N 244 
PG4 C6  H62  sing N N 245 
PG4 O4  C7   sing N N 246 
PG4 C7  C8   sing N N 247 
PG4 C7  H71  sing N N 248 
PG4 C7  H72  sing N N 249 
PG4 C8  O5   sing N N 250 
PG4 C8  H81  sing N N 251 
PG4 C8  H82  sing N N 252 
PG4 O5  HO5  sing N N 253 
PHE N   CA   sing N N 254 
PHE N   H    sing N N 255 
PHE N   H2   sing N N 256 
PHE CA  C    sing N N 257 
PHE CA  CB   sing N N 258 
PHE CA  HA   sing N N 259 
PHE C   O    doub N N 260 
PHE C   OXT  sing N N 261 
PHE CB  CG   sing N N 262 
PHE CB  HB2  sing N N 263 
PHE CB  HB3  sing N N 264 
PHE CG  CD1  doub Y N 265 
PHE CG  CD2  sing Y N 266 
PHE CD1 CE1  sing Y N 267 
PHE CD1 HD1  sing N N 268 
PHE CD2 CE2  doub Y N 269 
PHE CD2 HD2  sing N N 270 
PHE CE1 CZ   doub Y N 271 
PHE CE1 HE1  sing N N 272 
PHE CE2 CZ   sing Y N 273 
PHE CE2 HE2  sing N N 274 
PHE CZ  HZ   sing N N 275 
PHE OXT HXT  sing N N 276 
PRO N   CA   sing N N 277 
PRO N   CD   sing N N 278 
PRO N   H    sing N N 279 
PRO CA  C    sing N N 280 
PRO CA  CB   sing N N 281 
PRO CA  HA   sing N N 282 
PRO C   O    doub N N 283 
PRO C   OXT  sing N N 284 
PRO CB  CG   sing N N 285 
PRO CB  HB2  sing N N 286 
PRO CB  HB3  sing N N 287 
PRO CG  CD   sing N N 288 
PRO CG  HG2  sing N N 289 
PRO CG  HG3  sing N N 290 
PRO CD  HD2  sing N N 291 
PRO CD  HD3  sing N N 292 
PRO OXT HXT  sing N N 293 
SER N   CA   sing N N 294 
SER N   H    sing N N 295 
SER N   H2   sing N N 296 
SER CA  C    sing N N 297 
SER CA  CB   sing N N 298 
SER CA  HA   sing N N 299 
SER C   O    doub N N 300 
SER C   OXT  sing N N 301 
SER CB  OG   sing N N 302 
SER CB  HB2  sing N N 303 
SER CB  HB3  sing N N 304 
SER OG  HG   sing N N 305 
SER OXT HXT  sing N N 306 
THR N   CA   sing N N 307 
THR N   H    sing N N 308 
THR N   H2   sing N N 309 
THR CA  C    sing N N 310 
THR CA  CB   sing N N 311 
THR CA  HA   sing N N 312 
THR C   O    doub N N 313 
THR C   OXT  sing N N 314 
THR CB  OG1  sing N N 315 
THR CB  CG2  sing N N 316 
THR CB  HB   sing N N 317 
THR OG1 HG1  sing N N 318 
THR CG2 HG21 sing N N 319 
THR CG2 HG22 sing N N 320 
THR CG2 HG23 sing N N 321 
THR OXT HXT  sing N N 322 
TRP N   CA   sing N N 323 
TRP N   H    sing N N 324 
TRP N   H2   sing N N 325 
TRP CA  C    sing N N 326 
TRP CA  CB   sing N N 327 
TRP CA  HA   sing N N 328 
TRP C   O    doub N N 329 
TRP C   OXT  sing N N 330 
TRP CB  CG   sing N N 331 
TRP CB  HB2  sing N N 332 
TRP CB  HB3  sing N N 333 
TRP CG  CD1  doub Y N 334 
TRP CG  CD2  sing Y N 335 
TRP CD1 NE1  sing Y N 336 
TRP CD1 HD1  sing N N 337 
TRP CD2 CE2  doub Y N 338 
TRP CD2 CE3  sing Y N 339 
TRP NE1 CE2  sing Y N 340 
TRP NE1 HE1  sing N N 341 
TRP CE2 CZ2  sing Y N 342 
TRP CE3 CZ3  doub Y N 343 
TRP CE3 HE3  sing N N 344 
TRP CZ2 CH2  doub Y N 345 
TRP CZ2 HZ2  sing N N 346 
TRP CZ3 CH2  sing Y N 347 
TRP CZ3 HZ3  sing N N 348 
TRP CH2 HH2  sing N N 349 
TRP OXT HXT  sing N N 350 
TYR N   CA   sing N N 351 
TYR N   H    sing N N 352 
TYR N   H2   sing N N 353 
TYR CA  C    sing N N 354 
TYR CA  CB   sing N N 355 
TYR CA  HA   sing N N 356 
TYR C   O    doub N N 357 
TYR C   OXT  sing N N 358 
TYR CB  CG   sing N N 359 
TYR CB  HB2  sing N N 360 
TYR CB  HB3  sing N N 361 
TYR CG  CD1  doub Y N 362 
TYR CG  CD2  sing Y N 363 
TYR CD1 CE1  sing Y N 364 
TYR CD1 HD1  sing N N 365 
TYR CD2 CE2  doub Y N 366 
TYR CD2 HD2  sing N N 367 
TYR CE1 CZ   doub Y N 368 
TYR CE1 HE1  sing N N 369 
TYR CE2 CZ   sing Y N 370 
TYR CE2 HE2  sing N N 371 
TYR CZ  OH   sing N N 372 
TYR OH  HH   sing N N 373 
TYR OXT HXT  sing N N 374 
VAL N   CA   sing N N 375 
VAL N   H    sing N N 376 
VAL N   H2   sing N N 377 
VAL CA  C    sing N N 378 
VAL CA  CB   sing N N 379 
VAL CA  HA   sing N N 380 
VAL C   O    doub N N 381 
VAL C   OXT  sing N N 382 
VAL CB  CG1  sing N N 383 
VAL CB  CG2  sing N N 384 
VAL CB  HB   sing N N 385 
VAL CG1 HG11 sing N N 386 
VAL CG1 HG12 sing N N 387 
VAL CG1 HG13 sing N N 388 
VAL CG2 HG21 sing N N 389 
VAL CG2 HG22 sing N N 390 
VAL CG2 HG23 sing N N 391 
VAL OXT HXT  sing N N 392 
# 
loop_
_pdbx_audit_support.funding_organization 
_pdbx_audit_support.country 
_pdbx_audit_support.grant_number 
_pdbx_audit_support.ordinal 
'Howard Hughes Medical Institute (HHMI)'                                                   'United States' ? 1 
'Other private'                                                                            ?               ? 2 
'National Institutes of Health/National Institute of General Medical Sciences (NIH/NIGMS)' 'United States' ? 3 
'Defense Advanced Research Projects Agency (DARPA)'                                        'United States' ? 4 
'Defense Threat Reduction Agency (DTRA)'                                                   'United States' ? 5 
# 
_pdbx_initial_refinement_model.id               1 
_pdbx_initial_refinement_model.entity_id_list   ? 
_pdbx_initial_refinement_model.type             'in silico model' 
_pdbx_initial_refinement_model.source_name      AlphaFold 
_pdbx_initial_refinement_model.accession_code   ? 
_pdbx_initial_refinement_model.details          ? 
# 
_space_group.name_H-M_alt     'C 1 2 1' 
_space_group.name_Hall        'C 2y' 
_space_group.IT_number        5 
_space_group.crystal_system   monoclinic 
_space_group.id               1 
# 
_atom_sites.entry_id                    9MRB 
_atom_sites.Cartn_transf_matrix[1][1]   ? 
_atom_sites.Cartn_transf_matrix[1][2]   ? 
_atom_sites.Cartn_transf_matrix[1][3]   ? 
_atom_sites.Cartn_transf_matrix[2][1]   ? 
_atom_sites.Cartn_transf_matrix[2][2]   ? 
_atom_sites.Cartn_transf_matrix[2][3]   ? 
_atom_sites.Cartn_transf_matrix[3][1]   ? 
_atom_sites.Cartn_transf_matrix[3][2]   ? 
_atom_sites.Cartn_transf_matrix[3][3]   ? 
_atom_sites.Cartn_transf_vector[1]      ? 
_atom_sites.Cartn_transf_vector[2]      ? 
_atom_sites.Cartn_transf_vector[3]      ? 
_atom_sites.Cartn_transform_axes        ? 
_atom_sites.fract_transf_matrix[1][1]   -0.01468332 
_atom_sites.fract_transf_matrix[1][2]   0.01315896 
_atom_sites.fract_transf_matrix[1][3]   0.01325952 
_atom_sites.fract_transf_matrix[2][1]   0.01228246 
_atom_sites.fract_transf_matrix[2][2]   0.01259978 
_atom_sites.fract_transf_matrix[2][3]   0.00109712 
_atom_sites.fract_transf_matrix[3][1]   -0.00858066 
_atom_sites.fract_transf_matrix[3][2]   0.00964164 
_atom_sites.fract_transf_matrix[3][3]   -0.01466647 
_atom_sites.fract_transf_vector[1]      0.183334 
_atom_sites.fract_transf_vector[2]      0.055997 
_atom_sites.fract_transf_vector[3]      0.255157 
_atom_sites.solution_primary            ? 
_atom_sites.solution_secondary          ? 
_atom_sites.solution_hydrogens          ? 
_atom_sites.special_details             ? 
# 
loop_
_atom_type.symbol 
_atom_type.scat_dispersion_real 
_atom_type.scat_dispersion_imag 
_atom_type.scat_Cromer_Mann_a1 
_atom_type.scat_Cromer_Mann_a2 
_atom_type.scat_Cromer_Mann_a3 
_atom_type.scat_Cromer_Mann_a4 
_atom_type.scat_Cromer_Mann_b1 
_atom_type.scat_Cromer_Mann_b2 
_atom_type.scat_Cromer_Mann_b3 
_atom_type.scat_Cromer_Mann_b4 
_atom_type.scat_Cromer_Mann_c 
_atom_type.scat_source 
_atom_type.scat_dispersion_source 
C ? ? 3.54356 2.42580 ? ? 25.62398 1.50364 ? ? 0.0 
;2-Gaussian fit: Grosse-Kunstleve RW, Sauter NK, Adams PD: Newsletter of the IUCr Commission on Crystallographic Computing 2004, 3, 22-31.
;
? 
N ? ? 4.01032 2.96436 ? ? 19.97189 1.75589 ? ? 0.0 
;2-Gaussian fit: Grosse-Kunstleve RW, Sauter NK, Adams PD: Newsletter of the IUCr Commission on Crystallographic Computing 2004, 3, 22-31.
;
? 
O ? ? 4.49882 3.47563 ? ? 15.80542 1.70748 ? ? 0.0 
;2-Gaussian fit: Grosse-Kunstleve RW, Sauter NK, Adams PD: Newsletter of the IUCr Commission on Crystallographic Computing 2004, 3, 22-31.
;
? 
# 
loop_
_atom_site.group_PDB 
_atom_site.id 
_atom_site.type_symbol 
_atom_site.label_atom_id 
_atom_site.label_alt_id 
_atom_site.label_comp_id 
_atom_site.label_asym_id 
_atom_site.label_entity_id 
_atom_site.label_seq_id 
_atom_site.pdbx_PDB_ins_code 
_atom_site.Cartn_x 
_atom_site.Cartn_y 
_atom_site.Cartn_z 
_atom_site.occupancy 
_atom_site.B_iso_or_equiv 
_atom_site.pdbx_formal_charge 
_atom_site.auth_seq_id 
_atom_site.auth_comp_id 
_atom_site.auth_asym_id 
_atom_site.auth_atom_id 
_atom_site.pdbx_PDB_model_num 
ATOM   1    N N   . ALA A 1 9   ? 0.89265   -17.07405 -1.95552  1.000 36.87549 ? 9   ALA A N   1 
ATOM   2    C CA  . ALA A 1 9   ? 1.55445   -15.82643 -2.32045  1.000 41.12533 ? 9   ALA A CA  1 
ATOM   3    C C   . ALA A 1 9   ? 0.57012   -14.66255 -2.28888  1.000 42.71844 ? 9   ALA A C   1 
ATOM   4    O O   . ALA A 1 9   ? 0.92944   -13.54572 -1.91144  1.000 40.23684 ? 9   ALA A O   1 
ATOM   5    C CB  . ALA A 1 9   ? 2.19407   -15.94273 -3.69425  1.000 43.27440 ? 9   ALA A CB  1 
ATOM   6    N N   . VAL A 1 10  ? -0.67222  -14.92982 -2.69818  1.000 39.41556 ? 10  VAL A N   1 
ATOM   7    C CA  . VAL A 1 10  ? -1.71517  -13.90967 -2.62557  1.000 40.79450 ? 10  VAL A CA  1 
ATOM   8    C C   . VAL A 1 10  ? -1.95279  -13.51176 -1.17661  1.000 43.44771 ? 10  VAL A C   1 
ATOM   9    O O   . VAL A 1 10  ? -2.00327  -12.32394 -0.83511  1.000 41.12023 ? 10  VAL A O   1 
ATOM   10   C CB  . VAL A 1 10  ? -3.00900  -14.41391 -3.28841  1.000 40.39128 ? 10  VAL A CB  1 
ATOM   11   C CG1 . VAL A 1 10  ? -4.16408  -13.46762 -2.99227  1.000 46.20319 ? 10  VAL A CG1 1 
ATOM   12   C CG2 . VAL A 1 10  ? -2.80522  -14.57345 -4.78199  1.000 43.33653 ? 10  VAL A CG2 1 
ATOM   13   N N   . GLU A 1 11  ? -2.10741  -14.51013 -0.30515  1.000 47.15990 ? 11  GLU A N   1 
ATOM   14   C CA  . GLU A 1 11  ? -2.23636  -14.25422 1.12408   1.000 40.87898 ? 11  GLU A CA  1 
ATOM   15   C C   . GLU A 1 11  ? -0.98635  -13.58783 1.68471   1.000 41.05874 ? 11  GLU A C   1 
ATOM   16   O O   . GLU A 1 11  ? -1.08231  -12.74274 2.58280   1.000 40.23157 ? 11  GLU A O   1 
ATOM   17   C CB  . GLU A 1 11  ? -2.52758  -15.57118 1.84870   1.000 41.79675 ? 11  GLU A CB  1 
ATOM   18   C CG  . GLU A 1 11  ? -2.17601  -15.59500 3.32843   1.000 45.30066 ? 11  GLU A CG  1 
ATOM   19   C CD  . GLU A 1 11  ? -3.20113  -14.88557 4.18275   1.000 49.98073 ? 11  GLU A CD  1 
ATOM   20   O OE1 . GLU A 1 11  ? -4.32978  -14.66349 3.69428   1.000 57.34336 ? 11  GLU A OE1 1 
ATOM   21   O OE2 . GLU A 1 11  ? -2.88086  -14.54754 5.34454   1.000 52.02281 ? 11  GLU A OE2 1 
ATOM   22   N N   . ASP A 1 12  ? 0.18980   -13.93870 1.16023   1.000 36.10511 ? 12  ASP A N   1 
ATOM   23   C CA  . ASP A 1 12  ? 1.44660   -13.38280 1.64425   1.000 36.09043 ? 12  ASP A CA  1 
ATOM   24   C C   . ASP A 1 12  ? 1.70870   -11.96466 1.16037   1.000 34.26413 ? 12  ASP A C   1 
ATOM   25   O O   . ASP A 1 12  ? 2.61565   -11.31246 1.69125   1.000 31.68082 ? 12  ASP A O   1 
ATOM   26   C CB  . ASP A 1 12  ? 2.61674   -14.27404 1.22231   1.000 35.65025 ? 12  ASP A CB  1 
ATOM   27   C CG  . ASP A 1 12  ? 2.70276   -15.54665 2.03511   1.000 35.96257 ? 12  ASP A CG  1 
ATOM   28   O OD1 . ASP A 1 12  ? 1.92296   -15.69037 2.99896   1.000 32.69288 ? 12  ASP A OD1 1 
ATOM   29   O OD2 . ASP A 1 12  ? 3.55047   -16.40325 1.70735   1.000 36.64101 ? 12  ASP A OD2 1 
ATOM   30   N N   . PHE A 1 13  ? 0.95470   -11.47395 0.17373   1.000 31.39187 ? 13  PHE A N   1 
ATOM   31   C CA  . PHE A 1 13  ? 1.24370   -10.15431 -0.37999  1.000 30.95937 ? 13  PHE A CA  1 
ATOM   32   C C   . PHE A 1 13  ? 1.12082   -9.07053  0.68144   1.000 28.51607 ? 13  PHE A C   1 
ATOM   33   O O   . PHE A 1 13  ? 2.01086   -8.22655  0.82211   1.000 28.21069 ? 13  PHE A O   1 
ATOM   34   C CB  . PHE A 1 13  ? 0.32319   -9.84408  -1.55970  1.000 30.72419 ? 13  PHE A CB  1 
ATOM   35   C CG  . PHE A 1 13  ? 0.38452   -8.40473  -2.00010  1.000 28.80771 ? 13  PHE A CG  1 
ATOM   36   C CD1 . PHE A 1 13  ? 1.43360   -7.94879  -2.78303  1.000 23.17778 ? 13  PHE A CD1 1 
ATOM   37   C CD2 . PHE A 1 13  ? -0.59586  -7.50369  -1.61346  1.000 24.92621 ? 13  PHE A CD2 1 
ATOM   38   C CE1 . PHE A 1 13  ? 1.49998   -6.62452  -3.17948  1.000 27.17490 ? 13  PHE A CE1 1 
ATOM   39   C CE2 . PHE A 1 13  ? -0.53440  -6.17788  -2.00468  1.000 28.57942 ? 13  PHE A CE2 1 
ATOM   40   C CZ  . PHE A 1 13  ? 0.51418   -5.73794  -2.79118  1.000 25.87993 ? 13  PHE A CZ  1 
ATOM   41   N N   . HIS A 1 14  ? 0.02143   -9.07360  1.43851   1.000 27.95987 ? 14  HIS A N   1 
ATOM   42   C CA  . HIS A 1 14  ? -0.18908  -8.01024  2.41391   1.000 29.44982 ? 14  HIS A CA  1 
ATOM   43   C C   . HIS A 1 14  ? 0.77250   -8.10583  3.59348   1.000 28.83897 ? 14  HIS A C   1 
ATOM   44   O O   . HIS A 1 14  ? 1.00984   -7.09568  4.26388   1.000 28.58872 ? 14  HIS A O   1 
ATOM   45   C CB  . HIS A 1 14  ? -1.64135  -8.01418  2.90531   1.000 31.36850 ? 14  HIS A CB  1 
ATOM   46   C CG  . HIS A 1 14  ? -1.92383  -9.03299  3.96469   1.000 28.65734 ? 14  HIS A CG  1 
ATOM   47   N ND1 . HIS A 1 14  ? -2.21686  -10.34805 3.67523   1.000 34.11708 ? 14  HIS A ND1 1 
ATOM   48   C CD2 . HIS A 1 14  ? -1.96508  -8.92692  5.31337   1.000 35.38543 ? 14  HIS A CD2 1 
ATOM   49   C CE1 . HIS A 1 14  ? -2.42083  -11.00981 4.80084   1.000 41.64300 ? 14  HIS A CE1 1 
ATOM   50   N NE2 . HIS A 1 14  ? -2.27406  -10.17026 5.80906   1.000 41.18761 ? 14  HIS A NE2 1 
ATOM   51   N N   . LYS A 1 15  ? 1.33811   -9.28472  3.85828   1.000 30.57541 ? 15  LYS A N   1 
ATOM   52   C CA  . LYS A 1 15  ? 2.36143   -9.39163  4.89438   1.000 27.44760 ? 15  LYS A CA  1 
ATOM   53   C C   . LYS A 1 15  ? 3.65127   -8.70544  4.46030   1.000 24.91485 ? 15  LYS A C   1 
ATOM   54   O O   . LYS A 1 15  ? 4.21939   -7.89968  5.20511   1.000 22.03882 ? 15  LYS A O   1 
ATOM   55   C CB  . LYS A 1 15  ? 2.62570   -10.85938 5.22951   1.000 33.79772 ? 15  LYS A CB  1 
ATOM   56   C CG  . LYS A 1 15  ? 1.41032   -11.62435 5.71876   1.000 34.50369 ? 15  LYS A CG  1 
ATOM   57   C CD  . LYS A 1 15  ? 1.72407   -13.10973 5.81488   1.000 35.96159 ? 15  LYS A CD  1 
ATOM   58   C CE  . LYS A 1 15  ? 0.46766   -13.92775 6.05481   1.000 43.75437 ? 15  LYS A CE  1 
ATOM   59   N NZ  . LYS A 1 15  ? 0.70682   -15.37504 5.79334   1.000 36.59301 ? 15  LYS A NZ  1 
ATOM   60   N N   . TYR A 1 16  ? 4.12812   -9.01326  3.25164   1.000 23.90197 ? 16  TYR A N   1 
ATOM   61   C CA  . TYR A 1 16  ? 5.36178   -8.40703  2.75791   1.000 24.14857 ? 16  TYR A CA  1 
ATOM   62   C C   . TYR A 1 16  ? 5.15888   -6.93897  2.40705   1.000 23.49666 ? 16  TYR A C   1 
ATOM   63   O O   . TYR A 1 16  ? 6.02297   -6.10181  2.69164   1.000 20.30050 ? 16  TYR A O   1 
ATOM   64   C CB  . TYR A 1 16  ? 5.86819   -9.17510  1.53844   1.000 21.37819 ? 16  TYR A CB  1 
ATOM   65   C CG  . TYR A 1 16  ? 6.35455   -10.57011 1.84607   1.000 26.30872 ? 16  TYR A CG  1 
ATOM   66   C CD1 . TYR A 1 16  ? 7.22865   -10.80303 2.89862   1.000 29.35906 ? 16  TYR A CD1 1 
ATOM   67   C CD2 . TYR A 1 16  ? 5.93762   -11.65620 1.08562   1.000 27.23787 ? 16  TYR A CD2 1 
ATOM   68   C CE1 . TYR A 1 16  ? 7.67840   -12.07654 3.18499   1.000 32.30862 ? 16  TYR A CE1 1 
ATOM   69   C CE2 . TYR A 1 16  ? 6.38017   -12.93467 1.36495   1.000 31.27878 ? 16  TYR A CE2 1 
ATOM   70   C CZ  . TYR A 1 16  ? 7.25127   -13.13940 2.41647   1.000 31.99230 ? 16  TYR A CZ  1 
ATOM   71   O OH  . TYR A 1 16  ? 7.70066   -14.40830 2.70209   1.000 32.04185 ? 16  TYR A OH  1 
ATOM   72   N N   . HIS A 1 17  ? 4.02911   -6.61522  1.77560   1.000 20.43026 ? 17  HIS A N   1 
ATOM   73   C CA  . HIS A 1 17  ? 3.75881   -5.24025  1.36835   1.000 27.33162 ? 17  HIS A CA  1 
ATOM   74   C C   . HIS A 1 17  ? 3.67939   -4.31377  2.57669   1.000 22.91889 ? 17  HIS A C   1 
ATOM   75   O O   . HIS A 1 17  ? 4.34376   -3.27319  2.61631   1.000 21.58188 ? 17  HIS A O   1 
ATOM   76   C CB  . HIS A 1 17  ? 2.46814   -5.19096  0.54803   1.000 24.92175 ? 17  HIS A CB  1 
ATOM   77   C CG  . HIS A 1 17  ? 2.00456   -3.80559  0.22473   1.000 25.69477 ? 17  HIS A CG  1 
ATOM   78   N ND1 . HIS A 1 17  ? 0.93184   -3.21798  0.85764   1.000 21.43350 ? 17  HIS A ND1 1 
ATOM   79   C CD2 . HIS A 1 17  ? 2.46446   -2.89347  -0.66358  1.000 23.67033 ? 17  HIS A CD2 1 
ATOM   80   C CE1 . HIS A 1 17  ? 0.75040   -2.00137  0.37422   1.000 27.61314 ? 17  HIS A CE1 1 
ATOM   81   N NE2 . HIS A 1 17  ? 1.66586   -1.78063  -0.55043  1.000 23.59973 ? 17  HIS A NE2 1 
ATOM   82   N N   . THR A 1 18  ? 2.88147   -4.68421  3.58325   1.000 22.15300 ? 18  THR A N   1 
ATOM   83   C CA  . THR A 1 18  ? 2.76100   -3.84648  4.77592   1.000 25.53418 ? 18  THR A CA  1 
ATOM   84   C C   . THR A 1 18  ? 4.09406   -3.71607  5.50042   1.000 23.88095 ? 18  THR A C   1 
ATOM   85   O O   . THR A 1 18  ? 4.44064   -2.63249  5.98467   1.000 18.92075 ? 18  THR A O   1 
ATOM   86   C CB  . THR A 1 18  ? 1.70748   -4.41225  5.72902   1.000 28.86539 ? 18  THR A CB  1 
ATOM   87   O OG1 . THR A 1 18  ? 0.41361   -4.31321  5.12845   1.000 28.88792 ? 18  THR A OG1 1 
ATOM   88   C CG2 . THR A 1 18  ? 1.70434   -3.64077  7.04394   1.000 26.16089 ? 18  THR A CG2 1 
ATOM   89   N N   . ALA A 1 19  ? 4.85092   -4.81167  5.59220   1.000 23.34994 ? 19  ALA A N   1 
ATOM   90   C CA  . ALA A 1 19  ? 6.11455   -4.77190  6.31904   1.000 20.80277 ? 19  ALA A CA  1 
ATOM   91   C C   . ALA A 1 19  ? 7.09137   -3.79600  5.67643   1.000 22.45941 ? 19  ALA A C   1 
ATOM   92   O O   . ALA A 1 19  ? 7.79237   -3.05725  6.37803   1.000 20.54875 ? 19  ALA A O   1 
ATOM   93   C CB  . ALA A 1 19  ? 6.72352   -6.17110  6.39500   1.000 18.40218 ? 19  ALA A CB  1 
ATOM   94   N N   . LEU A 1 20  ? 7.15626   -3.77661  4.34177   1.000 17.92463 ? 20  LEU A N   1 
ATOM   95   C CA  . LEU A 1 20  ? 8.04508   -2.83302  3.67346   1.000 19.47017 ? 20  LEU A CA  1 
ATOM   96   C C   . LEU A 1 20  ? 7.53989   -1.40329  3.82060   1.000 19.23384 ? 20  LEU A C   1 
ATOM   97   O O   . LEU A 1 20  ? 8.32529   -0.48848  4.09437   1.000 16.57479 ? 20  LEU A O   1 
ATOM   98   C CB  . LEU A 1 20  ? 8.19867   -3.19272  2.19622   1.000 22.19799 ? 20  LEU A CB  1 
ATOM   99   C CG  . LEU A 1 20  ? 9.25009   -2.34386  1.47041   1.000 21.64119 ? 20  LEU A CG  1 
ATOM   100  C CD1 . LEU A 1 20  ? 10.66115  -2.73034  1.90671   1.000 23.16406 ? 20  LEU A CD1 1 
ATOM   101  C CD2 . LEU A 1 20  ? 9.09925   -2.45600  -0.03631  1.000 21.52963 ? 20  LEU A CD2 1 
ATOM   102  N N   . VAL A 1 21  ? 6.23399   -1.19299  3.65188   1.000 16.05341 ? 21  VAL A N   1 
ATOM   103  C CA  . VAL A 1 21  ? 5.68216   0.15782   3.73313   1.000 20.29269 ? 21  VAL A CA  1 
ATOM   104  C C   . VAL A 1 21  ? 5.87539   0.73930   5.12795   1.000 18.93338 ? 21  VAL A C   1 
ATOM   105  O O   . VAL A 1 21  ? 6.18324   1.92724   5.28121   1.000 21.16855 ? 21  VAL A O   1 
ATOM   106  C CB  . VAL A 1 21  ? 4.20020   0.16089   3.31938   1.000 19.68953 ? 21  VAL A CB  1 
ATOM   107  C CG1 . VAL A 1 21  ? 3.61998   1.55879   3.46685   1.000 17.33315 ? 21  VAL A CG1 1 
ATOM   108  C CG2 . VAL A 1 21  ? 4.05462   -0.30577  1.88823   1.000 21.09073 ? 21  VAL A CG2 1 
ATOM   109  N N   . VAL A 1 22  ? 5.69769   -0.08182  6.16673   1.000 18.71803 ? 22  VAL A N   1 
ATOM   110  C CA  . VAL A 1 22  ? 5.92146   0.39139   7.53113   1.000 21.48138 ? 22  VAL A CA  1 
ATOM   111  C C   . VAL A 1 22  ? 7.39113   0.74275   7.74016   1.000 23.73782 ? 22  VAL A C   1 
ATOM   112  O O   . VAL A 1 22  ? 7.71889   1.74999   8.37973   1.000 21.93044 ? 22  VAL A O   1 
ATOM   113  C CB  . VAL A 1 22  ? 5.43183   -0.65458  8.55397   1.000 24.10626 ? 22  VAL A CB  1 
ATOM   114  C CG1 . VAL A 1 22  ? 5.90548   -0.29958  9.95689   1.000 20.32251 ? 22  VAL A CG1 1 
ATOM   115  C CG2 . VAL A 1 22  ? 3.90891   -0.76409  8.52577   1.000 20.10785 ? 22  VAL A CG2 1 
ATOM   116  N N   . ARG A 1 23  ? 8.29984   -0.07493  7.19848   1.000 21.89290 ? 23  ARG A N   1 
ATOM   117  C CA  . ARG A 1 23  ? 9.72404   0.23120   7.31114   1.000 23.12311 ? 23  ARG A CA  1 
ATOM   118  C C   . ARG A 1 23  ? 10.06552  1.54309   6.61239   1.000 23.33843 ? 23  ARG A C   1 
ATOM   119  O O   . ARG A 1 23  ? 10.81305  2.37124   7.14839   1.000 23.33154 ? 23  ARG A O   1 
ATOM   120  C CB  . ARG A 1 23  ? 10.56458  -0.91340  6.73963   1.000 17.93947 ? 23  ARG A CB  1 
ATOM   121  C CG  . ARG A 1 23  ? 12.01479  -0.50557  6.46966   1.000 29.09503 ? 23  ARG A CG  1 
ATOM   122  C CD  . ARG A 1 23  ? 12.97232  -1.68665  6.37319   1.000 29.12181 ? 23  ARG A CD  1 
ATOM   123  N NE  . ARG A 1 23  ? 12.84953  -2.46476  5.14625   1.000 34.82077 ? 23  ARG A NE  1 
ATOM   124  C CZ  . ARG A 1 23  ? 13.87711  -3.00325  4.50276   1.000 34.89556 ? 23  ARG A CZ  1 
ATOM   125  N NH1 . ARG A 1 23  ? 15.12097  -2.82309  4.91518   1.000 33.19428 ? 23  ARG A NH1 1 
ATOM   126  N NH2 . ARG A 1 23  ? 13.65149  -3.74574  3.42333   1.000 29.77857 ? 23  ARG A NH2 1 
ATOM   127  N N   . LEU A 1 24  ? 9.52417   1.75162   5.40908   1.000 18.29339 ? 24  LEU A N   1 
ATOM   128  C CA  . LEU A 1 24  ? 9.85423   2.94512   4.63918   1.000 20.78892 ? 24  LEU A CA  1 
ATOM   129  C C   . LEU A 1 24  ? 9.11865   4.17752   5.14839   1.000 24.75393 ? 24  LEU A C   1 
ATOM   130  O O   . LEU A 1 24  ? 9.62188   5.29756   5.00283   1.000 22.48546 ? 24  LEU A O   1 
ATOM   131  C CB  . LEU A 1 24  ? 9.54302   2.71977   3.15853   1.000 21.79158 ? 24  LEU A CB  1 
ATOM   132  C CG  . LEU A 1 24  ? 10.18330  1.49258   2.49936   1.000 27.41469 ? 24  LEU A CG  1 
ATOM   133  C CD1 . LEU A 1 24  ? 9.88872   1.45613   1.00928   1.000 20.78304 ? 24  LEU A CD1 1 
ATOM   134  C CD2 . LEU A 1 24  ? 11.68414  1.43192   2.75232   1.000 26.84676 ? 24  LEU A CD2 1 
ATOM   135  N N   . ALA A 1 25  ? 7.93608   4.00138   5.73911   1.000 20.00244 ? 25  ALA A N   1 
ATOM   136  C CA  . ALA A 1 25  ? 7.23006   5.12453   6.33638   1.000 23.43582 ? 25  ALA A CA  1 
ATOM   137  C C   . ALA A 1 25  ? 7.78687   5.49400   7.70281   1.000 27.17950 ? 25  ALA A C   1 
ATOM   138  O O   . ALA A 1 25  ? 7.58079   6.62504   8.15663   1.000 29.33122 ? 25  ALA A O   1 
ATOM   139  C CB  . ALA A 1 25  ? 5.73513   4.81557   6.45373   1.000 24.60003 ? 25  ALA A CB  1 
ATOM   140  N N   . GLY A 1 26  ? 8.48674   4.57257   8.36071   1.000 25.79313 ? 26  GLY A N   1 
ATOM   141  C CA  . GLY A 1 26  ? 9.06446   4.84656   9.65747   1.000 26.87131 ? 26  GLY A CA  1 
ATOM   142  C C   . GLY A 1 26  ? 8.07945   4.89295   10.79975  1.000 29.95249 ? 26  GLY A C   1 
ATOM   143  O O   . GLY A 1 26  ? 8.45238   5.30812   11.90018  1.000 34.20278 ? 26  GLY A O   1 
ATOM   144  N N   . VAL A 1 27  ? 6.83374   4.48404   10.57638  1.000 28.07849 ? 27  VAL A N   1 
ATOM   145  C CA  . VAL A 1 27  ? 5.82658   4.46561   11.63439  1.000 29.18742 ? 27  VAL A CA  1 
ATOM   146  C C   . VAL A 1 27  ? 6.06253   3.24015   12.50903  1.000 29.92393 ? 27  VAL A C   1 
ATOM   147  O O   . VAL A 1 27  ? 6.58598   2.22664   12.02139  1.000 33.66413 ? 27  VAL A O   1 
ATOM   148  C CB  . VAL A 1 27  ? 4.40178   4.47492   11.05542  1.000 32.87044 ? 27  VAL A CB  1 
ATOM   149  C CG1 . VAL A 1 27  ? 4.13677   5.78217   10.32214  1.000 29.84946 ? 27  VAL A CG1 1 
ATOM   150  C CG2 . VAL A 1 27  ? 4.18992   3.28750   10.12702  1.000 26.38213 ? 27  VAL A CG2 1 
ATOM   151  N N   . PRO A 1 28  ? 5.71832   3.28762   13.79264  1.000 32.51146 ? 28  PRO A N   1 
ATOM   152  C CA  . PRO A 1 28  ? 5.85666   2.10208   14.64273  1.000 32.12886 ? 28  PRO A CA  1 
ATOM   153  C C   . PRO A 1 28  ? 5.03349   0.94957   14.09892  1.000 31.00131 ? 28  PRO A C   1 
ATOM   154  O O   . PRO A 1 28  ? 3.94844   1.16065   13.53775  1.000 25.72648 ? 28  PRO A O   1 
ATOM   155  C CB  . PRO A 1 28  ? 5.31827   2.57574   16.00175  1.000 31.20742 ? 28  PRO A CB  1 
ATOM   156  C CG  . PRO A 1 28  ? 5.49464   4.05241   15.98214  1.000 27.72354 ? 28  PRO A CG  1 
ATOM   157  C CD  . PRO A 1 28  ? 5.27524   4.46744   14.55572  1.000 27.57221 ? 28  PRO A CD  1 
ATOM   158  N N   . PRO A 1 29  ? 5.52683   -0.28083  14.22163  1.000 31.50287 ? 29  PRO A N   1 
ATOM   159  C CA  . PRO A 1 29  ? 4.72470   -1.43545  13.80400  1.000 34.94206 ? 29  PRO A CA  1 
ATOM   160  C C   . PRO A 1 29  ? 3.46618   -1.55685  14.64832  1.000 29.44671 ? 29  PRO A C   1 
ATOM   161  O O   . PRO A 1 29  ? 3.48767   -1.35490  15.86481  1.000 38.06494 ? 29  PRO A O   1 
ATOM   162  C CB  . PRO A 1 29  ? 5.66932   -2.62265  14.01878  1.000 33.83341 ? 29  PRO A CB  1 
ATOM   163  C CG  . PRO A 1 29  ? 6.69205   -2.13036  14.99354  1.000 36.34080 ? 29  PRO A CG  1 
ATOM   164  C CD  . PRO A 1 29  ? 6.86245   -0.67440  14.70007  1.000 35.93579 ? 29  PRO A CD  1 
ATOM   165  N N   . HIS A 1 30  ? 2.35924   -1.88095  13.98657  1.000 31.01280 ? 30  HIS A N   1 
ATOM   166  C CA  . HIS A 1 30  ? 1.07487   -2.00014  14.66097  1.000 32.99515 ? 30  HIS A CA  1 
ATOM   167  C C   . HIS A 1 30  ? 0.14370   -2.81799  13.78094  1.000 31.60221 ? 30  HIS A C   1 
ATOM   168  O O   . HIS A 1 30  ? 0.19371   -2.71369  12.55343  1.000 29.88485 ? 30  HIS A O   1 
ATOM   169  C CB  . HIS A 1 30  ? 0.47180   -0.62245  14.95905  1.000 31.12173 ? 30  HIS A CB  1 
ATOM   170  C CG  . HIS A 1 30  ? -0.63399  -0.65091  15.96692  1.000 38.96277 ? 30  HIS A CG  1 
ATOM   171  N ND1 . HIS A 1 30  ? -1.96540  -0.62350  15.61297  1.000 38.69813 ? 30  HIS A ND1 1 
ATOM   172  C CD2 . HIS A 1 30  ? -0.60679  -0.70429  17.31994  1.000 37.46555 ? 30  HIS A CD2 1 
ATOM   173  C CE1 . HIS A 1 30  ? -2.71077  -0.65654  16.70403  1.000 42.71342 ? 30  HIS A CE1 1 
ATOM   174  N NE2 . HIS A 1 30  ? -1.91027  -0.70688  17.75315  1.000 42.92004 ? 30  HIS A NE2 1 
ATOM   175  N N   . GLU A 1 31  ? -0.70795  -3.62570  14.41692  1.000 32.83059 ? 31  GLU A N   1 
ATOM   176  C CA  . GLU A 1 31  ? -1.54448  -4.56519  13.68129  1.000 31.37160 ? 31  GLU A CA  1 
ATOM   177  C C   . GLU A 1 31  ? -2.60684  -3.88340  12.82750  1.000 33.00699 ? 31  GLU A C   1 
ATOM   178  O O   . GLU A 1 31  ? -3.21044  -4.54729  11.97559  1.000 29.67027 ? 31  GLU A O   1 
ATOM   179  C CB  . GLU A 1 31  ? -2.20795  -5.54216  14.65272  1.000 38.10507 ? 31  GLU A CB  1 
ATOM   180  C CG  . GLU A 1 31  ? -2.54568  -6.87743  14.01913  1.000 43.34916 ? 31  GLU A CG  1 
ATOM   181  C CD  . GLU A 1 31  ? -1.34969  -7.49499  13.31439  1.000 47.74494 ? 31  GLU A CD  1 
ATOM   182  O OE1 . GLU A 1 31  ? -0.39446  -7.90986  14.00538  1.000 51.35082 ? 31  GLU A OE1 1 
ATOM   183  O OE2 . GLU A 1 31  ? -1.35847  -7.55260  12.06547  1.000 44.53028 ? 31  GLU A OE2 1 
ATOM   184  N N   . ARG A 1 32  ? -2.84940  -2.58522  13.02357  1.000 27.91792 ? 32  ARG A N   1 
ATOM   185  C CA  . ARG A 1 32  ? -3.88265  -1.90666  12.25053  1.000 32.37977 ? 32  ARG A CA  1 
ATOM   186  C C   . ARG A 1 32  ? -3.51910  -1.81619  10.77322  1.000 28.05561 ? 32  ARG A C   1 
ATOM   187  O O   . ARG A 1 32  ? -4.41119  -1.80540  9.91819   1.000 22.70814 ? 32  ARG A O   1 
ATOM   188  C CB  . ARG A 1 32  ? -4.14030  -0.50880  12.82068  1.000 27.03923 ? 32  ARG A CB  1 
ATOM   189  C CG  . ARG A 1 32  ? -3.00256  0.47857   12.59100  1.000 30.82694 ? 32  ARG A CG  1 
ATOM   190  C CD  . ARG A 1 32  ? -3.41139  1.90185   12.93862  1.000 34.24073 ? 32  ARG A CD  1 
ATOM   191  N NE  . ARG A 1 32  ? -3.48485  2.12519   14.37791  1.000 40.32133 ? 32  ARG A NE  1 
ATOM   192  C CZ  . ARG A 1 32  ? -2.51515  2.67018   15.09998  1.000 44.51011 ? 32  ARG A CZ  1 
ATOM   193  N NH1 . ARG A 1 32  ? -1.37871  3.06283   14.54804  1.000 40.85993 ? 32  ARG A NH1 1 
ATOM   194  N NH2 . ARG A 1 32  ? -2.69281  2.82878   16.40849  1.000 49.33054 ? 32  ARG A NH2 1 
ATOM   195  N N   . TYR A 1 33  ? -2.22481  -1.76396  10.45129  1.000 24.65218 ? 33  TYR A N   1 
ATOM   196  C CA  . TYR A 1 33  ? -1.82078  -1.55709  9.06410   1.000 26.76957 ? 33  TYR A CA  1 
ATOM   197  C C   . TYR A 1 33  ? -2.01726  -2.82317  8.24018   1.000 26.58777 ? 33  TYR A C   1 
ATOM   198  O O   . TYR A 1 33  ? -2.52743  -2.77074  7.11449   1.000 25.02398 ? 33  TYR A O   1 
ATOM   199  C CB  . TYR A 1 33  ? -0.36866  -1.08456  9.01005   1.000 24.82398 ? 33  TYR A CB  1 
ATOM   200  C CG  . TYR A 1 33  ? -0.12048  0.14828   9.84583   1.000 26.82899 ? 33  TYR A CG  1 
ATOM   201  C CD1 . TYR A 1 33  ? -0.76662  1.34324   9.55876   1.000 28.12107 ? 33  TYR A CD1 1 
ATOM   202  C CD2 . TYR A 1 33  ? 0.75453   0.11789   10.92441  1.000 27.96198 ? 33  TYR A CD2 1 
ATOM   203  C CE1 . TYR A 1 33  ? -0.54898  2.47649   10.32162  1.000 28.85869 ? 33  TYR A CE1 1 
ATOM   204  C CE2 . TYR A 1 33  ? 0.98008   1.24444   11.69155  1.000 25.11235 ? 33  TYR A CE2 1 
ATOM   205  C CZ  . TYR A 1 33  ? 0.32602   2.41941   11.38534  1.000 32.12194 ? 33  TYR A CZ  1 
ATOM   206  O OH  . TYR A 1 33  ? 0.54401   3.54440   12.14256  1.000 31.51643 ? 33  TYR A OH  1 
ATOM   207  N N   . GLU A 1 34  ? -1.61476  -3.97383  8.78548   1.000 25.77369 ? 34  GLU A N   1 
ATOM   208  C CA  . GLU A 1 34  ? -1.85297  -5.24255  8.10546   1.000 27.34170 ? 34  GLU A CA  1 
ATOM   209  C C   . GLU A 1 34  ? -3.34378  -5.51322  7.96184   1.000 25.06376 ? 34  GLU A C   1 
ATOM   210  O O   . GLU A 1 34  ? -3.78954  -6.05924  6.94588   1.000 22.14958 ? 34  GLU A O   1 
ATOM   211  C CB  . GLU A 1 34  ? -1.17557  -6.38456  8.86460   1.000 26.95655 ? 34  GLU A CB  1 
ATOM   212  C CG  . GLU A 1 34  ? 0.32900   -6.48571  8.65716   1.000 36.13525 ? 34  GLU A CG  1 
ATOM   213  C CD  . GLU A 1 34  ? 1.13249   -5.76277  9.72667   1.000 39.01009 ? 34  GLU A CD  1 
ATOM   214  O OE1 . GLU A 1 34  ? 0.65341   -4.73531  10.24814  1.000 32.77320 ? 34  GLU A OE1 1 
ATOM   215  O OE2 . GLU A 1 34  ? 2.24644   -6.23173  10.04946  1.000 34.59529 ? 34  GLU A OE2 1 
ATOM   216  N N   . ARG A 1 35  ? -4.12992  -5.13140  8.97116   1.000 26.00539 ? 35  ARG A N   1 
ATOM   217  C CA  . ARG A 1 35  ? -5.57459  -5.33285  8.91399   1.000 27.64836 ? 35  ARG A CA  1 
ATOM   218  C C   . ARG A 1 35  ? -6.20032  -4.51850  7.78799   1.000 27.08389 ? 35  ARG A C   1 
ATOM   219  O O   . ARG A 1 35  ? -7.00656  -5.03427  7.00548   1.000 22.94314 ? 35  ARG A O   1 
ATOM   220  C CB  . ARG A 1 35  ? -6.19742  -4.96749  10.26053  1.000 32.70150 ? 35  ARG A CB  1 
ATOM   221  C CG  . ARG A 1 35  ? -7.70700  -4.84729  10.24100  1.000 32.89105 ? 35  ARG A CG  1 
ATOM   222  C CD  . ARG A 1 35  ? -8.23341  -4.56622  11.63690  1.000 36.62767 ? 35  ARG A CD  1 
ATOM   223  N NE  . ARG A 1 35  ? -9.64613  -4.20986  11.62935  1.000 31.74918 ? 35  ARG A NE  1 
ATOM   224  C CZ  . ARG A 1 35  ? -10.10167 -2.96780  11.54415  1.000 38.17559 ? 35  ARG A CZ  1 
ATOM   225  N NH1 . ARG A 1 35  ? -9.27942  -1.93573  11.44051  1.000 34.87206 ? 35  ARG A NH1 1 
ATOM   226  N NH2 . ARG A 1 35  ? -11.41343 -2.75573  11.56517  1.000 30.86792 ? 35  ARG A NH2 1 
ATOM   227  N N   . LEU A 1 36  ? -5.83988  -3.23690  7.69098   1.000 25.66782 ? 36  LEU A N   1 
ATOM   228  C CA  . LEU A 1 36  ? -6.34929  -2.41308  6.60039   1.000 23.69450 ? 36  LEU A CA  1 
ATOM   229  C C   . LEU A 1 36  ? -5.83844  -2.90855  5.25381   1.000 24.30643 ? 36  LEU A C   1 
ATOM   230  O O   . LEU A 1 36  ? -6.57816  -2.91127  4.26213   1.000 20.51452 ? 36  LEU A O   1 
ATOM   231  C CB  . LEU A 1 36  ? -5.95601  -0.95022  6.81779   1.000 23.14442 ? 36  LEU A CB  1 
ATOM   232  C CG  . LEU A 1 36  ? -6.40477  0.01655   5.72042   1.000 22.05481 ? 36  LEU A CG  1 
ATOM   233  C CD1 . LEU A 1 36  ? -7.91925  -0.01304  5.57997   1.000 25.40572 ? 36  LEU A CD1 1 
ATOM   234  C CD2 . LEU A 1 36  ? -5.91687  1.43033   6.00472   1.000 24.96538 ? 36  LEU A CD2 1 
ATOM   235  N N   . ASP A 1 37  ? -4.57818  -3.34768  5.20290   1.000 22.75798 ? 37  ASP A N   1 
ATOM   236  C CA  . ASP A 1 37  ? -4.00078  -3.78788  3.93896   1.000 27.70816 ? 37  ASP A CA  1 
ATOM   237  C C   . ASP A 1 37  ? -4.73308  -5.00443  3.38648   1.000 28.42798 ? 37  ASP A C   1 
ATOM   238  O O   . ASP A 1 37  ? -4.98462  -5.08782  2.17872   1.000 24.08421 ? 37  ASP A O   1 
ATOM   239  C CB  . ASP A 1 37  ? -2.51686  -4.09952  4.11409   1.000 28.02726 ? 37  ASP A CB  1 
ATOM   240  C CG  . ASP A 1 37  ? -1.75435  -4.02673  2.80868   1.000 29.79988 ? 37  ASP A CG  1 
ATOM   241  O OD1 . ASP A 1 37  ? -2.21943  -3.31367  1.89909   1.000 27.52731 ? 37  ASP A OD1 1 
ATOM   242  O OD2 . ASP A 1 37  ? -0.70166  -4.68683  2.68599   1.000 30.29927 ? 37  ASP A OD2 1 
ATOM   243  N N   . ARG A 1 38  ? -5.07255  -5.96320  4.24959   1.000 28.35828 ? 38  ARG A N   1 
ATOM   244  C CA  . ARG A 1 38  ? -5.84607  -7.11107  3.78769   1.000 31.10589 ? 38  ARG A CA  1 
ATOM   245  C C   . ARG A 1 38  ? -7.22734  -6.68172  3.31286   1.000 29.47011 ? 38  ARG A C   1 
ATOM   246  O O   . ARG A 1 38  ? -7.73040  -7.18639  2.30298   1.000 31.74113 ? 38  ARG A O   1 
ATOM   247  C CB  . ARG A 1 38  ? -5.97242  -8.15343  4.89609   1.000 32.93366 ? 38  ARG A CB  1 
ATOM   248  C CG  . ARG A 1 38  ? -6.82473  -9.34229  4.48531   1.000 39.69771 ? 38  ARG A CG  1 
ATOM   249  C CD  . ARG A 1 38  ? -7.25981  -10.17221 5.67822   1.000 45.71487 ? 38  ARG A CD  1 
ATOM   250  N NE  . ARG A 1 38  ? -6.14319  -10.88262 6.28563   1.000 45.83469 ? 38  ARG A NE  1 
ATOM   251  C CZ  . ARG A 1 38  ? -5.62125  -12.00308 5.80583   1.000 49.30607 ? 38  ARG A CZ  1 
ATOM   252  N NH1 . ARG A 1 38  ? -6.07239  -12.55480 4.69069   1.000 42.73613 ? 38  ARG A NH1 1 
ATOM   253  N NH2 . ARG A 1 38  ? -4.62008  -12.58278 6.46148   1.000 48.45866 ? 38  ARG A NH2 1 
ATOM   254  N N   . TRP A 1 39  ? -7.85272  -5.74712  4.03205   1.000 27.63098 ? 39  TRP A N   1 
ATOM   255  C CA  . TRP A 1 39  ? -9.16126  -5.24928  3.62762   1.000 27.37747 ? 39  TRP A CA  1 
ATOM   256  C C   . TRP A 1 39  ? -9.10341  -4.60754  2.24664   1.000 28.19603 ? 39  TRP A C   1 
ATOM   257  O O   . TRP A 1 39  ? -10.01519 -4.78682  1.43272   1.000 27.40001 ? 39  TRP A O   1 
ATOM   258  C CB  . TRP A 1 39  ? -9.68326  -4.25432  4.66569   1.000 24.75083 ? 39  TRP A CB  1 
ATOM   259  C CG  . TRP A 1 39  ? -11.06522 -3.73718  4.37953   1.000 28.17497 ? 39  TRP A CG  1 
ATOM   260  C CD1 . TRP A 1 39  ? -12.24209 -4.21372  4.88532   1.000 27.34749 ? 39  TRP A CD1 1 
ATOM   261  C CD2 . TRP A 1 39  ? -11.41058 -2.63800  3.52850   1.000 30.05492 ? 39  TRP A CD2 1 
ATOM   262  N NE1 . TRP A 1 39  ? -13.29793 -3.48069  4.39842   1.000 29.95473 ? 39  TRP A NE1 1 
ATOM   263  C CE2 . TRP A 1 39  ? -12.81498 -2.50885  3.56253   1.000 33.88587 ? 39  TRP A CE2 1 
ATOM   264  C CE3 . TRP A 1 39  ? -10.66982 -1.75225  2.73961   1.000 29.03784 ? 39  TRP A CE3 1 
ATOM   265  C CZ2 . TRP A 1 39  ? -13.49090 -1.53085  2.83856   1.000 33.12105 ? 39  TRP A CZ2 1 
ATOM   266  C CZ3 . TRP A 1 39  ? -11.34130 -0.78332  2.02174   1.000 26.25623 ? 39  TRP A CZ3 1 
ATOM   267  C CH2 . TRP A 1 39  ? -12.74013 -0.68218  2.07406   1.000 35.66112 ? 39  TRP A CH2 1 
ATOM   268  N N   . ILE A 1 40  ? -8.03056  -3.86540  1.96032   1.000 29.90338 ? 40  ILE A N   1 
ATOM   269  C CA  . ILE A 1 40  ? -7.90753  -3.19433  0.66971   1.000 27.39493 ? 40  ILE A CA  1 
ATOM   270  C C   . ILE A 1 40  ? -7.75002  -4.21422  -0.45257  1.000 28.28803 ? 40  ILE A C   1 
ATOM   271  O O   . ILE A 1 40  ? -8.41651  -4.12467  -1.49170  1.000 28.73719 ? 40  ILE A O   1 
ATOM   272  C CB  . ILE A 1 40  ? -6.73643  -2.19453  0.69511   1.000 26.46073 ? 40  ILE A CB  1 
ATOM   273  C CG1 . ILE A 1 40  ? -7.05238  -1.02488  1.63023   1.000 27.32802 ? 40  ILE A CG1 1 
ATOM   274  C CG2 . ILE A 1 40  ? -6.42946  -1.69572  -0.70845  1.000 21.95244 ? 40  ILE A CG2 1 
ATOM   275  C CD1 . ILE A 1 40  ? -5.90959  -0.04130  1.78940   1.000 25.49593 ? 40  ILE A CD1 1 
ATOM   276  N N   . THR A 1 41  ? -6.86470  -5.19727  -0.26337  1.000 27.29477 ? 41  THR A N   1 
ATOM   277  C CA  . THR A 1 41  ? -6.63829  -6.19614  -1.30559  1.000 30.06016 ? 41  THR A CA  1 
ATOM   278  C C   . THR A 1 41  ? -7.88976  -7.01781  -1.57713  1.000 31.42155 ? 41  THR A C   1 
ATOM   279  O O   . THR A 1 41  ? -8.12605  -7.43115  -2.71768  1.000 33.60004 ? 41  THR A O   1 
ATOM   280  C CB  . THR A 1 41  ? -5.48229  -7.12000  -0.92147  1.000 25.58139 ? 41  THR A CB  1 
ATOM   281  O OG1 . THR A 1 41  ? -5.83495  -7.87141  0.24685   1.000 36.37213 ? 41  THR A OG1 1 
ATOM   282  C CG2 . THR A 1 41  ? -4.21933  -6.31432  -0.64318  1.000 35.05289 ? 41  THR A CG2 1 
ATOM   283  N N   . GLU A 1 42  ? -8.70111  -7.26525  -0.54712  1.000 31.30430 ? 42  GLU A N   1 
ATOM   284  C CA  . GLU A 1 42  ? -9.93714  -8.01129  -0.75134  1.000 35.25297 ? 42  GLU A CA  1 
ATOM   285  C C   . GLU A 1 42  ? -10.97995 -7.17585  -1.48359  1.000 37.18912 ? 42  GLU A C   1 
ATOM   286  O O   . GLU A 1 42  ? -11.79625 -7.72395  -2.23219  1.000 34.69921 ? 42  GLU A O   1 
ATOM   287  C CB  . GLU A 1 42  ? -10.47762 -8.50377  0.59051   1.000 31.85582 ? 42  GLU A CB  1 
ATOM   288  C CG  . GLU A 1 42  ? -9.61263  -9.57845  1.24022   1.000 40.85681 ? 42  GLU A CG  1 
ATOM   289  C CD  . GLU A 1 42  ? -10.06952 -9.93254  2.64413   1.000 44.25908 ? 42  GLU A CD  1 
ATOM   290  O OE1 . GLU A 1 42  ? -11.00349 -9.27619  3.15181   1.000 44.26892 ? 42  GLU A OE1 1 
ATOM   291  O OE2 . GLU A 1 42  ? -9.49226  -10.86622 3.24049   1.000 45.31066 ? 42  GLU A OE2 1 
ATOM   292  N N   . GLN A 1 43  ? -10.96786 -5.85430  -1.28927  1.000 33.82567 ? 43  GLN A N   1 
ATOM   293  C CA  . GLN A 1 43  ? -11.84304 -4.98755  -2.07236  1.000 34.70805 ? 43  GLN A CA  1 
ATOM   294  C C   . GLN A 1 43  ? -11.46973 -5.03140  -3.54645  1.000 38.51426 ? 43  GLN A C   1 
ATOM   295  O O   . GLN A 1 43  ? -12.34302 -4.95765  -4.41904  1.000 36.30771 ? 43  GLN A O   1 
ATOM   296  C CB  . GLN A 1 43  ? -11.77403 -3.55116  -1.55211  1.000 32.00660 ? 43  GLN A CB  1 
ATOM   297  C CG  . GLN A 1 43  ? -12.31491 -3.36419  -0.15098  1.000 32.88758 ? 43  GLN A CG  1 
ATOM   298  C CD  . GLN A 1 43  ? -13.79740 -3.63773  -0.04959  1.000 35.40378 ? 43  GLN A CD  1 
ATOM   299  O OE1 . GLN A 1 43  ? -14.54023 -3.49218  -1.02190  1.000 33.94338 ? 43  GLN A OE1 1 
ATOM   300  N NE2 . GLN A 1 43  ? -14.23921 -4.04058  1.13495   1.000 43.37896 ? 43  GLN A NE2 1 
ATOM   301  N N   . LEU A 1 44  ? -10.17192 -5.14177  -3.84013  1.000 40.64993 ? 44  LEU A N   1 
ATOM   302  C CA  . LEU A 1 44  ? -9.72266  -5.23946  -5.22486  1.000 42.50033 ? 44  LEU A CA  1 
ATOM   303  C C   . LEU A 1 44  ? -10.33257 -6.45149  -5.91391  1.000 45.08226 ? 44  LEU A C   1 
ATOM   304  O O   . LEU A 1 44  ? -10.87875 -6.34477  -7.01882  1.000 47.10811 ? 44  LEU A O   1 
ATOM   305  C CB  . LEU A 1 44  ? -8.19691  -5.30635  -5.27565  1.000 43.92631 ? 44  LEU A CB  1 
ATOM   306  C CG  . LEU A 1 44  ? -7.46136  -3.99100  -5.52464  1.000 44.30041 ? 44  LEU A CG  1 
ATOM   307  C CD1 . LEU A 1 44  ? -5.95618  -4.21179  -5.53801  1.000 32.50519 ? 44  LEU A CD1 1 
ATOM   308  C CD2 . LEU A 1 44  ? -7.92986  -3.37556  -6.83343  1.000 42.90242 ? 44  LEU A CD2 1 
ATOM   309  N N   . ILE A 1 45  ? -10.25323 -7.61625  -5.26874  1.000 42.26597 ? 45  ILE A N   1 
ATOM   310  C CA  . ILE A 1 45  ? -10.79394 -8.84026  -5.85562  1.000 48.42337 ? 45  ILE A CA  1 
ATOM   311  C C   . ILE A 1 45  ? -12.29941 -8.71015  -6.05089  1.000 48.28980 ? 45  ILE A C   1 
ATOM   312  O O   . ILE A 1 45  ? -12.81181 -8.81123  -7.17229  1.000 50.39170 ? 45  ILE A O   1 
ATOM   313  C CB  . ILE A 1 45  ? -10.43992 -10.05362 -4.97950  1.000 49.16835 ? 45  ILE A CB  1 
ATOM   314  C CG1 . ILE A 1 45  ? -8.93758  -10.06870 -4.68813  1.000 45.44104 ? 45  ILE A CG1 1 
ATOM   315  C CG2 . ILE A 1 45  ? -10.87090 -11.34274 -5.66139  1.000 47.73840 ? 45  ILE A CG2 1 
ATOM   316  C CD1 . ILE A 1 45  ? -8.54140  -11.00951 -3.57357  1.000 47.07533 ? 45  ILE A CD1 1 
ATOM   317  N N   . TYR A 1 46  ? -13.02689 -8.47767  -4.96359  1.000 44.52309 ? 46  TYR A N   1 
ATOM   318  C CA  . TYR A 1 46  ? -14.46100 -8.23806  -5.04603  1.000 42.20392 ? 46  TYR A CA  1 
ATOM   319  C C   . TYR A 1 46  ? -14.72183 -6.85644  -5.63562  1.000 42.14312 ? 46  TYR A C   1 
ATOM   320  O O   . TYR A 1 46  ? -14.83672 -6.70029  -6.84979  1.000 42.33774 ? 46  TYR A O   1 
ATOM   321  C CB  . TYR A 1 46  ? -15.11267 -8.36096  -3.66657  1.000 36.14082 ? 46  TYR A CB  1 
ATOM   322  C CG  . TYR A 1 46  ? -16.62597 -8.29308  -3.68637  1.000 36.94251 ? 46  TYR A CG  1 
ATOM   323  C CD1 . TYR A 1 46  ? -17.28854 -7.07141  -3.72646  1.000 43.52608 ? 46  TYR A CD1 1 
ATOM   324  C CD2 . TYR A 1 46  ? -17.39093 -9.45041  -3.65330  1.000 39.11614 ? 46  TYR A CD2 1 
ATOM   325  C CE1 . TYR A 1 46  ? -18.66993 -7.00649  -3.74278  1.000 43.63515 ? 46  TYR A CE1 1 
ATOM   326  C CE2 . TYR A 1 46  ? -18.77299 -9.39493  -3.66612  1.000 37.31099 ? 46  TYR A CE2 1 
ATOM   327  C CZ  . TYR A 1 46  ? -19.40664 -8.17163  -3.71139  1.000 40.23378 ? 46  TYR A CZ  1 
ATOM   328  O OH  . TYR A 1 46  ? -20.78243 -8.11093  -3.72578  1.000 44.48400 ? 46  TYR A OH  1 
ATOM   329  N N   . ARG A 1 52  ? -11.35999 -10.47928 -9.66839  1.000 47.13403 ? 52  ARG A N   1 
ATOM   330  C CA  . ARG A 1 52  ? -10.60807 -10.61444 -10.90983 1.000 46.47988 ? 52  ARG A CA  1 
ATOM   331  C C   . ARG A 1 52  ? -9.33425  -11.42186 -10.69127 1.000 41.94954 ? 52  ARG A C   1 
ATOM   332  O O   . ARG A 1 52  ? -8.53343  -11.10661 -9.81095  1.000 42.58378 ? 52  ARG A O   1 
ATOM   333  C CB  . ARG A 1 52  ? -10.26728 -9.23827  -11.48732 1.000 40.51741 ? 52  ARG A CB  1 
ATOM   334  C CG  . ARG A 1 52  ? -9.51095  -9.29418  -12.80445 1.000 43.16060 ? 52  ARG A CG  1 
ATOM   335  C CD  . ARG A 1 52  ? -9.91983  -8.15983  -13.73373 1.000 43.03461 ? 52  ARG A CD  1 
ATOM   336  N NE  . ARG A 1 52  ? -9.13012  -6.95036  -13.53387 1.000 50.23791 ? 52  ARG A NE  1 
ATOM   337  C CZ  . ARG A 1 52  ? -9.33004  -5.81294  -14.18641 1.000 53.75198 ? 52  ARG A CZ  1 
ATOM   338  N NH1 . ARG A 1 52  ? -10.30596 -5.68706  -15.07125 1.000 53.81189 ? 52  ARG A NH1 1 
ATOM   339  N NH2 . ARG A 1 52  ? -8.53086  -4.77710  -13.94638 1.000 53.82269 ? 52  ARG A NH2 1 
ATOM   340  N N   . ASP A 1 53  ? -9.15337  -12.46941 -11.50040 1.000 44.01272 ? 53  ASP A N   1 
ATOM   341  C CA  . ASP A 1 53  ? -7.95807  -13.29838 -11.39261 1.000 43.35936 ? 53  ASP A CA  1 
ATOM   342  C C   . ASP A 1 53  ? -6.70043  -12.56235 -11.82969 1.000 44.55989 ? 53  ASP A C   1 
ATOM   343  O O   . ASP A 1 53  ? -5.59439  -12.98943 -11.48141 1.000 44.67292 ? 53  ASP A O   1 
ATOM   344  C CB  . ASP A 1 53  ? -8.12435  -14.57254 -12.22087 1.000 44.59512 ? 53  ASP A CB  1 
ATOM   345  C CG  . ASP A 1 53  ? -9.29860  -15.41227 -11.76753 1.000 41.65441 ? 53  ASP A CG  1 
ATOM   346  O OD1 . ASP A 1 53  ? -9.40422  -15.68655 -10.55263 1.000 40.80845 ? 53  ASP A OD1 1 
ATOM   347  O OD2 . ASP A 1 53  ? -10.12087 -15.79092 -12.62769 1.000 38.05690 ? 53  ASP A OD2 1 
ATOM   348  N N   . GLU A 1 54  ? -6.84049  -11.47527 -12.59032 1.000 44.75837 ? 54  GLU A N   1 
ATOM   349  C CA  . GLU A 1 54  ? -5.67088  -10.69199 -12.97015 1.000 48.40777 ? 54  GLU A CA  1 
ATOM   350  C C   . GLU A 1 54  ? -5.07771  -9.97605  -11.76354 1.000 45.89300 ? 54  GLU A C   1 
ATOM   351  O O   . GLU A 1 54  ? -3.85292  -9.83890  -11.65597 1.000 41.71519 ? 54  GLU A O   1 
ATOM   352  C CB  . GLU A 1 54  ? -6.03906  -9.69592  -14.06876 1.000 50.59160 ? 54  GLU A CB  1 
ATOM   353  C CG  . GLU A 1 54  ? -4.85227  -8.95829  -14.67914 1.000 54.37200 ? 54  GLU A CG  1 
ATOM   354  C CD  . GLU A 1 54  ? -4.09727  -9.78052  -15.71333 1.000 58.45604 ? 54  GLU A CD  1 
ATOM   355  O OE1 . GLU A 1 54  ? -4.01477  -11.01948 -15.56903 1.000 57.91570 ? 54  GLU A OE1 1 
ATOM   356  O OE2 . GLU A 1 54  ? -3.58531  -9.18083  -16.68163 1.000 62.27066 ? 54  GLU A OE2 1 
ATOM   357  N N   . TRP A 1 55  ? -5.92935  -9.51270  -10.84480 1.000 43.59121 ? 55  TRP A N   1 
ATOM   358  C CA  . TRP A 1 55  ? -5.42644  -8.92995  -9.60501  1.000 41.16001 ? 55  TRP A CA  1 
ATOM   359  C C   . TRP A 1 55  ? -4.80765  -9.99569  -8.71214  1.000 41.26773 ? 55  TRP A C   1 
ATOM   360  O O   . TRP A 1 55  ? -3.79898  -9.74276  -8.04501  1.000 35.41069 ? 55  TRP A O   1 
ATOM   361  C CB  . TRP A 1 55  ? -6.54531  -8.19449  -8.86788  1.000 42.67830 ? 55  TRP A CB  1 
ATOM   362  C CG  . TRP A 1 55  ? -6.98096  -6.93015  -9.54418  1.000 43.52357 ? 55  TRP A CG  1 
ATOM   363  C CD1 . TRP A 1 55  ? -8.22132  -6.64922  -10.03651 1.000 48.54903 ? 55  TRP A CD1 1 
ATOM   364  C CD2 . TRP A 1 55  ? -6.17247  -5.77674  -9.81043  1.000 42.34344 ? 55  TRP A CD2 1 
ATOM   365  N NE1 . TRP A 1 55  ? -8.23759  -5.39033  -10.58877 1.000 46.93764 ? 55  TRP A NE1 1 
ATOM   366  C CE2 . TRP A 1 55  ? -6.99113  -4.83514  -10.46283 1.000 42.30494 ? 55  TRP A CE2 1 
ATOM   367  C CE3 . TRP A 1 55  ? -4.83568  -5.44935  -9.55807  1.000 43.73641 ? 55  TRP A CE3 1 
ATOM   368  C CZ2 . TRP A 1 55  ? -6.51922  -3.58930  -10.86703 1.000 44.43414 ? 55  TRP A CZ2 1 
ATOM   369  C CZ3 . TRP A 1 55  ? -4.36872  -4.21142  -9.96058  1.000 40.16622 ? 55  TRP A CZ3 1 
ATOM   370  C CH2 . TRP A 1 55  ? -5.20869  -3.29707  -10.60777 1.000 43.14082 ? 55  TRP A CH2 1 
ATOM   371  N N   . ILE A 1 56  ? -5.40062  -11.19287 -8.68468  1.000 39.70992 ? 56  ILE A N   1 
ATOM   372  C CA  . ILE A 1 56  ? -4.80970  -12.30391 -7.93983  1.000 39.53465 ? 56  ILE A CA  1 
ATOM   373  C C   . ILE A 1 56  ? -3.40442  -12.59237 -8.45209  1.000 39.29610 ? 56  ILE A C   1 
ATOM   374  O O   . ILE A 1 56  ? -2.45169  -12.71028 -7.67232  1.000 39.22958 ? 56  ILE A O   1 
ATOM   375  C CB  . ILE A 1 56  ? -5.70995  -13.54966 -8.02827  1.000 38.13003 ? 56  ILE A CB  1 
ATOM   376  C CG1 . ILE A 1 56  ? -6.89758  -13.42255 -7.07138  1.000 39.69773 ? 56  ILE A CG1 1 
ATOM   377  C CG2 . ILE A 1 56  ? -4.91313  -14.81536 -7.74799  1.000 39.92104 ? 56  ILE A CG2 1 
ATOM   378  C CD1 . ILE A 1 56  ? -7.80277  -14.63692 -7.06305  1.000 41.83753 ? 56  ILE A CD1 1 
ATOM   379  N N   . ASP A 1 57  ? -3.25502  -12.69828 -9.77603  1.000 38.32041 ? 57  ASP A N   1 
ATOM   380  C CA  . ASP A 1 57  ? -1.93729  -12.92299 -10.36167 1.000 38.42635 ? 57  ASP A CA  1 
ATOM   381  C C   . ASP A 1 57  ? -0.99516  -11.76102 -10.06907 1.000 36.61159 ? 57  ASP A C   1 
ATOM   382  O O   . ASP A 1 57  ? 0.20421   -11.96569 -9.84897  1.000 32.25497 ? 57  ASP A O   1 
ATOM   383  C CB  . ASP A 1 57  ? -2.06709  -13.14226 -11.86986 1.000 41.25741 ? 57  ASP A CB  1 
ATOM   384  C CG  . ASP A 1 57  ? -2.17521  -14.60947 -12.24097 1.000 47.42318 ? 57  ASP A CG  1 
ATOM   385  O OD1 . ASP A 1 57  ? -2.86367  -15.36131 -11.51853 1.000 48.81552 ? 57  ASP A OD1 1 
ATOM   386  O OD2 . ASP A 1 57  ? -1.57829  -15.01006 -13.26249 1.000 53.90360 ? 57  ASP A OD2 1 
ATOM   387  N N   . ALA A 1 58  ? -1.52126  -10.53416 -10.05771 1.000 36.24039 ? 58  ALA A N   1 
ATOM   388  C CA  . ALA A 1 58  ? -0.67311  -9.37139  -9.81483  1.000 38.44718 ? 58  ALA A CA  1 
ATOM   389  C C   . ALA A 1 58  ? -0.19325  -9.32555  -8.36970  1.000 30.21721 ? 58  ALA A C   1 
ATOM   390  O O   . ALA A 1 58  ? 0.95170   -8.94242  -8.10433  1.000 31.83474 ? 58  ALA A O   1 
ATOM   391  C CB  . ALA A 1 58  ? -1.42344  -8.08811  -10.17469 1.000 33.16869 ? 58  ALA A CB  1 
ATOM   392  N N   . LEU A 1 59  ? -1.05530  -9.70109  -7.42221  1.000 29.97038 ? 59  LEU A N   1 
ATOM   393  C CA  . LEU A 1 59  ? -0.65685  -9.70248  -6.01777  1.000 31.53483 ? 59  LEU A CA  1 
ATOM   394  C C   . LEU A 1 59  ? 0.34329   -10.81432 -5.73132  1.000 31.09020 ? 59  LEU A C   1 
ATOM   395  O O   . LEU A 1 59  ? 1.29052   -10.62114 -4.95963  1.000 26.62826 ? 59  LEU A O   1 
ATOM   396  C CB  . LEU A 1 59  ? -1.88566  -9.84627  -5.12031  1.000 27.77737 ? 59  LEU A CB  1 
ATOM   397  C CG  . LEU A 1 59  ? -2.92734  -8.72739  -5.18334  1.000 35.14631 ? 59  LEU A CG  1 
ATOM   398  C CD1 . LEU A 1 59  ? -4.11255  -9.04156  -4.27952  1.000 35.09103 ? 59  LEU A CD1 1 
ATOM   399  C CD2 . LEU A 1 59  ? -2.30567  -7.38818  -4.81719  1.000 30.62491 ? 59  LEU A CD2 1 
ATOM   400  N N   . ALA A 1 60  ? 0.14602   -11.98678 -6.33606  1.000 30.40960 ? 60  ALA A N   1 
ATOM   401  C CA  . ALA A 1 60  ? 1.10322   -13.07329 -6.16502  1.000 33.37583 ? 60  ALA A CA  1 
ATOM   402  C C   . ALA A 1 60  ? 2.46927   -12.68348 -6.71597  1.000 28.44859 ? 60  ALA A C   1 
ATOM   403  O O   . ALA A 1 60  ? 3.50130   -12.92221 -6.07934  1.000 27.89492 ? 60  ALA A O   1 
ATOM   404  C CB  . ALA A 1 60  ? 0.58508   -14.34065 -6.84423  1.000 38.78000 ? 60  ALA A CB  1 
ATOM   405  N N   . GLU A 1 61  ? 2.49062   -12.06535 -7.89930  1.000 30.80168 ? 61  GLU A N   1 
ATOM   406  C CA  . GLU A 1 61  ? 3.75857   -11.66254 -8.49753  1.000 33.32537 ? 61  GLU A CA  1 
ATOM   407  C C   . GLU A 1 61  ? 4.39937   -10.51903 -7.72107  1.000 27.51523 ? 61  GLU A C   1 
ATOM   408  O O   . GLU A 1 61  ? 5.62447   -10.47893 -7.56291  1.000 28.40173 ? 61  GLU A O   1 
ATOM   409  C CB  . GLU A 1 61  ? 3.54495   -11.26702 -9.95748  1.000 32.64013 ? 61  GLU A CB  1 
ATOM   410  C CG  . GLU A 1 61  ? 4.82552   -10.91488 -10.69364 1.000 37.90382 ? 61  GLU A CG  1 
ATOM   411  C CD  . GLU A 1 61  ? 4.57288   -10.39274 -12.09414 1.000 35.73800 ? 61  GLU A CD  1 
ATOM   412  O OE1 . GLU A 1 61  ? 3.41979   -10.47998 -12.56519 1.000 35.93467 ? 61  GLU A OE1 1 
ATOM   413  O OE2 . GLU A 1 61  ? 5.52838   -9.88995  -12.72092 1.000 39.85443 ? 61  GLU A OE2 1 
ATOM   414  N N   . ALA A 1 62  ? 3.58872   -9.57995  -7.22889  1.000 30.04506 ? 62  ALA A N   1 
ATOM   415  C CA  . ALA A 1 62  ? 4.13607   -8.46938  -6.45804  1.000 28.88969 ? 62  ALA A CA  1 
ATOM   416  C C   . ALA A 1 62  ? 4.62601   -8.91785  -5.08933  1.000 27.15238 ? 62  ALA A C   1 
ATOM   417  O O   . ALA A 1 62  ? 5.52463   -8.28757  -4.51870  1.000 21.09425 ? 62  ALA A O   1 
ATOM   418  C CB  . ALA A 1 62  ? 3.09026   -7.36841  -6.30131  1.000 23.39803 ? 62  ALA A CB  1 
ATOM   419  N N   . ALA A 1 63  ? 4.05079   -9.99513  -4.54852  1.000 26.26359 ? 63  ALA A N   1 
ATOM   420  C CA  . ALA A 1 63  ? 4.42577   -10.44751 -3.21369  1.000 25.95260 ? 63  ALA A CA  1 
ATOM   421  C C   . ALA A 1 63  ? 5.90335   -10.80922 -3.14769  1.000 26.90866 ? 63  ALA A C   1 
ATOM   422  O O   . ALA A 1 63  ? 6.57867   -10.51299 -2.15450  1.000 26.81866 ? 63  ALA A O   1 
ATOM   423  C CB  . ALA A 1 63  ? 3.56199   -11.63823 -2.79975  1.000 29.69948 ? 63  ALA A CB  1 
ATOM   424  N N   . GLY A 1 64  ? 6.42471   -11.44417 -4.19915  1.000 23.49916 ? 64  GLY A N   1 
ATOM   425  C CA  . GLY A 1 64  ? 7.84392   -11.74679 -4.23867  1.000 26.64385 ? 64  GLY A CA  1 
ATOM   426  C C   . GLY A 1 64  ? 8.70610   -10.51775 -4.43200  1.000 24.20728 ? 64  GLY A C   1 
ATOM   427  O O   . GLY A 1 64  ? 9.84799   -10.47784 -3.96686  1.000 28.25306 ? 64  GLY A O   1 
ATOM   428  N N   . ILE A 1 65  ? 8.17663   -9.50005  -5.11431  1.000 28.04252 ? 65  ILE A N   1 
ATOM   429  C CA  . ILE A 1 65  ? 8.91677   -8.25539  -5.29390  1.000 25.97501 ? 65  ILE A CA  1 
ATOM   430  C C   . ILE A 1 65  ? 9.11326   -7.55460  -3.95577  1.000 27.23550 ? 65  ILE A C   1 
ATOM   431  O O   . ILE A 1 65  ? 10.20472  -7.05670  -3.65425  1.000 23.38284 ? 65  ILE A O   1 
ATOM   432  C CB  . ILE A 1 65  ? 8.19495   -7.35265  -6.31091  1.000 28.71929 ? 65  ILE A CB  1 
ATOM   433  C CG1 . ILE A 1 65  ? 8.30208   -7.94607  -7.71747  1.000 31.52220 ? 65  ILE A CG1 1 
ATOM   434  C CG2 . ILE A 1 65  ? 8.75191   -5.93600  -6.27027  1.000 25.89312 ? 65  ILE A CG2 1 
ATOM   435  C CD1 . ILE A 1 65  ? 7.23527   -7.45582  -8.66793  1.000 29.80539 ? 65  ILE A CD1 1 
ATOM   436  N N   . PHE A 1 66  ? 8.06641   -7.50870  -3.12796  1.000 25.19436 ? 66  PHE A N   1 
ATOM   437  C CA  . PHE A 1 66  ? 8.19404   -6.87381  -1.82084  1.000 24.26933 ? 66  PHE A CA  1 
ATOM   438  C C   . PHE A 1 66  ? 8.98324   -7.74821  -0.85526  1.000 21.38355 ? 66  PHE A C   1 
ATOM   439  O O   . PHE A 1 66  ? 9.67770   -7.23157  0.02786   1.000 18.65191 ? 66  PHE A O   1 
ATOM   440  C CB  . PHE A 1 66  ? 6.81385   -6.55333  -1.25025  1.000 22.03781 ? 66  PHE A CB  1 
ATOM   441  C CG  . PHE A 1 66  ? 6.12804   -5.41044  -1.94129  1.000 25.45056 ? 66  PHE A CG  1 
ATOM   442  C CD1 . PHE A 1 66  ? 6.33376   -4.10541  -1.52343  1.000 23.04337 ? 66  PHE A CD1 1 
ATOM   443  C CD2 . PHE A 1 66  ? 5.28174   -5.63942  -3.01403  1.000 25.44755 ? 66  PHE A CD2 1 
ATOM   444  C CE1 . PHE A 1 66  ? 5.70325   -3.04896  -2.16246  1.000 26.63010 ? 66  PHE A CE1 1 
ATOM   445  C CE2 . PHE A 1 66  ? 4.65203   -4.59050  -3.65581  1.000 23.60125 ? 66  PHE A CE2 1 
ATOM   446  C CZ  . PHE A 1 66  ? 4.86377   -3.29480  -3.23029  1.000 25.27684 ? 66  PHE A CZ  1 
ATOM   447  N N   . LYS A 1 67  ? 8.88145   -9.07221  -0.99738  1.000 22.16303 ? 67  LYS A N   1 
ATOM   448  C CA  . LYS A 1 67  ? 9.69514   -9.96353  -0.17582  1.000 29.21907 ? 67  LYS A CA  1 
ATOM   449  C C   . LYS A 1 67  ? 11.17823  -9.70866  -0.40706  1.000 21.08345 ? 67  LYS A C   1 
ATOM   450  O O   . LYS A 1 67  ? 11.95662  -9.59629  0.54750   1.000 23.07157 ? 67  LYS A O   1 
ATOM   451  C CB  . LYS A 1 67  ? 9.34993   -11.42486 -0.46695  1.000 28.60100 ? 67  LYS A CB  1 
ATOM   452  C CG  . LYS A 1 67  ? 10.42839  -12.40501 -0.01454  1.000 32.60480 ? 67  LYS A CG  1 
ATOM   453  C CD  . LYS A 1 67  ? 9.86788   -13.78842 0.29378   1.000 35.39080 ? 67  LYS A CD  1 
ATOM   454  C CE  . LYS A 1 67  ? 9.46345   -14.53845 -0.96307  1.000 39.33100 ? 67  LYS A CE  1 
ATOM   455  N NZ  . LYS A 1 67  ? 9.09934   -15.94883 -0.64752  1.000 41.90908 ? 67  LYS A NZ  1 
ATOM   456  N N   . GLU A 1 68  ? 11.58726  -9.60258  -1.67294  1.000 22.90868 ? 68  GLU A N   1 
ATOM   457  C CA  . GLU A 1 68  ? 12.99610  -9.36305  -1.97339  1.000 24.05394 ? 68  GLU A CA  1 
ATOM   458  C C   . GLU A 1 68  ? 13.43242  -7.98011  -1.51267  1.000 27.05034 ? 68  GLU A C   1 
ATOM   459  O O   . GLU A 1 68  ? 14.57248  -7.79946  -1.06851  1.000 24.72322 ? 68  GLU A O   1 
ATOM   460  C CB  . GLU A 1 68  ? 13.25272  -9.53765  -3.46782  1.000 28.99929 ? 68  GLU A CB  1 
ATOM   461  C CG  . GLU A 1 68  ? 13.02678  -10.95339 -3.96261  1.000 40.09091 ? 68  GLU A CG  1 
ATOM   462  C CD  . GLU A 1 68  ? 13.28103  -11.09714 -5.44737  1.000 49.47662 ? 68  GLU A CD  1 
ATOM   463  O OE1 . GLU A 1 68  ? 14.30869  -10.57341 -5.93343  1.000 48.97372 ? 68  GLU A OE1 1 
ATOM   464  O OE2 . GLU A 1 68  ? 12.44682  -11.72836 -6.13356  1.000 41.56267 ? 68  GLU A OE2 1 
ATOM   465  N N   . ALA A 1 69  ? 12.54184  -6.98825  -1.61574  1.000 20.37288 ? 69  ALA A N   1 
ATOM   466  C CA  . ALA A 1 69  ? 12.86507  -5.65802  -1.11552  1.000 19.45790 ? 69  ALA A CA  1 
ATOM   467  C C   . ALA A 1 69  ? 13.08956  -5.67922  0.39099   1.000 20.97178 ? 69  ALA A C   1 
ATOM   468  O O   . ALA A 1 69  ? 13.98583  -4.99940  0.90098   1.000 22.47502 ? 69  ALA A O   1 
ATOM   469  C CB  . ALA A 1 69  ? 11.75579  -4.67076  -1.48129  1.000 22.16970 ? 69  ALA A CB  1 
ATOM   470  N N   . LEU A 1 70  ? 12.29082  -6.46805  1.11766   1.000 16.90100 ? 70  LEU A N   1 
ATOM   471  C CA  . LEU A 1 70  ? 12.47677  -6.59718  2.55978   1.000 22.03865 ? 70  LEU A CA  1 
ATOM   472  C C   . LEU A 1 70  ? 13.81998  -7.22423  2.90294   1.000 22.15112 ? 70  LEU A C   1 
ATOM   473  O O   . LEU A 1 70  ? 14.40041  -6.91434  3.94997   1.000 25.29077 ? 70  LEU A O   1 
ATOM   474  C CB  . LEU A 1 70  ? 11.35031  -7.43249  3.16656   1.000 25.01977 ? 70  LEU A CB  1 
ATOM   475  C CG  . LEU A 1 70  ? 10.02680  -6.74528  3.48684   1.000 26.55927 ? 70  LEU A CG  1 
ATOM   476  C CD1 . LEU A 1 70  ? 9.04141   -7.76976  4.02792   1.000 28.25294 ? 70  LEU A CD1 1 
ATOM   477  C CD2 . LEU A 1 70  ? 10.24496  -5.62519  4.49117   1.000 27.80111 ? 70  LEU A CD2 1 
ATOM   478  N N   . GLU A 1 71  ? 14.32288  -8.10727  2.04686   1.000 25.86494 ? 71  GLU A N   1 
ATOM   479  C CA  . GLU A 1 71  ? 15.57385  -8.80971  2.29585   1.000 23.23583 ? 71  GLU A CA  1 
ATOM   480  C C   . GLU A 1 71  ? 16.79312  -8.02783  1.82610   1.000 26.31496 ? 71  GLU A C   1 
ATOM   481  O O   . GLU A 1 71  ? 17.92342  -8.48786  2.02398   1.000 31.81127 ? 71  GLU A O   1 
ATOM   482  C CB  . GLU A 1 71  ? 15.53485  -10.18526 1.62486   1.000 25.17585 ? 71  GLU A CB  1 
ATOM   483  C CG  . GLU A 1 71  ? 14.34661  -11.02060 2.07195   1.000 24.01072 ? 71  GLU A CG  1 
ATOM   484  C CD  . GLU A 1 71  ? 14.22712  -12.33228 1.32752   1.000 34.27455 ? 71  GLU A CD  1 
ATOM   485  O OE1 . GLU A 1 71  ? 15.07233  -12.59296 0.45119   1.000 33.55313 ? 71  GLU A OE1 1 
ATOM   486  O OE2 . GLU A 1 71  ? 13.28844  -13.10216 1.61969   1.000 38.26569 ? 71  GLU A OE2 1 
ATOM   487  N N   . ARG A 1 72  ? 16.59349  -6.86374  1.21756   1.000 26.73152 ? 72  ARG A N   1 
ATOM   488  C CA  . ARG A 1 72  ? 17.67246  -5.97761  0.81584   1.000 29.33178 ? 72  ARG A CA  1 
ATOM   489  C C   . ARG A 1 72  ? 17.68438  -4.74326  1.70824   1.000 28.87344 ? 72  ARG A C   1 
ATOM   490  O O   . ARG A 1 72  ? 16.72731  -4.46566  2.43734   1.000 33.23338 ? 72  ARG A O   1 
ATOM   491  C CB  . ARG A 1 72  ? 17.53129  -5.57325  -0.65671  1.000 29.29446 ? 72  ARG A CB  1 
ATOM   492  C CG  . ARG A 1 72  ? 17.76338  -6.71609  -1.63570  1.000 35.71982 ? 72  ARG A CG  1 
ATOM   493  C CD  . ARG A 1 72  ? 17.64135  -6.24321  -3.08106  1.000 36.12439 ? 72  ARG A CD  1 
ATOM   494  N NE  . ARG A 1 72  ? 18.45534  -7.04304  -3.98851  1.000 46.95423 ? 72  ARG A NE  1 
ATOM   495  C CZ  . ARG A 1 72  ? 17.99526  -8.02838  -4.74807  1.000 51.03187 ? 72  ARG A CZ  1 
ATOM   496  N NH1 . ARG A 1 72  ? 16.71350  -8.35830  -4.75189  1.000 47.47765 ? 72  ARG A NH1 1 
ATOM   497  N NH2 . ARG A 1 72  ? 18.84203  -8.69955  -5.52352  1.000 50.06634 ? 72  ARG A NH2 1 
ATOM   498  N N   . ASN A 1 73  ? 18.78963  -3.99934  1.64922   1.000 32.53163 ? 73  ASN A N   1 
ATOM   499  C CA  . ASN A 1 73  ? 18.96504  -2.80394  2.47631   1.000 36.51472 ? 73  ASN A CA  1 
ATOM   500  C C   . ASN A 1 73  ? 18.25876  -1.62089  1.81033   1.000 35.53883 ? 73  ASN A C   1 
ATOM   501  O O   . ASN A 1 73  ? 18.86872  -0.65319  1.35165   1.000 37.95672 ? 73  ASN A O   1 
ATOM   502  C CB  . ASN A 1 73  ? 20.44384  -2.52626  2.70616   1.000 41.35561 ? 73  ASN A CB  1 
ATOM   503  C CG  . ASN A 1 73  ? 20.67933  -1.38999  3.68435   1.000 39.99843 ? 73  ASN A CG  1 
ATOM   504  O OD1 . ASN A 1 73  ? 19.85603  -1.12826  4.56054   1.000 36.03132 ? 73  ASN A OD1 1 
ATOM   505  N ND2 . ASN A 1 73  ? 21.81048  -0.70985  3.53762   1.000 42.21771 ? 73  ASN A ND2 1 
ATOM   506  N N   . ILE A 1 74  ? 16.93410  -1.72173  1.76107   1.000 27.49673 ? 74  ILE A N   1 
ATOM   507  C CA  . ILE A 1 74  ? 16.06934  -0.70820  1.16828   1.000 27.91394 ? 74  ILE A CA  1 
ATOM   508  C C   . ILE A 1 74  ? 15.35016  -0.00430  2.30886   1.000 24.73764 ? 74  ILE A C   1 
ATOM   509  O O   . ILE A 1 74  ? 14.46904  -0.58538  2.95389   1.000 21.69086 ? 74  ILE A O   1 
ATOM   510  C CB  . ILE A 1 74  ? 15.07557  -1.32061  0.17219   1.000 24.35618 ? 74  ILE A CB  1 
ATOM   511  C CG1 . ILE A 1 74  ? 15.82619  -1.97512  -0.98763  1.000 27.46092 ? 74  ILE A CG1 1 
ATOM   512  C CG2 . ILE A 1 74  ? 14.11537  -0.26019  -0.34060  1.000 23.64885 ? 74  ILE A CG2 1 
ATOM   513  C CD1 . ILE A 1 74  ? 14.94907  -2.79544  -1.89824  1.000 25.26494 ? 74  ILE A CD1 1 
ATOM   514  N N   . THR A 1 75  ? 15.72085  1.25085   2.56145   1.000 21.22608 ? 75  THR A N   1 
ATOM   515  C CA  . THR A 1 75  ? 15.23855  1.97941   3.72353   1.000 25.15983 ? 75  THR A CA  1 
ATOM   516  C C   . THR A 1 75  ? 14.46257  3.24619   3.39047   1.000 23.11061 ? 75  THR A C   1 
ATOM   517  O O   . THR A 1 75  ? 13.89395  3.85245   4.30420   1.000 25.91721 ? 75  THR A O   1 
ATOM   518  C CB  . THR A 1 75  ? 16.41377  2.35459   4.64134   1.000 30.88967 ? 75  THR A CB  1 
ATOM   519  O OG1 . THR A 1 75  ? 17.13534  3.44782   4.06268   1.000 32.81709 ? 75  THR A OG1 1 
ATOM   520  C CG2 . THR A 1 75  ? 17.36005  1.17320   4.80301   1.000 28.29125 ? 75  THR A CG2 1 
ATOM   521  N N   . THR A 1 76  ? 14.42716  3.66721   2.13342   1.000 21.15940 ? 76  THR A N   1 
ATOM   522  C CA  . THR A 1 76  ? 13.69950  4.84940   1.70051   1.000 26.76192 ? 76  THR A CA  1 
ATOM   523  C C   . THR A 1 76  ? 12.83405  4.49321   0.50339   1.000 20.98143 ? 76  THR A C   1 
ATOM   524  O O   . THR A 1 76  ? 13.07218  3.48095   -0.16284  1.000 20.86495 ? 76  THR A O   1 
ATOM   525  C CB  . THR A 1 76  ? 14.65503  5.99352   1.32481   1.000 22.49873 ? 76  THR A CB  1 
ATOM   526  O OG1 . THR A 1 76  ? 15.34829  5.65933   0.11740   1.000 28.47852 ? 76  THR A OG1 1 
ATOM   527  C CG2 . THR A 1 76  ? 15.66794  6.24581   2.43395   1.000 24.04172 ? 76  THR A CG2 1 
ATOM   528  N N   . PRO A 1 77  ? 11.80884  5.30156   0.20661   1.000 22.15054 ? 77  PRO A N   1 
ATOM   529  C CA  . PRO A 1 77  ? 10.98313  5.01619   -0.97920  1.000 23.10788 ? 77  PRO A CA  1 
ATOM   530  C C   . PRO A 1 77  ? 11.74983  5.07967   -2.28918  1.000 24.96430 ? 77  PRO A C   1 
ATOM   531  O O   . PRO A 1 77  ? 11.43120  4.32653   -3.21729  1.000 20.13344 ? 77  PRO A O   1 
ATOM   532  C CB  . PRO A 1 77  ? 9.89210   6.09376   -0.91530  1.000 28.47333 ? 77  PRO A CB  1 
ATOM   533  C CG  . PRO A 1 77  ? 9.83643   6.49748   0.51895   1.000 24.09383 ? 77  PRO A CG  1 
ATOM   534  C CD  . PRO A 1 77  ? 11.23848  6.38188   1.03069   1.000 24.65413 ? 77  PRO A CD  1 
ATOM   535  N N   . GLU A 1 78  ? 12.74763  5.95976   -2.40360  1.000 23.82454 ? 78  GLU A N   1 
ATOM   536  C CA  . GLU A 1 78  ? 13.49946  6.05457   -3.64966  1.000 24.51598 ? 78  GLU A CA  1 
ATOM   537  C C   . GLU A 1 78  ? 14.51321  4.92702   -3.78512  1.000 20.16229 ? 78  GLU A C   1 
ATOM   538  O O   . GLU A 1 78  ? 14.85980  4.54424   -4.90824  1.000 20.59080 ? 78  GLU A O   1 
ATOM   539  C CB  . GLU A 1 78  ? 14.19741  7.41208   -3.75303  1.000 26.74102 ? 78  GLU A CB  1 
ATOM   540  C CG  . GLU A 1 78  ? 14.70678  7.73996   -5.15426  1.000 27.05086 ? 78  GLU A CG  1 
ATOM   541  C CD  . GLU A 1 78  ? 13.59143  7.80905   -6.18801  1.000 29.47244 ? 78  GLU A CD  1 
ATOM   542  O OE1 . GLU A 1 78  ? 12.44505  8.15017   -5.82057  1.000 26.81725 ? 78  GLU A OE1 1 
ATOM   543  O OE2 . GLU A 1 78  ? 13.85870  7.52164   -7.37386  1.000 34.45895 ? 78  GLU A OE2 1 
ATOM   544  N N   . GLU A 1 79  ? 15.00317  4.38957   -2.66408  1.000 19.27747 ? 79  GLU A N   1 
ATOM   545  C CA  . GLU A 1 79  ? 15.79249  3.16555   -2.73032  1.000 19.79257 ? 79  GLU A CA  1 
ATOM   546  C C   . GLU A 1 79  ? 14.93654  1.98768   -3.17837  1.000 21.84941 ? 79  GLU A C   1 
ATOM   547  O O   . GLU A 1 79  ? 15.45037  1.03501   -3.77491  1.000 25.16266 ? 79  GLU A O   1 
ATOM   548  C CB  . GLU A 1 79  ? 16.44119  2.87833   -1.37513  1.000 24.64967 ? 79  GLU A CB  1 
ATOM   549  C CG  . GLU A 1 79  ? 17.63959  3.77206   -1.06379  1.000 26.91723 ? 79  GLU A CG  1 
ATOM   550  C CD  . GLU A 1 79  ? 18.21579  3.52379   0.31813   1.000 30.40976 ? 79  GLU A CD  1 
ATOM   551  O OE1 . GLU A 1 79  ? 17.62593  2.73372   1.08296   1.000 25.35569 ? 79  GLU A OE1 1 
ATOM   552  O OE2 . GLU A 1 79  ? 19.26193  4.12127   0.64235   1.000 31.49910 ? 79  GLU A OE2 1 
ATOM   553  N N   . PHE A 1 80  ? 13.63081  2.04047   -2.90592  1.000 20.48837 ? 80  PHE A N   1 
ATOM   554  C CA  . PHE A 1 80  ? 12.72654  1.02726   -3.43459  1.000 24.12579 ? 80  PHE A CA  1 
ATOM   555  C C   . PHE A 1 80  ? 12.49942  1.22607   -4.92670  1.000 23.50179 ? 80  PHE A C   1 
ATOM   556  O O   . PHE A 1 80  ? 12.47056  0.25278   -5.68685  1.000 22.69690 ? 80  PHE A O   1 
ATOM   557  C CB  . PHE A 1 80  ? 11.39922  1.05732   -2.67557  1.000 22.94397 ? 80  PHE A CB  1 
ATOM   558  C CG  . PHE A 1 80  ? 10.41377  0.02573   -3.14484  1.000 20.71144 ? 80  PHE A CG  1 
ATOM   559  C CD1 . PHE A 1 80  ? 10.70638  -1.32365  -3.04020  1.000 22.18547 ? 80  PHE A CD1 1 
ATOM   560  C CD2 . PHE A 1 80  ? 9.19741   0.40398   -3.68981  1.000 24.55905 ? 80  PHE A CD2 1 
ATOM   561  C CE1 . PHE A 1 80  ? 9.80497   -2.27943  -3.47284  1.000 24.93189 ? 80  PHE A CE1 1 
ATOM   562  C CE2 . PHE A 1 80  ? 8.29084   -0.54686  -4.12151  1.000 20.44741 ? 80  PHE A CE2 1 
ATOM   563  C CZ  . PHE A 1 80  ? 8.59515   -1.88991  -4.01155  1.000 23.52320 ? 80  PHE A CZ  1 
ATOM   564  N N   . ASN A 1 81  ? 12.34134  2.47886   -5.36404  1.000 20.81618 ? 81  ASN A N   1 
ATOM   565  C CA  . ASN A 1 81  ? 12.16835  2.74918   -6.78886  1.000 23.41424 ? 81  ASN A CA  1 
ATOM   566  C C   . ASN A 1 81  ? 13.40170  2.33930   -7.58140  1.000 27.62514 ? 81  ASN A C   1 
ATOM   567  O O   . ASN A 1 81  ? 13.28411  1.75198   -8.66333  1.000 25.84840 ? 81  ASN A O   1 
ATOM   568  C CB  . ASN A 1 81  ? 11.85487  4.22875   -7.01417  1.000 24.24410 ? 81  ASN A CB  1 
ATOM   569  C CG  . ASN A 1 81  ? 10.50401  4.62946   -6.45596  1.000 29.34807 ? 81  ASN A CG  1 
ATOM   570  O OD1 . ASN A 1 81  ? 9.57139   3.82506   -6.41382  1.000 29.90070 ? 81  ASN A OD1 1 
ATOM   571  N ND2 . ASN A 1 81  ? 10.39265  5.87832   -6.02139  1.000 23.06501 ? 81  ASN A ND2 1 
ATOM   572  N N   . ALA A 1 82  ? 14.59573  2.64264   -7.06152  1.000 21.34515 ? 82  ALA A N   1 
ATOM   573  C CA  . ALA A 1 82  ? 15.82181  2.18824   -7.71123  1.000 26.73786 ? 82  ALA A CA  1 
ATOM   574  C C   . ALA A 1 82  ? 15.87383  0.66874   -7.78014  1.000 25.05220 ? 82  ALA A C   1 
ATOM   575  O O   . ALA A 1 82  ? 16.35165  0.09863   -8.76750  1.000 24.42424 ? 82  ALA A O   1 
ATOM   576  C CB  . ALA A 1 82  ? 17.04194  2.73218   -6.96853  1.000 21.53907 ? 82  ALA A CB  1 
ATOM   577  N N   . PHE A 1 83  ? 15.38437  -0.00294  -6.73514  1.000 22.25156 ? 83  PHE A N   1 
ATOM   578  C CA  . PHE A 1 83  ? 15.31888  -1.46058  -6.74525  1.000 26.87742 ? 83  PHE A CA  1 
ATOM   579  C C   . PHE A 1 83  ? 14.36440  -1.96577  -7.82171  1.000 26.37888 ? 83  PHE A C   1 
ATOM   580  O O   . PHE A 1 83  ? 14.67675  -2.92434  -8.53737  1.000 25.92821 ? 83  PHE A O   1 
ATOM   581  C CB  . PHE A 1 83  ? 14.89509  -1.96520  -5.36508  1.000 24.25667 ? 83  PHE A CB  1 
ATOM   582  C CG  . PHE A 1 83  ? 14.31844  -3.35020  -5.37206  1.000 27.49307 ? 83  PHE A CG  1 
ATOM   583  C CD1 . PHE A 1 83  ? 15.14657  -4.45827  -5.42076  1.000 33.26897 ? 83  PHE A CD1 1 
ATOM   584  C CD2 . PHE A 1 83  ? 12.94674  -3.54575  -5.31752  1.000 26.13567 ? 83  PHE A CD2 1 
ATOM   585  C CE1 . PHE A 1 83  ? 14.62021  -5.73602  -5.42262  1.000 32.08373 ? 83  PHE A CE1 1 
ATOM   586  C CE2 . PHE A 1 83  ? 12.41457  -4.82218  -5.31778  1.000 28.15536 ? 83  PHE A CE2 1 
ATOM   587  C CZ  . PHE A 1 83  ? 13.25437  -5.91882  -5.37112  1.000 31.61018 ? 83  PHE A CZ  1 
ATOM   588  N N   . LEU A 1 84  ? 13.19103  -1.33733  -7.94495  1.000 22.15212 ? 84  LEU A N   1 
ATOM   589  C CA  . LEU A 1 84  ? 12.22506  -1.74843  -8.96084  1.000 26.19764 ? 84  LEU A CA  1 
ATOM   590  C C   . LEU A 1 84  ? 12.80292  -1.60353  -10.36124 1.000 27.25527 ? 84  LEU A C   1 
ATOM   591  O O   . LEU A 1 84  ? 12.55689  -2.44343  -11.23434 1.000 24.51638 ? 84  LEU A O   1 
ATOM   592  C CB  . LEU A 1 84  ? 10.94013  -0.92389  -8.83394  1.000 25.88780 ? 84  LEU A CB  1 
ATOM   593  C CG  . LEU A 1 84  ? 10.05394  -1.12970  -7.60490  1.000 22.78728 ? 84  LEU A CG  1 
ATOM   594  C CD1 . LEU A 1 84  ? 8.92324   -0.11784  -7.59563  1.000 19.92103 ? 84  LEU A CD1 1 
ATOM   595  C CD2 . LEU A 1 84  ? 9.50131   -2.54669  -7.57769  1.000 20.02104 ? 84  LEU A CD2 1 
ATOM   596  N N   . LYS A 1 85  ? 13.56362  -0.53462  -10.60046 1.000 25.56639 ? 85  LYS A N   1 
ATOM   597  C CA  . LYS A 1 85  ? 14.13508  -0.33139  -11.92415 1.000 31.53852 ? 85  LYS A CA  1 
ATOM   598  C C   . LYS A 1 85  ? 15.25836  -1.32244  -12.20180 1.000 29.51705 ? 85  LYS A C   1 
ATOM   599  O O   . LYS A 1 85  ? 15.48061  -1.69731  -13.35753 1.000 29.49385 ? 85  LYS A O   1 
ATOM   600  C CB  . LYS A 1 85  ? 14.61151  1.11373   -12.06411 1.000 28.08572 ? 85  LYS A CB  1 
ATOM   601  C CG  . LYS A 1 85  ? 13.48856  2.12565   -11.83687 1.000 35.99087 ? 85  LYS A CG  1 
ATOM   602  C CD  . LYS A 1 85  ? 13.79195  3.47293   -12.46742 1.000 42.66889 ? 85  LYS A CD  1 
ATOM   603  C CE  . LYS A 1 85  ? 14.92938  4.16979   -11.75164 1.000 40.94381 ? 85  LYS A CE  1 
ATOM   604  N NZ  . LYS A 1 85  ? 14.65645  4.37648   -10.29850 1.000 36.05600 ? 85  LYS A NZ  1 
ATOM   605  N N   . GLU A 1 86  ? 15.96309  -1.76833  -11.16220 1.000 25.90091 ? 86  GLU A N   1 
ATOM   606  C CA  . GLU A 1 86  ? 16.89611  -2.87544  -11.33556 1.000 31.28248 ? 86  GLU A CA  1 
ATOM   607  C C   . GLU A 1 86  ? 16.14936  -4.15943  -11.67483 1.000 29.12817 ? 86  GLU A C   1 
ATOM   608  O O   . GLU A 1 86  ? 16.61746  -4.96299  -12.49159 1.000 34.19702 ? 86  GLU A O   1 
ATOM   609  C CB  . GLU A 1 86  ? 17.73799  -3.05467  -10.07302 1.000 32.95544 ? 86  GLU A CB  1 
ATOM   610  C CG  . GLU A 1 86  ? 19.16861  -3.48555  -10.34206 1.000 44.61895 ? 86  GLU A CG  1 
ATOM   611  C CD  . GLU A 1 86  ? 19.84760  -4.06125  -9.11431  1.000 53.36468 ? 86  GLU A CD  1 
ATOM   612  O OE1 . GLU A 1 86  ? 19.22907  -4.90075  -8.42514  1.000 49.59227 ? 86  GLU A OE1 1 
ATOM   613  O OE2 . GLU A 1 86  ? 21.00090  -3.67172  -8.83896  1.000 51.76508 ? 86  GLU A OE2 1 
ATOM   614  N N   . LYS A 1 87  ? 14.97621  -4.35880  -11.06758 1.000 33.48078 ? 87  LYS A N   1 
ATOM   615  C CA  . LYS A 1 87  ? 14.16284  -5.53045  -11.37261 1.000 30.03278 ? 87  LYS A CA  1 
ATOM   616  C C   . LYS A 1 87  ? 13.66974  -5.51345  -12.81265 1.000 29.61133 ? 87  LYS A C   1 
ATOM   617  O O   . LYS A 1 87  ? 13.48681  -6.57363  -13.42123 1.000 33.78956 ? 87  LYS A O   1 
ATOM   618  C CB  . LYS A 1 87  ? 12.98220  -5.60966  -10.40625 1.000 34.17159 ? 87  LYS A CB  1 
ATOM   619  C CG  . LYS A 1 87  ? 13.23035  -6.50428  -9.20936  1.000 37.30416 ? 87  LYS A CG  1 
ATOM   620  C CD  . LYS A 1 87  ? 13.28633  -7.96146  -9.63657  1.000 41.58061 ? 87  LYS A CD  1 
ATOM   621  C CE  . LYS A 1 87  ? 13.74097  -8.85363  -8.49760  1.000 44.10977 ? 87  LYS A CE  1 
ATOM   622  N NZ  . LYS A 1 87  ? 15.11827  -8.50034  -8.06409  1.000 52.86539 ? 87  LYS A NZ  1 
ATOM   623  N N   . GLY A 1 88  ? 13.45489  -4.33186  -13.37148 1.000 30.13414 ? 88  GLY A N   1 
ATOM   624  C CA  . GLY A 1 88  ? 13.00131  -4.19312  -14.73996 1.000 29.02331 ? 88  GLY A CA  1 
ATOM   625  C C   . GLY A 1 88  ? 11.70521  -3.41272  -14.83270 1.000 31.23538 ? 88  GLY A C   1 
ATOM   626  O O   . GLY A 1 88  ? 11.02153  -3.14707  -13.84512 1.000 28.04040 ? 88  GLY A O   1 
ATOM   627  N N   . LYS A 1 89  ? 11.38436  -3.04627  -16.07585 1.000 27.95753 ? 89  LYS A N   1 
ATOM   628  C CA  . LYS A 1 89  ? 10.19510  -2.24480  -16.33713 1.000 31.42517 ? 89  LYS A CA  1 
ATOM   629  C C   . LYS A 1 89  ? 8.92242   -2.97885  -15.93124 1.000 31.90626 ? 89  LYS A C   1 
ATOM   630  O O   . LYS A 1 89  ? 7.93025   -2.34030  -15.56373 1.000 26.14119 ? 89  LYS A O   1 
ATOM   631  C CB  . LYS A 1 89  ? 10.15430  -1.85808  -17.81473 1.000 30.12892 ? 89  LYS A CB  1 
ATOM   632  C CG  . LYS A 1 89  ? 9.03734   -0.90657  -18.19817 1.000 35.56731 ? 89  LYS A CG  1 
ATOM   633  C CD  . LYS A 1 89  ? 9.28069   -0.32507  -19.58208 1.000 40.58753 ? 89  LYS A CD  1 
ATOM   634  C CE  . LYS A 1 89  ? 8.02309   -0.36542  -20.43405 1.000 43.43103 ? 89  LYS A CE  1 
ATOM   635  N NZ  . LYS A 1 89  ? 6.91960   0.43649   -19.84473 1.000 34.46515 ? 89  LYS A NZ  1 
ATOM   636  N N   . ARG A 1 90  ? 8.93257   -4.31369  -15.98081 1.000 27.54583 ? 90  ARG A N   1 
ATOM   637  C CA  . ARG A 1 90  ? 7.76423   -5.07348  -15.54765 1.000 27.38013 ? 90  ARG A CA  1 
ATOM   638  C C   . ARG A 1 90  ? 7.46244   -4.82768  -14.07589 1.000 28.30951 ? 90  ARG A C   1 
ATOM   639  O O   . ARG A 1 90  ? 6.30245   -4.62384  -13.69883 1.000 26.12478 ? 90  ARG A O   1 
ATOM   640  C CB  . ARG A 1 90  ? 7.97938   -6.56374  -15.80200 1.000 28.12627 ? 90  ARG A CB  1 
ATOM   641  C CG  . ARG A 1 90  ? 6.90114   -7.45429  -15.19714 1.000 28.59112 ? 90  ARG A CG  1 
ATOM   642  C CD  . ARG A 1 90  ? 5.54185   -7.16238  -15.80183 1.000 34.50818 ? 90  ARG A CD  1 
ATOM   643  N NE  . ARG A 1 90  ? 4.50541   -8.04448  -15.27981 1.000 37.97514 ? 90  ARG A NE  1 
ATOM   644  C CZ  . ARG A 1 90  ? 3.21787   -7.93882  -15.57735 1.000 42.84531 ? 90  ARG A CZ  1 
ATOM   645  N NH1 . ARG A 1 90  ? 2.76933   -6.98544  -16.37860 1.000 47.25971 ? 90  ARG A NH1 1 
ATOM   646  N NH2 . ARG A 1 90  ? 2.35663   -8.80964  -15.05717 1.000 41.49801 ? 90  ARG A NH2 1 
ATOM   647  N N   . ALA A 1 91  ? 8.49395   -4.84204  -13.23019 1.000 24.96809 ? 91  ALA A N   1 
ATOM   648  C CA  . ALA A 1 91  ? 8.28117   -4.61027  -11.80641 1.000 25.95498 ? 91  ALA A CA  1 
ATOM   649  C C   . ALA A 1 91  ? 7.84143   -3.17645  -11.53901 1.000 24.11666 ? 91  ALA A C   1 
ATOM   650  O O   . ALA A 1 91  ? 6.95738   -2.93832  -10.70807 1.000 22.19735 ? 91  ALA A O   1 
ATOM   651  C CB  . ALA A 1 91  ? 9.55175   -4.93742  -11.02512 1.000 26.37832 ? 91  ALA A CB  1 
ATOM   652  N N   . VAL A 1 92  ? 8.45187   -2.21114  -12.23266 1.000 25.50397 ? 92  VAL A N   1 
ATOM   653  C CA  . VAL A 1 92  ? 8.06569   -0.80960  -12.08176 1.000 26.40036 ? 92  VAL A CA  1 
ATOM   654  C C   . VAL A 1 92  ? 6.58570   -0.63532  -12.39477 1.000 24.84234 ? 92  VAL A C   1 
ATOM   655  O O   . VAL A 1 92  ? 5.83094   -0.04010  -11.61652 1.000 23.86826 ? 92  VAL A O   1 
ATOM   656  C CB  . VAL A 1 92  ? 8.93476   0.08807   -12.98184 1.000 24.65362 ? 92  VAL A CB  1 
ATOM   657  C CG1 . VAL A 1 92  ? 8.41222   1.52033   -12.97473 1.000 23.52248 ? 92  VAL A CG1 1 
ATOM   658  C CG2 . VAL A 1 92  ? 10.39301  0.04419   -12.54107 1.000 26.96013 ? 92  VAL A CG2 1 
ATOM   659  N N   . ASP A 1 93  ? 6.15032   -1.16477  -13.54046 1.000 23.65499 ? 93  ASP A N   1 
ATOM   660  C CA  . ASP A 1 93  ? 4.77219   -0.96835  -13.97844 1.000 30.67463 ? 93  ASP A CA  1 
ATOM   661  C C   . ASP A 1 93  ? 3.78531   -1.76581  -13.13537 1.000 26.12853 ? 93  ASP A C   1 
ATOM   662  O O   . ASP A 1 93  ? 2.64915   -1.32199  -12.93685 1.000 26.69092 ? 93  ASP A O   1 
ATOM   663  C CB  . ASP A 1 93  ? 4.63607   -1.34374  -15.45501 1.000 29.66914 ? 93  ASP A CB  1 
ATOM   664  C CG  . ASP A 1 93  ? 5.38120   -0.38844  -16.36858 1.000 31.39916 ? 93  ASP A CG  1 
ATOM   665  O OD1 . ASP A 1 93  ? 5.89017   0.63921   -15.87089 1.000 32.55558 ? 93  ASP A OD1 1 
ATOM   666  O OD2 . ASP A 1 93  ? 5.45988   -0.66430  -17.58437 1.000 34.23814 ? 93  ASP A OD2 1 
ATOM   667  N N   . LEU A 1 94  ? 4.19007   -2.93687  -12.63810 1.000 19.88312 ? 94  LEU A N   1 
ATOM   668  C CA  . LEU A 1 94  ? 3.29088   -3.73330  -11.80837 1.000 24.89174 ? 94  LEU A CA  1 
ATOM   669  C C   . LEU A 1 94  ? 2.97780   -3.02466  -10.49597 1.000 26.34248 ? 94  LEU A C   1 
ATOM   670  O O   . LEU A 1 94  ? 1.82303   -3.00651  -10.05354 1.000 23.96035 ? 94  LEU A O   1 
ATOM   671  C CB  . LEU A 1 94  ? 3.89874   -5.10995  -11.54510 1.000 25.88068 ? 94  LEU A CB  1 
ATOM   672  C CG  . LEU A 1 94  ? 3.13253   -6.03139  -10.59161 1.000 29.83789 ? 94  LEU A CG  1 
ATOM   673  C CD1 . LEU A 1 94  ? 1.69884   -6.23588  -11.05816 1.000 30.03938 ? 94  LEU A CD1 1 
ATOM   674  C CD2 . LEU A 1 94  ? 3.84219   -7.36724  -10.45831 1.000 30.28263 ? 94  LEU A CD2 1 
ATOM   675  N N   . VAL A 1 95  ? 3.99273   -2.43199  -9.86359  1.000 24.31627 ? 95  VAL A N   1 
ATOM   676  C CA  . VAL A 1 95  ? 3.76534   -1.70142  -8.62154  1.000 22.75554 ? 95  VAL A CA  1 
ATOM   677  C C   . VAL A 1 95  ? 2.95529   -0.43960  -8.88597  1.000 20.81507 ? 95  VAL A C   1 
ATOM   678  O O   . VAL A 1 95  ? 2.07121   -0.08138  -8.09994  1.000 16.37505 ? 95  VAL A O   1 
ATOM   679  C CB  . VAL A 1 95  ? 5.10721   -1.38754  -7.93345  1.000 20.57608 ? 95  VAL A CB  1 
ATOM   680  C CG1 . VAL A 1 95  ? 4.88560   -0.55131  -6.68393  1.000 19.68774 ? 95  VAL A CG1 1 
ATOM   681  C CG2 . VAL A 1 95  ? 5.83255   -2.67326  -7.58721  1.000 19.92108 ? 95  VAL A CG2 1 
ATOM   682  N N   . ALA A 1 96  ? 3.22971   0.24752   -9.99883  1.000 24.15423 ? 96  ALA A N   1 
ATOM   683  C CA  . ALA A 1 96  ? 2.46960   1.44729   -10.33460 1.000 23.81884 ? 96  ALA A CA  1 
ATOM   684  C C   . ALA A 1 96  ? 0.99423   1.12783   -10.54064 1.000 24.93128 ? 96  ALA A C   1 
ATOM   685  O O   . ALA A 1 96  ? 0.11986   1.92160   -10.17331 1.000 24.24064 ? 96  ALA A O   1 
ATOM   686  C CB  . ALA A 1 96  ? 3.05560   2.10823   -11.58169 1.000 27.65701 ? 96  ALA A CB  1 
ATOM   687  N N   . THR A 1 97  ? 0.69882   -0.03456  -11.12663 1.000 23.18313 ? 97  THR A N   1 
ATOM   688  C CA  . THR A 1 97  ? -0.68905  -0.43960  -11.32955 1.000 27.61741 ? 97  THR A CA  1 
ATOM   689  C C   . THR A 1 97  ? -1.38477  -0.70697  -9.99932  1.000 28.78106 ? 97  THR A C   1 
ATOM   690  O O   . THR A 1 97  ? -2.52535  -0.27836  -9.78556  1.000 27.05364 ? 97  THR A O   1 
ATOM   691  C CB  . THR A 1 97  ? -0.74276  -1.67923  -12.22361 1.000 29.41397 ? 97  THR A CB  1 
ATOM   692  O OG1 . THR A 1 97  ? -0.20245  -1.36189  -13.51267 1.000 35.67160 ? 97  THR A OG1 1 
ATOM   693  C CG2 . THR A 1 97  ? -2.17472  -2.16835  -12.38142 1.000 37.07952 ? 97  THR A CG2 1 
ATOM   694  N N   . LEU A 1 98  ? -0.71487  -1.42338  -9.09453  1.000 28.16477 ? 98  LEU A N   1 
ATOM   695  C CA  . LEU A 1 98  ? -1.29597  -1.67665  -7.77946  1.000 25.12733 ? 98  LEU A CA  1 
ATOM   696  C C   . LEU A 1 98  ? -1.44020  -0.38502  -6.98583  1.000 21.98097 ? 98  LEU A C   1 
ATOM   697  O O   . LEU A 1 98  ? -2.41064  -0.21051  -6.24074  1.000 21.57385 ? 98  LEU A O   1 
ATOM   698  C CB  . LEU A 1 98  ? -0.43442  -2.68190  -7.02082  1.000 24.19045 ? 98  LEU A CB  1 
ATOM   699  C CG  . LEU A 1 98  ? -0.34306  -4.05188  -7.68849  1.000 33.07191 ? 98  LEU A CG  1 
ATOM   700  C CD1 . LEU A 1 98  ? 0.88243   -4.79173  -7.20674  1.000 28.41315 ? 98  LEU A CD1 1 
ATOM   701  C CD2 . LEU A 1 98  ? -1.60138  -4.85895  -7.40827  1.000 34.29095 ? 98  LEU A CD2 1 
ATOM   702  N N   . THR A 1 99  ? -0.48018  0.52925   -7.13428  1.000 23.34674 ? 99  THR A N   1 
ATOM   703  C CA  . THR A 1 99  ? -0.56833  1.83368   -6.48894  1.000 23.87114 ? 99  THR A CA  1 
ATOM   704  C C   . THR A 1 99  ? -1.85340  2.55207   -6.87666  1.000 20.32001 ? 99  THR A C   1 
ATOM   705  O O   . THR A 1 99  ? -2.61462  3.00500   -6.01500  1.000 24.09167 ? 99  THR A O   1 
ATOM   706  C CB  . THR A 1 99  ? 0.65028   2.67815   -6.86654  1.000 25.27467 ? 99  THR A CB  1 
ATOM   707  O OG1 . THR A 1 99  ? 1.81810   2.14894   -6.22990  1.000 25.13729 ? 99  THR A OG1 1 
ATOM   708  C CG2 . THR A 1 99  ? 0.45499   4.12677   -6.45269  1.000 23.04457 ? 99  THR A CG2 1 
ATOM   709  N N   . ASN A 1 100 ? -2.11486  2.65470   -8.18147  1.000 21.38838 ? 100 ASN A N   1 
ATOM   710  C CA  . ASN A 1 100 ? -3.32420  3.32753   -8.63679  1.000 25.99085 ? 100 ASN A CA  1 
ATOM   711  C C   . ASN A 1 100 ? -4.57385  2.53266   -8.28835  1.000 22.82076 ? 100 ASN A C   1 
ATOM   712  O O   . ASN A 1 100 ? -5.64996  3.11653   -8.12081  1.000 20.66256 ? 100 ASN A O   1 
ATOM   713  C CB  . ASN A 1 100 ? -3.23677  3.58571   -10.13804 1.000 28.42852 ? 100 ASN A CB  1 
ATOM   714  C CG  . ASN A 1 100 ? -2.11718  4.55404   -10.49217 1.000 32.63823 ? 100 ASN A CG  1 
ATOM   715  O OD1 . ASN A 1 100 ? -1.77848  5.43855   -9.70656  1.000 36.61733 ? 100 ASN A OD1 1 
ATOM   716  N ND2 . ASN A 1 100 ? -1.53876  4.38840   -11.67478 1.000 37.61230 ? 100 ASN A ND2 1 
ATOM   717  N N   . ALA A 1 101 ? -4.45399  1.20859   -8.16324  1.000 21.72319 ? 101 ALA A N   1 
ATOM   718  C CA  . ALA A 1 101 ? -5.58456  0.40613   -7.71096  1.000 25.30987 ? 101 ALA A CA  1 
ATOM   719  C C   . ALA A 1 101 ? -5.94124  0.72719   -6.26419  1.000 20.15399 ? 101 ALA A C   1 
ATOM   720  O O   . ALA A 1 101 ? -7.12348  0.81549   -5.91808  1.000 29.25745 ? 101 ALA A O   1 
ATOM   721  C CB  . ALA A 1 101 ? -5.27226  -1.08063  -7.87200  1.000 29.09507 ? 101 ALA A CB  1 
ATOM   722  N N   . TYR A 1 102 ? -4.93024  0.90121   -5.40786  1.000 18.78414 ? 102 TYR A N   1 
ATOM   723  C CA  . TYR A 1 102 ? -5.17891  1.32626   -4.03450  1.000 22.94604 ? 102 TYR A CA  1 
ATOM   724  C C   . TYR A 1 102 ? -5.88806  2.67299   -3.99311  1.000 25.10262 ? 102 TYR A C   1 
ATOM   725  O O   . TYR A 1 102 ? -6.77773  2.89133   -3.16122  1.000 18.55428 ? 102 TYR A O   1 
ATOM   726  C CB  . TYR A 1 102 ? -3.86315  1.39925   -3.26037  1.000 22.05003 ? 102 TYR A CB  1 
ATOM   727  C CG  . TYR A 1 102 ? -3.43546  0.10062   -2.61528  1.000 23.25170 ? 102 TYR A CG  1 
ATOM   728  C CD1 . TYR A 1 102 ? -3.24288  -1.04831  -3.37135  1.000 25.78278 ? 102 TYR A CD1 1 
ATOM   729  C CD2 . TYR A 1 102 ? -3.20756  0.02941   -1.24754  1.000 26.46132 ? 102 TYR A CD2 1 
ATOM   730  C CE1 . TYR A 1 102 ? -2.84409  -2.23287  -2.78089  1.000 27.21885 ? 102 TYR A CE1 1 
ATOM   731  C CE2 . TYR A 1 102 ? -2.80876  -1.15029  -0.64856  1.000 28.20469 ? 102 TYR A CE2 1 
ATOM   732  C CZ  . TYR A 1 102 ? -2.63023  -2.27858  -1.42015  1.000 28.77882 ? 102 TYR A CZ  1 
ATOM   733  O OH  . TYR A 1 102 ? -2.23324  -3.45704  -0.83128  1.000 26.81955 ? 102 TYR A OH  1 
ATOM   734  N N   . ILE A 1 103 ? -5.49939  3.59396   -4.87654  1.000 25.31292 ? 103 ILE A N   1 
ATOM   735  C CA  . ILE A 1 103 ? -6.14544  4.90240   -4.92520  1.000 22.31121 ? 103 ILE A CA  1 
ATOM   736  C C   . ILE A 1 103 ? -7.60612  4.75978   -5.33396  1.000 23.15927 ? 103 ILE A C   1 
ATOM   737  O O   . ILE A 1 103 ? -8.49478  5.38883   -4.74686  1.000 27.03325 ? 103 ILE A O   1 
ATOM   738  C CB  . ILE A 1 103 ? -5.37873  5.83984   -5.87512  1.000 23.27526 ? 103 ILE A CB  1 
ATOM   739  C CG1 . ILE A 1 103 ? -3.98798  6.15089   -5.31607  1.000 21.76117 ? 103 ILE A CG1 1 
ATOM   740  C CG2 . ILE A 1 103 ? -6.16128  7.12419   -6.11153  1.000 23.37106 ? 103 ILE A CG2 1 
ATOM   741  C CD1 . ILE A 1 103 ? -4.01411  6.97132   -4.04876  1.000 19.89937 ? 103 ILE A CD1 1 
ATOM   742  N N   . ALA A 1 104 ? -7.87955  3.92599   -6.34020  1.000 23.91475 ? 104 ALA A N   1 
ATOM   743  C CA  . ALA A 1 104 ? -9.25432  3.73543   -6.79077  1.000 28.31886 ? 104 ALA A CA  1 
ATOM   744  C C   . ALA A 1 104 ? -10.11362 3.10826   -5.69993  1.000 30.84295 ? 104 ALA A C   1 
ATOM   745  O O   . ALA A 1 104 ? -11.28605 3.46907   -5.54009  1.000 27.72898 ? 104 ALA A O   1 
ATOM   746  C CB  . ALA A 1 104 ? -9.27787  2.87493   -8.05401  1.000 25.43691 ? 104 ALA A CB  1 
ATOM   747  N N   . VAL A 1 105 ? -9.54600  2.16819   -4.93829  1.000 27.48281 ? 105 VAL A N   1 
ATOM   748  C CA  . VAL A 1 105 ? -10.28684 1.53613   -3.84804  1.000 27.88169 ? 105 VAL A CA  1 
ATOM   749  C C   . VAL A 1 105 ? -10.64240 2.56193   -2.77784  1.000 29.57856 ? 105 VAL A C   1 
ATOM   750  O O   . VAL A 1 105 ? -11.76548 2.57316   -2.25726  1.000 27.53372 ? 105 VAL A O   1 
ATOM   751  C CB  . VAL A 1 105 ? -9.47823  0.36016   -3.26790  1.000 30.21671 ? 105 VAL A CB  1 
ATOM   752  C CG1 . VAL A 1 105 ? -10.04141 -0.07126  -1.92324  1.000 29.16378 ? 105 VAL A CG1 1 
ATOM   753  C CG2 . VAL A 1 105 ? -9.47310  -0.81094  -4.24192  1.000 27.08254 ? 105 VAL A CG2 1 
ATOM   754  N N   . LEU A 1 106 ? -9.69695  3.44073   -2.43622  1.000 25.36393 ? 106 LEU A N   1 
ATOM   755  C CA  . LEU A 1 106 ? -9.98346  4.49945   -1.47270  1.000 20.84155 ? 106 LEU A CA  1 
ATOM   756  C C   . LEU A 1 106 ? -11.05240 5.44645   -2.00443  1.000 28.48771 ? 106 LEU A C   1 
ATOM   757  O O   . LEU A 1 106 ? -12.04410 5.72980   -1.32322  1.000 26.78332 ? 106 LEU A O   1 
ATOM   758  C CB  . LEU A 1 106 ? -8.70760  5.27504   -1.13781  1.000 25.89582 ? 106 LEU A CB  1 
ATOM   759  C CG  . LEU A 1 106 ? -7.54206  4.55909   -0.45210  1.000 27.27273 ? 106 LEU A CG  1 
ATOM   760  C CD1 . LEU A 1 106 ? -6.43577  5.55497   -0.15426  1.000 26.48811 ? 106 LEU A CD1 1 
ATOM   761  C CD2 . LEU A 1 106 ? -7.98589  3.85692   0.81792   1.000 24.44122 ? 106 LEU A CD2 1 
ATOM   762  N N   . GLU A 1 107 ? -10.86748 5.94509   -3.22880  1.000 28.46749 ? 107 GLU A N   1 
ATOM   763  C CA  . GLU A 1 107 ? -11.80430 6.89520   -3.81314  1.000 30.25143 ? 107 GLU A CA  1 
ATOM   764  C C   . GLU A 1 107 ? -13.11537 6.25176   -4.24302  1.000 30.99417 ? 107 GLU A C   1 
ATOM   765  O O   . GLU A 1 107 ? -14.01876 6.97053   -4.68196  1.000 35.33146 ? 107 GLU A O   1 
ATOM   766  C CB  . GLU A 1 107 ? -11.16138 7.58781   -5.01676  1.000 29.29072 ? 107 GLU A CB  1 
ATOM   767  C CG  . GLU A 1 107 ? -9.86483  8.31765   -4.69341  1.000 30.44643 ? 107 GLU A CG  1 
ATOM   768  C CD  . GLU A 1 107 ? -9.17794  8.86147   -5.93399  1.000 31.49200 ? 107 GLU A CD  1 
ATOM   769  O OE1 . GLU A 1 107 ? -9.50704  8.40935   -7.05238  1.000 28.88632 ? 107 GLU A OE1 1 
ATOM   770  O OE2 . GLU A 1 107 ? -8.31060  9.74832   -5.79048  1.000 34.82472 ? 107 GLU A OE2 1 
ATOM   771  N N   . GLY A 1 108 ? -13.24462 4.93211   -4.12778  1.000 29.81259 ? 108 GLY A N   1 
ATOM   772  C CA  . GLY A 1 108 ? -14.41377 4.23460   -4.62563  1.000 32.99600 ? 108 GLY A CA  1 
ATOM   773  C C   . GLY A 1 108 ? -15.47449 3.98090   -3.57639  1.000 30.69118 ? 108 GLY A C   1 
ATOM   774  O O   . GLY A 1 108 ? -16.66817 4.13405   -3.84701  1.000 32.85082 ? 108 GLY A O   1 
ATOM   775  N N   . ASP A 1 109 ? -15.05549 3.57866   -2.37822  1.000 37.39237 ? 109 ASP A N   1 
ATOM   776  C CA  . ASP A 1 109 ? -15.97435 3.33904   -1.26286  1.000 36.93615 ? 109 ASP A CA  1 
ATOM   777  C C   . ASP A 1 109 ? -15.39672 3.94707   0.00711   1.000 31.93151 ? 109 ASP A C   1 
ATOM   778  O O   . ASP A 1 109 ? -15.00035 3.23358   0.93532   1.000 31.66896 ? 109 ASP A O   1 
ATOM   779  C CB  . ASP A 1 109 ? -16.23589 1.84210   -1.08553  1.000 38.01873 ? 109 ASP A CB  1 
ATOM   780  C CG  . ASP A 1 109 ? -17.63180 1.55256   -0.56443  1.000 41.36790 ? 109 ASP A CG  1 
ATOM   781  O OD1 . ASP A 1 109 ? -18.04529 2.19715   0.42227   1.000 36.81517 ? 109 ASP A OD1 1 
ATOM   782  O OD2 . ASP A 1 109 ? -18.32425 0.69647   -1.15502  1.000 49.86514 ? 109 ASP A OD2 1 
ATOM   783  N N   . PRO A 1 110 ? -15.33205 5.28075   0.08408   1.000 28.53809 ? 110 PRO A N   1 
ATOM   784  C CA  . PRO A 1 110 ? -14.87140 5.91111   1.33060   1.000 25.91720 ? 110 PRO A CA  1 
ATOM   785  C C   . PRO A 1 110 ? -15.82184 5.70481   2.49701   1.000 25.21312 ? 110 PRO A C   1 
ATOM   786  O O   . PRO A 1 110 ? -15.39224 5.82077   3.65132   1.000 26.20876 ? 110 PRO A O   1 
ATOM   787  C CB  . PRO A 1 110 ? -14.75767 7.39459   0.95383   1.000 32.68839 ? 110 PRO A CB  1 
ATOM   788  C CG  . PRO A 1 110 ? -15.68584 7.56256   -0.19370  1.000 29.14079 ? 110 PRO A CG  1 
ATOM   789  C CD  . PRO A 1 110 ? -15.63844 6.27735   -0.95708  1.000 32.46649 ? 110 PRO A CD  1 
ATOM   790  N N   . GLU A 1 111 ? -17.09428 5.39950   2.23484   1.000 26.32787 ? 111 GLU A N   1 
ATOM   791  C CA  . GLU A 1 111 ? -18.03489 5.15956   3.32408   1.000 31.58584 ? 111 GLU A CA  1 
ATOM   792  C C   . GLU A 1 111 ? -17.72094 3.85334   4.04406   1.000 30.24098 ? 111 GLU A C   1 
ATOM   793  O O   . GLU A 1 111 ? -17.76210 3.79301   5.27798   1.000 29.06030 ? 111 GLU A O   1 
ATOM   794  C CB  . GLU A 1 111 ? -19.46580 5.15030   2.78577   1.000 38.48305 ? 111 GLU A CB  1 
ATOM   795  C CG  . GLU A 1 111 ? -20.46739 5.88208   3.66633   1.000 40.88416 ? 111 GLU A CG  1 
ATOM   796  C CD  . GLU A 1 111 ? -21.85374 5.93532   3.05245   1.000 46.08571 ? 111 GLU A CD  1 
ATOM   797  O OE1 . GLU A 1 111 ? -22.07329 5.26814   2.02031   1.000 53.70857 ? 111 GLU A OE1 1 
ATOM   798  O OE2 . GLU A 1 111 ? -22.72224 6.64599   3.60149   1.000 49.14370 ? 111 GLU A OE2 1 
ATOM   799  N N   . ALA A 1 112 ? -17.39839 2.79852   3.29113   1.000 28.74264 ? 112 ALA A N   1 
ATOM   800  C CA  . ALA A 1 112 ? -17.05291 1.52326   3.91310   1.000 29.00243 ? 112 ALA A CA  1 
ATOM   801  C C   . ALA A 1 112 ? -15.72512 1.61253   4.65493   1.000 30.46937 ? 112 ALA A C   1 
ATOM   802  O O   . ALA A 1 112 ? -15.56782 1.01605   5.72665   1.000 24.13350 ? 112 ALA A O   1 
ATOM   803  C CB  . ALA A 1 112 ? -17.00813 0.41838   2.85951   1.000 26.82240 ? 112 ALA A CB  1 
ATOM   804  N N   . ILE A 1 113 ? -14.75800 2.34820   4.09985   1.000 27.45307 ? 113 ILE A N   1 
ATOM   805  C CA  . ILE A 1 113 ? -13.47891 2.53784   4.78029   1.000 23.25278 ? 113 ILE A CA  1 
ATOM   806  C C   . ILE A 1 113 ? -13.68793 3.22949   6.11921   1.000 25.14998 ? 113 ILE A C   1 
ATOM   807  O O   . ILE A 1 113 ? -13.06548 2.87077   7.12706   1.000 18.66075 ? 113 ILE A O   1 
ATOM   808  C CB  . ILE A 1 113 ? -12.51128 3.33203   3.88507   1.000 23.07493 ? 113 ILE A CB  1 
ATOM   809  C CG1 . ILE A 1 113 ? -12.27388 2.58794   2.57365   1.000 25.67732 ? 113 ILE A CG1 1 
ATOM   810  C CG2 . ILE A 1 113 ? -11.19518 3.57968   4.60997   1.000 27.20932 ? 113 ILE A CG2 1 
ATOM   811  C CD1 . ILE A 1 113 ? -11.41589 3.33252   1.59541   1.000 24.86773 ? 113 ILE A CD1 1 
ATOM   812  N N   . ALA A 1 114 ? -14.56822 4.23326   6.14984   1.000 23.11473 ? 114 ALA A N   1 
ATOM   813  C CA  . ALA A 1 114 ? -14.84667 4.94514   7.39083   1.000 23.41469 ? 114 ALA A CA  1 
ATOM   814  C C   . ALA A 1 114 ? -15.42913 4.00836   8.43986   1.000 22.69894 ? 114 ALA A C   1 
ATOM   815  O O   . ALA A 1 114 ? -14.98464 3.99378   9.59289   1.000 22.76381 ? 114 ALA A O   1 
ATOM   816  C CB  . ALA A 1 114 ? -15.79563 6.11471   7.12172   1.000 21.97372 ? 114 ALA A CB  1 
ATOM   817  N N   . ARG A 1 115 ? -16.43192 3.21578   8.05526   1.000 24.99620 ? 115 ARG A N   1 
ATOM   818  C CA  . ARG A 1 115 ? -17.02493 2.27460   8.99967   1.000 25.84531 ? 115 ARG A CA  1 
ATOM   819  C C   . ARG A 1 115 ? -16.03652 1.19159   9.40785   1.000 25.30224 ? 115 ARG A C   1 
ATOM   820  O O   . ARG A 1 115 ? -16.09577 0.69353   10.53643  1.000 31.00501 ? 115 ARG A O   1 
ATOM   821  C CB  . ARG A 1 115 ? -18.28214 1.64668   8.39928   1.000 29.65189 ? 115 ARG A CB  1 
ATOM   822  C CG  . ARG A 1 115 ? -19.42903 2.62419   8.19697   1.000 32.26521 ? 115 ARG A CG  1 
ATOM   823  C CD  . ARG A 1 115 ? -20.71744 1.89638   7.83956   1.000 35.63988 ? 115 ARG A CD  1 
ATOM   824  N NE  . ARG A 1 115 ? -20.71317 1.38421   6.47466   1.000 41.58000 ? 115 ARG A NE  1 
ATOM   825  C CZ  . ARG A 1 115 ? -21.31200 1.97875   5.45084   1.000 41.65016 ? 115 ARG A CZ  1 
ATOM   826  N NH1 . ARG A 1 115 ? -21.97214 3.11568   5.60139   1.000 40.83429 ? 115 ARG A NH1 1 
ATOM   827  N NH2 . ARG A 1 115 ? -21.24883 1.41620   4.24615   1.000 41.12462 ? 115 ARG A NH2 1 
ATOM   828  N N   . PHE A 1 116 ? -15.12072 0.81776   8.51042   1.000 24.38042 ? 116 PHE A N   1 
ATOM   829  C CA  . PHE A 1 116 ? -14.14879 -0.22102  8.83608   1.000 26.75043 ? 116 PHE A CA  1 
ATOM   830  C C   . PHE A 1 116 ? -13.10785 0.28426   9.82740   1.000 25.72831 ? 116 PHE A C   1 
ATOM   831  O O   . PHE A 1 116 ? -12.74545 -0.42689  10.77168  1.000 26.98060 ? 116 PHE A O   1 
ATOM   832  C CB  . PHE A 1 116 ? -13.47990 -0.73110  7.55928   1.000 27.33193 ? 116 PHE A CB  1 
ATOM   833  C CG  . PHE A 1 116 ? -12.49128 -1.83543  7.79213   1.000 26.18135 ? 116 PHE A CG  1 
ATOM   834  C CD1 . PHE A 1 116 ? -12.92091 -3.11505  8.11076   1.000 28.86934 ? 116 PHE A CD1 1 
ATOM   835  C CD2 . PHE A 1 116 ? -11.13136 -1.59841  7.68249   1.000 25.78268 ? 116 PHE A CD2 1 
ATOM   836  C CE1 . PHE A 1 116 ? -12.01031 -4.13592  8.32290   1.000 28.97933 ? 116 PHE A CE1 1 
ATOM   837  C CE2 . PHE A 1 116 ? -10.21506 -2.61357  7.89372   1.000 29.42066 ? 116 PHE A CE2 1 
ATOM   838  C CZ  . PHE A 1 116 ? -10.65615 -3.88351  8.21343   1.000 30.66697 ? 116 PHE A CZ  1 
ATOM   839  N N   . LEU A 1 117 ? -12.61798 1.50669   9.63574   1.000 21.94776 ? 117 LEU A N   1 
ATOM   840  C CA  . LEU A 1 117 ? -11.61694 2.08381   10.52179  1.000 23.86913 ? 117 LEU A CA  1 
ATOM   841  C C   . LEU A 1 117 ? -12.21982 2.81681   11.71337  1.000 25.84855 ? 117 LEU A C   1 
ATOM   842  O O   . LEU A 1 117 ? -11.46945 3.26885   12.58392  1.000 31.57927 ? 117 LEU A O   1 
ATOM   843  C CB  . LEU A 1 117 ? -10.71334 3.04267   9.73764   1.000 24.57926 ? 117 LEU A CB  1 
ATOM   844  C CG  . LEU A 1 117 ? -9.84317  2.38566   8.66609   1.000 25.11255 ? 117 LEU A CG  1 
ATOM   845  C CD1 . LEU A 1 117 ? -9.18089  3.43517   7.79100   1.000 25.66259 ? 117 LEU A CD1 1 
ATOM   846  C CD2 . LEU A 1 117 ? -8.80465  1.48215   9.31214   1.000 17.89058 ? 117 LEU A CD2 1 
ATOM   847  N N   . GLY A 1 118 ? -13.54101 2.94342   11.77698  1.000 30.03211 ? 118 GLY A N   1 
ATOM   848  C CA  . GLY A 1 118 ? -14.16746 3.66742   12.86987  1.000 32.39227 ? 118 GLY A CA  1 
ATOM   849  C C   . GLY A 1 118 ? -13.84892 5.14652   12.88591  1.000 31.79818 ? 118 GLY A C   1 
ATOM   850  O O   . GLY A 1 118 ? -13.60464 5.71328   13.95879  1.000 33.49105 ? 118 GLY A O   1 
ATOM   851  N N   . ILE A 1 119 ? -13.83571 5.78809   11.71743  1.000 29.98828 ? 119 ILE A N   1 
ATOM   852  C CA  . ILE A 1 119 ? -13.54149 7.20799   11.59289  1.000 30.16517 ? 119 ILE A CA  1 
ATOM   853  C C   . ILE A 1 119 ? -14.61496 7.84754   10.72182  1.000 26.93677 ? 119 ILE A C   1 
ATOM   854  O O   . ILE A 1 119 ? -15.43612 7.16658   10.10719  1.000 28.36888 ? 119 ILE A O   1 
ATOM   855  C CB  . ILE A 1 119 ? -12.13789 7.47071   11.00436  1.000 30.12103 ? 119 ILE A CB  1 
ATOM   856  C CG1 . ILE A 1 119 ? -12.04734 6.91448   9.58133   1.000 26.59691 ? 119 ILE A CG1 1 
ATOM   857  C CG2 . ILE A 1 119 ? -11.05896 6.86356   11.89220  1.000 27.85217 ? 119 ILE A CG2 1 
ATOM   858  C CD1 . ILE A 1 119 ? -10.67728 7.04539   8.95375   1.000 21.93672 ? 119 ILE A CD1 1 
ATOM   859  N N   . SER A 1 120 ? -14.59679 9.17581   10.67458  1.000 28.08014 ? 120 SER A N   1 
ATOM   860  C CA  . SER A 1 120 ? -15.56886 9.90975   9.88217   1.000 31.72837 ? 120 SER A CA  1 
ATOM   861  C C   . SER A 1 120 ? -15.16735 9.91800   8.40985   1.000 27.20330 ? 120 SER A C   1 
ATOM   862  O O   . SER A 1 120 ? -14.03881 9.58352   8.03723   1.000 27.44866 ? 120 SER A O   1 
ATOM   863  C CB  . SER A 1 120 ? -15.70835 11.34154  10.39484  1.000 31.01202 ? 120 SER A CB  1 
ATOM   864  O OG  . SER A 1 120 ? -14.50058 12.06634  10.22731  1.000 29.46310 ? 120 SER A OG  1 
ATOM   865  N N   . LEU A 1 121 ? -16.12303 10.31058  7.56195   1.000 25.52824 ? 121 LEU A N   1 
ATOM   866  C CA  . LEU A 1 121 ? -15.83009 10.48435  6.14341   1.000 28.02629 ? 121 LEU A CA  1 
ATOM   867  C C   . LEU A 1 121 ? -14.76891 11.55127  5.92156   1.000 25.88995 ? 121 LEU A C   1 
ATOM   868  O O   . LEU A 1 121 ? -13.97232 11.44846  4.98164   1.000 24.03566 ? 121 LEU A O   1 
ATOM   869  C CB  . LEU A 1 121 ? -17.10487 10.84626  5.37944   1.000 30.25202 ? 121 LEU A CB  1 
ATOM   870  C CG  . LEU A 1 121 ? -17.87451 9.72698   4.67431   1.000 34.52877 ? 121 LEU A CG  1 
ATOM   871  C CD1 . LEU A 1 121 ? -18.31288 8.64779   5.64932   1.000 35.69952 ? 121 LEU A CD1 1 
ATOM   872  C CD2 . LEU A 1 121 ? -19.07813 10.30661  3.93990   1.000 38.27079 ? 121 LEU A CD2 1 
ATOM   873  N N   . GLU A 1 122 ? -14.74269 12.57917  6.77511   1.000 27.74535 ? 122 GLU A N   1 
ATOM   874  C CA  . GLU A 1 122 ? -13.73893 13.62968  6.64534   1.000 29.01174 ? 122 GLU A CA  1 
ATOM   875  C C   . GLU A 1 122 ? -12.33667 13.08354  6.87659   1.000 26.86673 ? 122 GLU A C   1 
ATOM   876  O O   . GLU A 1 122 ? -11.39071 13.46595  6.18026   1.000 25.32398 ? 122 GLU A O   1 
ATOM   877  C CB  . GLU A 1 122 ? -14.04009 14.76581  7.62303   1.000 28.90227 ? 122 GLU A CB  1 
ATOM   878  C CG  . GLU A 1 122 ? -12.97514 15.84620  7.65427   1.000 37.69960 ? 122 GLU A CG  1 
ATOM   879  C CD  . GLU A 1 122 ? -12.79357 16.52103  6.30792   1.000 41.02132 ? 122 GLU A CD  1 
ATOM   880  O OE1 . GLU A 1 122 ? -13.77868 17.08852  5.78936   1.000 41.53755 ? 122 GLU A OE1 1 
ATOM   881  O OE2 . GLU A 1 122 ? -11.67027 16.47122  5.76185   1.000 40.74841 ? 122 GLU A OE2 1 
ATOM   882  N N   . GLU A 1 123 ? -12.18393 12.18637  7.85322   1.000 27.03660 ? 123 GLU A N   1 
ATOM   883  C CA  . GLU A 1 123 ? -10.87661 11.59348  8.10929   1.000 27.31094 ? 123 GLU A CA  1 
ATOM   884  C C   . GLU A 1 123 ? -10.46058 10.64419  6.99407   1.000 25.57211 ? 123 GLU A C   1 
ATOM   885  O O   . GLU A 1 123 ? -9.26202  10.48643  6.73262   1.000 26.11159 ? 123 GLU A O   1 
ATOM   886  C CB  . GLU A 1 123 ? -10.88620 10.87541  9.45714   1.000 30.49775 ? 123 GLU A CB  1 
ATOM   887  C CG  . GLU A 1 123 ? -10.89829 11.82610  10.64600  1.000 33.82876 ? 123 GLU A CG  1 
ATOM   888  C CD  . GLU A 1 123 ? -11.33977 11.15153  11.92613  1.000 38.05644 ? 123 GLU A CD  1 
ATOM   889  O OE1 . GLU A 1 123 ? -12.48091 10.64723  11.96518  1.000 35.31392 ? 123 GLU A OE1 1 
ATOM   890  O OE2 . GLU A 1 123 ? -10.54661 11.12003  12.88936  1.000 38.17029 ? 123 GLU A OE2 1 
ATOM   891  N N   . VAL A 1 124 ? -11.42550 10.00717  6.32725   1.000 23.19208 ? 124 VAL A N   1 
ATOM   892  C CA  . VAL A 1 124 ? -11.10003 9.19252   5.16169   1.000 21.97935 ? 124 VAL A CA  1 
ATOM   893  C C   . VAL A 1 124 ? -10.59857 10.07188  4.02374   1.000 21.65502 ? 124 VAL A C   1 
ATOM   894  O O   . VAL A 1 124 ? -9.67593  9.69523   3.29094   1.000 18.89114 ? 124 VAL A O   1 
ATOM   895  C CB  . VAL A 1 124 ? -12.31894 8.35062   4.74191   1.000 24.84851 ? 124 VAL A CB  1 
ATOM   896  C CG1 . VAL A 1 124 ? -12.06703 7.66982   3.40900   1.000 19.12971 ? 124 VAL A CG1 1 
ATOM   897  C CG2 . VAL A 1 124 ? -12.63045 7.32144   5.81145   1.000 25.41110 ? 124 VAL A CG2 1 
ATOM   898  N N   . GLN A 1 125 ? -11.19036 11.25658  3.85665   1.000 17.88374 ? 125 GLN A N   1 
ATOM   899  C CA  . GLN A 1 125 ? -10.68081 12.19278  2.85922   1.000 24.05216 ? 125 GLN A CA  1 
ATOM   900  C C   . GLN A 1 125 ? -9.26994  12.65486  3.19408   1.000 22.93248 ? 125 GLN A C   1 
ATOM   901  O O   . GLN A 1 125 ? -8.48436  12.94206  2.28522   1.000 21.83589 ? 125 GLN A O   1 
ATOM   902  C CB  . GLN A 1 125 ? -11.61659 13.39313  2.73185   1.000 25.64247 ? 125 GLN A CB  1 
ATOM   903  C CG  . GLN A 1 125 ? -12.90907 13.07712  2.01346   1.000 24.81992 ? 125 GLN A CG  1 
ATOM   904  C CD  . GLN A 1 125 ? -12.69541 12.77136  0.54585   1.000 26.84828 ? 125 GLN A CD  1 
ATOM   905  O OE1 . GLN A 1 125 ? -11.79039 13.31414  -0.08771  1.000 29.68216 ? 125 GLN A OE1 1 
ATOM   906  N NE2 . GLN A 1 125 ? -13.52560 11.89334  -0.00256  1.000 30.07421 ? 125 GLN A NE2 1 
ATOM   907  N N   . GLU A 1 126 ? -8.93220  12.73952  4.48281   1.000 19.46442 ? 126 GLU A N   1 
ATOM   908  C CA  . GLU A 1 126 ? -7.55758  13.04727  4.85864   1.000 26.14148 ? 126 GLU A CA  1 
ATOM   909  C C   . GLU A 1 126 ? -6.61385  11.93103  4.42924   1.000 20.71614 ? 126 GLU A C   1 
ATOM   910  O O   . GLU A 1 126 ? -5.48698  12.19260  3.99520   1.000 19.53498 ? 126 GLU A O   1 
ATOM   911  C CB  . GLU A 1 126 ? -7.46191  13.28731  6.36583   1.000 29.02897 ? 126 GLU A CB  1 
ATOM   912  C CG  . GLU A 1 126 ? -7.95950  14.65233  6.81765   1.000 32.75312 ? 126 GLU A CG  1 
ATOM   913  C CD  . GLU A 1 126 ? -7.68236  14.91470  8.28662   1.000 40.60026 ? 126 GLU A CD  1 
ATOM   914  O OE1 . GLU A 1 126 ? -6.49529  14.92151  8.67426   1.000 46.96433 ? 126 GLU A OE1 1 
ATOM   915  O OE2 . GLU A 1 126 ? -8.64873  15.10562  9.05478   1.000 45.41866 ? 126 GLU A OE2 1 
ATOM   916  N N   . ILE A 1 127 ? -7.06155  10.67944  4.53176   1.000 20.81817 ? 127 ILE A N   1 
ATOM   917  C CA  . ILE A 1 127 ? -6.24568  9.55930   4.06802   1.000 21.05823 ? 127 ILE A CA  1 
ATOM   918  C C   . ILE A 1 127 ? -6.11970  9.58412   2.54934   1.000 21.35083 ? 127 ILE A C   1 
ATOM   919  O O   . ILE A 1 127 ? -5.04763  9.31477   1.99682   1.000 19.49324 ? 127 ILE A O   1 
ATOM   920  C CB  . ILE A 1 127 ? -6.83900  8.22911   4.56640   1.000 22.96786 ? 127 ILE A CB  1 
ATOM   921  C CG1 . ILE A 1 127 ? -6.85521  8.19277   6.09721   1.000 23.65343 ? 127 ILE A CG1 1 
ATOM   922  C CG2 . ILE A 1 127 ? -6.06227  7.04762   3.99198   1.000 21.29587 ? 127 ILE A CG2 1 
ATOM   923  C CD1 . ILE A 1 127 ? -7.55345  6.98291   6.67746   1.000 22.18879 ? 127 ILE A CD1 1 
ATOM   924  N N   . ILE A 1 128 ? -7.21277  9.90987   1.85377   1.000 21.98061 ? 128 ILE A N   1 
ATOM   925  C CA  . ILE A 1 128 ? -7.18371  10.00151  0.39575   1.000 17.02521 ? 128 ILE A CA  1 
ATOM   926  C C   . ILE A 1 128 ? -6.20709  11.08242  -0.05249  1.000 22.56714 ? 128 ILE A C   1 
ATOM   927  O O   . ILE A 1 128 ? -5.46047  10.90074  -1.02169  1.000 22.64248 ? 128 ILE A O   1 
ATOM   928  C CB  . ILE A 1 128 ? -8.60305  10.25547  -0.14547  1.000 23.11890 ? 128 ILE A CB  1 
ATOM   929  C CG1 . ILE A 1 128 ? -9.49662  9.03744   0.09611   1.000 24.51783 ? 128 ILE A CG1 1 
ATOM   930  C CG2 . ILE A 1 128 ? -8.56987  10.60514  -1.62409  1.000 23.67845 ? 128 ILE A CG2 1 
ATOM   931  C CD1 . ILE A 1 128 ? -10.93139 9.24462   -0.34562  1.000 24.84948 ? 128 ILE A CD1 1 
ATOM   932  N N   . ASP A 1 129 ? -6.19399  12.22193  0.64632   1.000 24.24278 ? 129 ASP A N   1 
ATOM   933  C CA  . ASP A 1 129 ? -5.28595  13.30411  0.27634   1.000 27.76717 ? 129 ASP A CA  1 
ATOM   934  C C   . ASP A 1 129 ? -3.83128  12.90812  0.49438   1.000 23.89619 ? 129 ASP A C   1 
ATOM   935  O O   . ASP A 1 129 ? -2.97433  13.19422  -0.34907  1.000 22.49888 ? 129 ASP A O   1 
ATOM   936  C CB  . ASP A 1 129 ? -5.61465  14.56863  1.06815   1.000 24.98725 ? 129 ASP A CB  1 
ATOM   937  C CG  . ASP A 1 129 ? -6.88784  15.24242  0.59353   1.000 29.92894 ? 129 ASP A CG  1 
ATOM   938  O OD1 . ASP A 1 129 ? -7.31337  14.98762  -0.55452  1.000 31.33691 ? 129 ASP A OD1 1 
ATOM   939  O OD2 . ASP A 1 129 ? -7.45935  16.03870  1.36612   1.000 30.28298 ? 129 ASP A OD2 1 
ATOM   940  N N   . ALA A 1 130 ? -3.53258  12.25853  1.62164   1.000 20.00346 ? 130 ALA A N   1 
ATOM   941  C CA  . ALA A 1 130 ? -2.16354  11.82896  1.88235   1.000 27.51588 ? 130 ALA A CA  1 
ATOM   942  C C   . ALA A 1 130 ? -1.71456  10.77497  0.87750   1.000 23.20285 ? 130 ALA A C   1 
ATOM   943  O O   . ALA A 1 130 ? -0.56638  10.79696  0.41737   1.000 20.63090 ? 130 ALA A O   1 
ATOM   944  C CB  . ALA A 1 130 ? -2.04036  11.29905  3.31086   1.000 26.80290 ? 130 ALA A CB  1 
ATOM   945  N N   . ALA A 1 131 ? -2.60549  9.84711   0.52103   1.000 21.31624 ? 131 ALA A N   1 
ATOM   946  C CA  . ALA A 1 131 ? -2.24911  8.80818   -0.43972  1.000 22.03035 ? 131 ALA A CA  1 
ATOM   947  C C   . ALA A 1 131 ? -1.95864  9.40554   -1.81014  1.000 22.23714 ? 131 ALA A C   1 
ATOM   948  O O   . ALA A 1 131 ? -0.93764  9.09276   -2.43327  1.000 19.13952 ? 131 ALA A O   1 
ATOM   949  C CB  . ALA A 1 131 ? -3.36800  7.76860   -0.52847  1.000 19.46206 ? 131 ALA A CB  1 
ATOM   950  N N   . ARG A 1 132 ? -2.84845  10.27737  -2.29494  1.000 19.28837 ? 132 ARG A N   1 
ATOM   951  C CA  . ARG A 1 132 ? -2.65080  10.88470  -3.60849  1.000 22.96238 ? 132 ARG A CA  1 
ATOM   952  C C   . ARG A 1 132 ? -1.38950  11.73680  -3.63573  1.000 22.97274 ? 132 ARG A C   1 
ATOM   953  O O   . ARG A 1 132 ? -0.67047  11.76013  -4.64184  1.000 22.79826 ? 132 ARG A O   1 
ATOM   954  C CB  . ARG A 1 132 ? -3.86830  11.72821  -3.98813  1.000 17.79435 ? 132 ARG A CB  1 
ATOM   955  C CG  . ARG A 1 132 ? -5.13159  10.93053  -4.24232  1.000 20.44491 ? 132 ARG A CG  1 
ATOM   956  C CD  . ARG A 1 132 ? -6.35016  11.83438  -4.16206  1.000 29.58725 ? 132 ARG A CD  1 
ATOM   957  N NE  . ARG A 1 132 ? -6.31446  12.89929  -5.15732  1.000 31.55117 ? 132 ARG A NE  1 
ATOM   958  C CZ  . ARG A 1 132 ? -6.90256  14.07804  -5.00810  1.000 35.84970 ? 132 ARG A CZ  1 
ATOM   959  N NH1 . ARG A 1 132 ? -7.54464  14.39286  -3.89399  1.000 34.37495 ? 132 ARG A NH1 1 
ATOM   960  N NH2 . ARG A 1 132 ? -6.84096  14.96465  -5.99718  1.000 38.43097 ? 132 ARG A NH2 1 
ATOM   961  N N   . LYS A 1 133 ? -1.11482  12.45265  -2.54257  1.000 21.79666 ? 133 LYS A N   1 
ATOM   962  C CA  . LYS A 1 133 ? 0.11065   13.24039  -2.45795  1.000 23.21404 ? 133 LYS A CA  1 
ATOM   963  C C   . LYS A 1 133 ? 1.34307   12.34476  -2.48229  1.000 31.42753 ? 133 LYS A C   1 
ATOM   964  O O   . LYS A 1 133 ? 2.34115   12.66336  -3.14184  1.000 26.65086 ? 133 LYS A O   1 
ATOM   965  C CB  . LYS A 1 133 ? 0.09284   14.09754  -1.19136  1.000 25.00951 ? 133 LYS A CB  1 
ATOM   966  C CG  . LYS A 1 133 ? 1.43222   14.72008  -0.83839  1.000 35.89138 ? 133 LYS A CG  1 
ATOM   967  C CD  . LYS A 1 133 ? 1.32198   15.59740  0.39562   1.000 38.29404 ? 133 LYS A CD  1 
ATOM   968  C CE  . LYS A 1 133 ? 2.67660   16.15319  0.79836   1.000 46.46337 ? 133 LYS A CE  1 
ATOM   969  N NZ  . LYS A 1 133 ? 3.63395   15.06761  1.14976   1.000 45.97253 ? 133 LYS A NZ  1 
ATOM   970  N N   . ALA A 1 134 ? 1.29205   11.21737  -1.77092  1.000 27.54860 ? 134 ALA A N   1 
ATOM   971  C CA  . ALA A 1 134 ? 2.42848   10.30558  -1.75639  1.000 29.42397 ? 134 ALA A CA  1 
ATOM   972  C C   . ALA A 1 134 ? 2.67012   9.68853   -3.12797  1.000 27.55700 ? 134 ALA A C   1 
ATOM   973  O O   . ALA A 1 134 ? 3.82098   9.42398   -3.49298  1.000 30.81354 ? 134 ALA A O   1 
ATOM   974  C CB  . ALA A 1 134 ? 2.20951   9.21475   -0.70959  1.000 22.39637 ? 134 ALA A CB  1 
ATOM   975  N N   . VAL A 1 135 ? 1.60515   9.45462   -3.89751  1.000 26.75376 ? 135 VAL A N   1 
ATOM   976  C CA  . VAL A 1 135 ? 1.75665   8.88753   -5.23546  1.000 26.45453 ? 135 VAL A CA  1 
ATOM   977  C C   . VAL A 1 135 ? 2.46617   9.87503   -6.15232  1.000 30.52162 ? 135 VAL A C   1 
ATOM   978  O O   . VAL A 1 135 ? 3.41304   9.51781   -6.86519  1.000 31.74347 ? 135 VAL A O   1 
ATOM   979  C CB  . VAL A 1 135 ? 0.38519   8.47473   -5.80610  1.000 31.09925 ? 135 VAL A CB  1 
ATOM   980  C CG1 . VAL A 1 135 ? 0.52002   8.04333   -7.26222  1.000 29.66346 ? 135 VAL A CG1 1 
ATOM   981  C CG2 . VAL A 1 135 ? -0.22652  7.35369   -4.98097  1.000 22.35360 ? 135 VAL A CG2 1 
ATOM   982  N N   . LYS A 1 136 ? 2.02654   11.13642  -6.13954  1.000 29.89277 ? 136 LYS A N   1 
ATOM   983  C CA  . LYS A 1 136 ? 2.61670   12.13392  -7.02395  1.000 29.71913 ? 136 LYS A CA  1 
ATOM   984  C C   . LYS A 1 136 ? 4.07312   12.42655  -6.68326  1.000 32.59493 ? 136 LYS A C   1 
ATOM   985  O O   . LYS A 1 136 ? 4.81455   12.90549  -7.54816  1.000 31.63699 ? 136 LYS A O   1 
ATOM   986  C CB  . LYS A 1 136 ? 1.78937   13.41857  -6.98752  1.000 35.88820 ? 136 LYS A CB  1 
ATOM   987  C CG  . LYS A 1 136 ? 0.43369   13.28082  -7.66364  1.000 35.02094 ? 136 LYS A CG  1 
ATOM   988  C CD  . LYS A 1 136 ? -0.25917  14.62194  -7.83660  1.000 45.26953 ? 136 LYS A CD  1 
ATOM   989  C CE  . LYS A 1 136 ? -1.04729  15.00811  -6.59813  1.000 43.33256 ? 136 LYS A CE  1 
ATOM   990  N NZ  . LYS A 1 136 ? -1.96623  16.14341  -6.89002  1.000 46.75633 ? 136 LYS A NZ  1 
ATOM   991  N N   . GLU A 1 137 ? 4.50437   12.14682  -5.45435  1.000 32.09240 ? 137 GLU A N   1 
ATOM   992  C CA  . GLU A 1 137 ? 5.90179   12.29331  -5.07265  1.000 35.21247 ? 137 GLU A CA  1 
ATOM   993  C C   . GLU A 1 137 ? 6.67637   10.97884  -5.15643  1.000 33.87988 ? 137 GLU A C   1 
ATOM   994  O O   . GLU A 1 137 ? 7.78122   10.88553  -4.61068  1.000 35.32394 ? 137 GLU A O   1 
ATOM   995  C CB  . GLU A 1 137 ? 6.00470   12.88036  -3.66261  1.000 33.94837 ? 137 GLU A CB  1 
ATOM   996  C CG  . GLU A 1 137 ? 5.25519   14.19701  -3.48283  1.000 38.04109 ? 137 GLU A CG  1 
ATOM   997  C CD  . GLU A 1 137 ? 5.56185   14.86542  -2.15451  1.000 43.41689 ? 137 GLU A CD  1 
ATOM   998  O OE1 . GLU A 1 137 ? 6.58637   14.50700  -1.53755  1.000 46.54849 ? 137 GLU A OE1 1 
ATOM   999  O OE2 . GLU A 1 137 ? 4.78364   15.74350  -1.72674  1.000 46.61224 ? 137 GLU A OE2 1 
ATOM   1000 N N   . GLY A 1 138 ? 6.11824   9.96572   -5.81694  1.000 32.27770 ? 138 GLY A N   1 
ATOM   1001 C CA  . GLY A 1 138 ? 6.83529   8.73581   -6.09921  1.000 30.06694 ? 138 GLY A CA  1 
ATOM   1002 C C   . GLY A 1 138 ? 6.99370   7.77544   -4.94233  1.000 28.92258 ? 138 GLY A C   1 
ATOM   1003 O O   . GLY A 1 138 ? 7.79656   6.84081   -5.04471  1.000 30.86547 ? 138 GLY A O   1 
ATOM   1004 N N   . ARG A 1 139 ? 6.25173   7.95895   -3.85342  1.000 25.48216 ? 139 ARG A N   1 
ATOM   1005 C CA  . ARG A 1 139 ? 6.39091   7.12532   -2.66725  1.000 22.42835 ? 139 ARG A CA  1 
ATOM   1006 C C   . ARG A 1 139 ? 5.34612   6.01955   -2.58443  1.000 24.32023 ? 139 ARG A C   1 
ATOM   1007 O O   . ARG A 1 139 ? 5.35293   5.25004   -1.61700  1.000 24.86128 ? 139 ARG A O   1 
ATOM   1008 C CB  . ARG A 1 139 ? 6.31894   7.99537   -1.40844  1.000 25.90255 ? 139 ARG A CB  1 
ATOM   1009 C CG  . ARG A 1 139 ? 6.99145   9.35070   -1.57163  1.000 29.33484 ? 139 ARG A CG  1 
ATOM   1010 C CD  . ARG A 1 139 ? 7.21839   10.03879  -0.23567  1.000 26.16257 ? 139 ARG A CD  1 
ATOM   1011 N NE  . ARG A 1 139 ? 5.99002   10.21376  0.53141   1.000 38.22487 ? 139 ARG A NE  1 
ATOM   1012 C CZ  . ARG A 1 139 ? 5.12529   11.20296  0.34621   1.000 42.45582 ? 139 ARG A CZ  1 
ATOM   1013 N NH1 . ARG A 1 139 ? 5.29298   12.09704  -0.61478  1.000 45.08365 ? 139 ARG A NH1 1 
ATOM   1014 N NH2 . ARG A 1 139 ? 4.06691   11.30027  1.14661   1.000 41.65536 ? 139 ARG A NH2 1 
ATOM   1015 N N   . GLY A 1 140 ? 4.45728   5.91652   -3.56680  1.000 23.71664 ? 140 GLY A N   1 
ATOM   1016 C CA  . GLY A 1 140 ? 3.37504   4.95943   -3.51886  1.000 25.82693 ? 140 GLY A CA  1 
ATOM   1017 C C   . GLY A 1 140 ? 2.24728   5.41001   -2.60815  1.000 24.89297 ? 140 GLY A C   1 
ATOM   1018 O O   . GLY A 1 140 ? 2.37721   6.32802   -1.79826  1.000 26.15343 ? 140 GLY A O   1 
ATOM   1019 N N   . ALA A 1 141 ? 1.11085   4.72565   -2.73951  1.000 23.36614 ? 141 ALA A N   1 
ATOM   1020 C CA  . ALA A 1 141 ? -0.08898  5.12981   -2.01562  1.000 23.16165 ? 141 ALA A CA  1 
ATOM   1021 C C   . ALA A 1 141 ? -0.03151  4.74255   -0.54148  1.000 23.12852 ? 141 ALA A C   1 
ATOM   1022 O O   . ALA A 1 141 ? -0.43762  5.52771   0.32284   1.000 20.68861 ? 141 ALA A O   1 
ATOM   1023 C CB  . ALA A 1 141 ? -1.32814  4.51709   -2.67120  1.000 22.54712 ? 141 ALA A CB  1 
ATOM   1024 N N   . SER A 1 142 ? 0.47876   3.54795   -0.23198  1.000 18.35198 ? 142 SER A N   1 
ATOM   1025 C CA  . SER A 1 142 ? 0.32693   3.00767   1.11617   1.000 22.88747 ? 142 SER A CA  1 
ATOM   1026 C C   . SER A 1 142 ? 1.19399   3.73428   2.13891   1.000 20.30063 ? 142 SER A C   1 
ATOM   1027 O O   . SER A 1 142 ? 0.85955   3.74253   3.32973   1.000 18.58755 ? 142 SER A O   1 
ATOM   1028 C CB  . SER A 1 142 ? 0.64108   1.51187   1.11862   1.000 22.44521 ? 142 SER A CB  1 
ATOM   1029 O OG  . SER A 1 142 ? -0.30503  0.81096   0.33219   1.000 24.09263 ? 142 SER A OG  1 
ATOM   1030 N N   . ILE A 1 143 ? 2.30731   4.33572   1.71376   1.000 21.57214 ? 143 ILE A N   1 
ATOM   1031 C CA  . ILE A 1 143 ? 3.09328   5.14391   2.64310   1.000 22.76444 ? 143 ILE A CA  1 
ATOM   1032 C C   . ILE A 1 143 ? 2.26611   6.31738   3.15117   1.000 18.36888 ? 143 ILE A C   1 
ATOM   1033 O O   . ILE A 1 143 ? 2.25955   6.61956   4.35004   1.000 19.06409 ? 143 ILE A O   1 
ATOM   1034 C CB  . ILE A 1 143 ? 4.40318   5.61193   1.98326   1.000 17.11183 ? 143 ILE A CB  1 
ATOM   1035 C CG1 . ILE A 1 143 ? 5.36068   4.43184   1.81153   1.000 23.48100 ? 143 ILE A CG1 1 
ATOM   1036 C CG2 . ILE A 1 143 ? 5.05286   6.72664   2.79820   1.000 19.97594 ? 143 ILE A CG2 1 
ATOM   1037 C CD1 . ILE A 1 143 ? 6.73204   4.82663   1.32070   1.000 24.44773 ? 143 ILE A CD1 1 
ATOM   1038 N N   . GLY A 1 144 ? 1.53904   6.98538   2.25332   1.000 20.07117 ? 144 GLY A N   1 
ATOM   1039 C CA  . GLY A 1 144 ? 0.67064   8.07013   2.68323   1.000 23.67683 ? 144 GLY A CA  1 
ATOM   1040 C C   . GLY A 1 144 ? -0.47609  7.58859   3.55176   1.000 23.08722 ? 144 GLY A C   1 
ATOM   1041 O O   . GLY A 1 144 ? -0.83868  8.24120   4.53526   1.000 22.68423 ? 144 GLY A O   1 
ATOM   1042 N N   . ILE A 1 145 ? -1.05593  6.43635   3.20545   1.000 19.15249 ? 145 ILE A N   1 
ATOM   1043 C CA  . ILE A 1 145 ? -2.16038  5.88344   3.98633   1.000 17.72136 ? 145 ILE A CA  1 
ATOM   1044 C C   . ILE A 1 145 ? -1.71589  5.60271   5.41597   1.000 19.80685 ? 145 ILE A C   1 
ATOM   1045 O O   . ILE A 1 145 ? -2.36652  6.02007   6.38004   1.000 17.85124 ? 145 ILE A O   1 
ATOM   1046 C CB  . ILE A 1 145 ? -2.71139  4.60918   3.32048   1.000 18.08967 ? 145 ILE A CB  1 
ATOM   1047 C CG1 . ILE A 1 145 ? -3.22649  4.90506   1.91280   1.000 20.66381 ? 145 ILE A CG1 1 
ATOM   1048 C CG2 . ILE A 1 145 ? -3.81815  3.99736   4.17722   1.000 18.90717 ? 145 ILE A CG2 1 
ATOM   1049 C CD1 . ILE A 1 145 ? -3.60570  3.65768   1.13614   1.000 22.18985 ? 145 ILE A CD1 1 
ATOM   1050 N N   . TYR A 1 146 ? -0.59841  4.88725   5.57332   1.000 19.89432 ? 146 TYR A N   1 
ATOM   1051 C CA  . TYR A 1 146 ? -0.19678  4.43608   6.90134   1.000 21.03560 ? 146 TYR A CA  1 
ATOM   1052 C C   . TYR A 1 146 ? 0.26597   5.59819   7.77021   1.000 21.26445 ? 146 TYR A C   1 
ATOM   1053 O O   . TYR A 1 146 ? -0.00462  5.62125   8.97605   1.000 23.26333 ? 146 TYR A O   1 
ATOM   1054 C CB  . TYR A 1 146 ? 0.90559   3.37867   6.80010   1.000 16.88291 ? 146 TYR A CB  1 
ATOM   1055 C CG  . TYR A 1 146 ? 0.48122   2.05569   6.19198   1.000 21.45039 ? 146 TYR A CG  1 
ATOM   1056 C CD1 . TYR A 1 146 ? -0.84036  1.81585   5.82443   1.000 23.69337 ? 146 TYR A CD1 1 
ATOM   1057 C CD2 . TYR A 1 146 ? 1.40897   1.04160   5.98960   1.000 23.52245 ? 146 TYR A CD2 1 
ATOM   1058 C CE1 . TYR A 1 146 ? -1.22004  0.60580   5.26706   1.000 24.93849 ? 146 TYR A CE1 1 
ATOM   1059 C CE2 . TYR A 1 146 ? 1.04077   -0.16988  5.43257   1.000 26.87438 ? 146 TYR A CE2 1 
ATOM   1060 C CZ  . TYR A 1 146 ? -0.27321  -0.38294  5.07419   1.000 30.12716 ? 146 TYR A CZ  1 
ATOM   1061 O OH  . TYR A 1 146 ? -0.63893  -1.58744  4.52163   1.000 32.70573 ? 146 TYR A OH  1 
ATOM   1062 N N   . THR A 1 147 ? 0.97632   6.56306   7.18434   1.000 20.60186 ? 147 THR A N   1 
ATOM   1063 C CA  . THR A 1 147 ? 1.39870   7.73128   7.95298   1.000 24.27880 ? 147 THR A CA  1 
ATOM   1064 C C   . THR A 1 147 ? 0.19279   8.53416   8.42435   1.000 27.21286 ? 147 THR A C   1 
ATOM   1065 O O   . THR A 1 147 ? 0.12281   8.95324   9.58533   1.000 23.54274 ? 147 THR A O   1 
ATOM   1066 C CB  . THR A 1 147 ? 2.33238   8.60663   7.11631   1.000 26.82927 ? 147 THR A CB  1 
ATOM   1067 O OG1 . THR A 1 147 ? 1.71639   8.89443   5.85426   1.000 31.52898 ? 147 THR A OG1 1 
ATOM   1068 C CG2 . THR A 1 147 ? 3.65900   7.90042   6.88297   1.000 22.62157 ? 147 THR A CG2 1 
ATOM   1069 N N   . LYS A 1 148 ? -0.77364  8.75496   7.53242   1.000 25.61539 ? 148 LYS A N   1 
ATOM   1070 C CA  . LYS A 1 148 ? -1.98562  9.46894   7.91959   1.000 27.89812 ? 148 LYS A CA  1 
ATOM   1071 C C   . LYS A 1 148 ? -2.77949  8.68482   8.95556   1.000 28.27209 ? 148 LYS A C   1 
ATOM   1072 O O   . LYS A 1 148 ? -3.31921  9.26531   9.90603   1.000 30.88498 ? 148 LYS A O   1 
ATOM   1073 C CB  . LYS A 1 148 ? -2.84170  9.75177   6.68684   1.000 24.39527 ? 148 LYS A CB  1 
ATOM   1074 C CG  . LYS A 1 148 ? -4.18832  10.38119  6.99730   1.000 24.55040 ? 148 LYS A CG  1 
ATOM   1075 C CD  . LYS A 1 148 ? -4.02654  11.69354  7.74273   1.000 26.51387 ? 148 LYS A CD  1 
ATOM   1076 C CE  . LYS A 1 148 ? -3.32557  12.73165  6.88680   1.000 30.43272 ? 148 LYS A CE  1 
ATOM   1077 N NZ  . LYS A 1 148 ? -3.23791  14.04200  7.58503   1.000 42.29030 ? 148 LYS A NZ  1 
ATOM   1078 N N   . LEU A 1 149 ? -2.85746  7.36304   8.79429   1.000 25.21563 ? 149 LEU A N   1 
ATOM   1079 C CA  . LEU A 1 149 ? -3.58370  6.54298   9.75907   1.000 30.19634 ? 149 LEU A CA  1 
ATOM   1080 C C   . LEU A 1 149 ? -2.91063  6.57672   11.12451  1.000 33.48706 ? 149 LEU A C   1 
ATOM   1081 O O   . LEU A 1 149 ? -3.58872  6.55723   12.15847  1.000 35.63208 ? 149 LEU A O   1 
ATOM   1082 C CB  . LEU A 1 149 ? -3.69615  5.10596   9.25049   1.000 22.92486 ? 149 LEU A CB  1 
ATOM   1083 C CG  . LEU A 1 149 ? -4.53289  4.16427   10.11737  1.000 33.37931 ? 149 LEU A CG  1 
ATOM   1084 C CD1 . LEU A 1 149 ? -5.93998  4.72086   10.28611  1.000 38.44664 ? 149 LEU A CD1 1 
ATOM   1085 C CD2 . LEU A 1 149 ? -4.57540  2.76888   9.52064   1.000 36.21415 ? 149 LEU A CD2 1 
ATOM   1086 N N   . ARG A 1 150 ? -1.57608  6.62547   11.14705  1.000 30.80608 ? 150 ARG A N   1 
ATOM   1087 C CA  . ARG A 1 150 ? -0.85835  6.76173   12.40989  1.000 33.62185 ? 150 ARG A CA  1 
ATOM   1088 C C   . ARG A 1 150 ? -1.23142  8.06397   13.10460  1.000 38.23708 ? 150 ARG A C   1 
ATOM   1089 O O   . ARG A 1 150 ? -1.47306  8.08479   14.31733  1.000 38.78827 ? 150 ARG A O   1 
ATOM   1090 C CB  . ARG A 1 150 ? 0.64942   6.69206   12.15867  1.000 33.33904 ? 150 ARG A CB  1 
ATOM   1091 C CG  . ARG A 1 150 ? 1.51480   6.50973   13.40276  1.000 35.96018 ? 150 ARG A CG  1 
ATOM   1092 C CD  . ARG A 1 150 ? 2.01375   7.83932   13.95161  1.000 38.69988 ? 150 ARG A CD  1 
ATOM   1093 N NE  . ARG A 1 150 ? 3.29171   7.69908   14.64098  1.000 40.99848 ? 150 ARG A NE  1 
ATOM   1094 C CZ  . ARG A 1 150 ? 3.42584   7.34025   15.91046  1.000 44.45412 ? 150 ARG A CZ  1 
ATOM   1095 N NH1 . ARG A 1 150 ? 2.37704   7.06818   16.66757  1.000 49.95670 ? 150 ARG A NH1 1 
ATOM   1096 N NH2 . ARG A 1 150 ? 4.64568   7.25158   16.43329  1.000 41.59206 ? 150 ARG A NH2 1 
ATOM   1097 N N   . GLU A 1 151 ? -1.29450  9.15979   12.34598  1.000 38.80149 ? 151 GLU A N   1 
ATOM   1098 C CA  . GLU A 1 151 ? -1.62916  10.45357  12.93271  1.000 42.11534 ? 151 GLU A CA  1 
ATOM   1099 C C   . GLU A 1 151 ? -3.07459  10.48710  13.41544  1.000 40.98595 ? 151 GLU A C   1 
ATOM   1100 O O   . GLU A 1 151 ? -3.36863  11.07292  14.46279  1.000 40.56343 ? 151 GLU A O   1 
ATOM   1101 C CB  . GLU A 1 151 ? -1.37815  11.56659  11.91506  1.000 39.22633 ? 151 GLU A CB  1 
ATOM   1102 C CG  . GLU A 1 151 ? 0.03519   11.58752  11.35903  1.000 41.96519 ? 151 GLU A CG  1 
ATOM   1103 C CD  . GLU A 1 151 ? 0.14200   12.38843  10.07669  1.000 39.74471 ? 151 GLU A CD  1 
ATOM   1104 O OE1 . GLU A 1 151 ? -0.85385  13.03979  9.69548   1.000 46.92909 ? 151 GLU A OE1 1 
ATOM   1105 O OE2 . GLU A 1 151 ? 1.22073   12.36130  9.44773   1.000 46.11249 ? 151 GLU A OE2 1 
ATOM   1106 N N   . LEU A 1 152 ? -3.98610  9.85952   12.66897  1.000 38.02643 ? 152 LEU A N   1 
ATOM   1107 C CA  . LEU A 1 152 ? -5.39681  9.87811   13.04696  1.000 46.65502 ? 152 LEU A CA  1 
ATOM   1108 C C   . LEU A 1 152 ? -5.62279  9.16555   14.37584  1.000 50.42144 ? 152 LEU A C   1 
ATOM   1109 O O   . LEU A 1 152 ? -6.33234  9.67039   15.25206  1.000 52.98848 ? 152 LEU A O   1 
ATOM   1110 C CB  . LEU A 1 152 ? -6.24592  9.24021   11.94548  1.000 42.29598 ? 152 LEU A CB  1 
ATOM   1111 C CG  . LEU A 1 152 ? -6.50315  10.05739  10.67902  1.000 38.06590 ? 152 LEU A CG  1 
ATOM   1112 C CD1 . LEU A 1 152 ? -7.41799  9.28775   9.73720   1.000 32.89102 ? 152 LEU A CD1 1 
ATOM   1113 C CD2 . LEU A 1 152 ? -7.10619  11.40959  11.02826  1.000 37.87158 ? 152 LEU A CD2 1 
ATOM   1114 N N   . GLU A 1 153 ? -5.02740  7.98320   14.53970  1.000 49.80305 ? 153 GLU A N   1 
ATOM   1115 C CA  . GLU A 1 153 ? -5.21225  7.20511   15.75882  1.000 50.96678 ? 153 GLU A CA  1 
ATOM   1116 C C   . GLU A 1 153 ? -4.47111  7.79336   16.95209  1.000 52.58083 ? 153 GLU A C   1 
ATOM   1117 O O   . GLU A 1 153 ? -4.83060  7.49158   18.09497  1.000 52.39317 ? 153 GLU A O   1 
ATOM   1118 C CB  . GLU A 1 153 ? -4.76092  5.75943   15.53013  1.000 51.05306 ? 153 GLU A CB  1 
ATOM   1119 C CG  . GLU A 1 153 ? -5.41900  5.07769   14.33603  1.000 51.18498 ? 153 GLU A CG  1 
ATOM   1120 C CD  . GLU A 1 153 ? -6.67144  4.30445   14.70831  1.000 58.98396 ? 153 GLU A CD  1 
ATOM   1121 O OE1 . GLU A 1 153 ? -7.09884  4.38406   15.87922  1.000 58.64477 ? 153 GLU A OE1 1 
ATOM   1122 O OE2 . GLU A 1 153 ? -7.22335  3.60952   13.82707  1.000 60.75020 ? 153 GLU A OE2 1 
ATOM   1123 N N   . GLU A 1 154 ? -3.45222  8.61582   16.71684  1.000 47.31640 ? 154 GLU A N   1 
ATOM   1124 C CA  . GLU A 1 154 ? -2.72809  9.28106   17.79484  1.000 46.42493 ? 154 GLU A CA  1 
ATOM   1125 C C   . GLU A 1 154 ? -1.94859  10.48138  17.26602  1.000 49.32167 ? 154 GLU A C   1 
ATOM   1126 O O   . GLU A 1 154 ? -1.65357  11.41936  18.00710  1.000 56.56042 ? 154 GLU A O   1 
ATOM   1127 C CB  . GLU A 1 154 ? -1.77635  8.30760   18.49631  1.000 55.53929 ? 154 GLU A CB  1 
ATOM   1128 C CG  . GLU A 1 154 ? -0.70127  7.72144   17.59522  1.000 51.54291 ? 154 GLU A CG  1 
ATOM   1129 C CD  . GLU A 1 154 ? -1.00271  6.29571   17.17665  1.000 51.09699 ? 154 GLU A CD  1 
ATOM   1130 O OE1 . GLU A 1 154 ? -2.10103  5.79613   17.50146  1.000 55.40124 ? 154 GLU A OE1 1 
ATOM   1131 O OE2 . GLU A 1 154 ? -0.13947  5.67029   16.52688  1.000 49.81832 ? 154 GLU A OE2 1 
HETATM 1132 O O1  . PG4 B 2 .   ? -5.14538  -4.94155  -14.52592 1.000 48.03187 ? 301 PG4 A O1  1 
HETATM 1133 C C1  . PG4 B 2 .   ? -4.14168  -5.57590  -13.76913 1.000 47.90524 ? 301 PG4 A C1  1 
HETATM 1134 C C2  . PG4 B 2 .   ? -2.79930  -5.32754  -14.40721 1.000 42.62424 ? 301 PG4 A C2  1 
HETATM 1135 O O2  . PG4 B 2 .   ? -1.82900  -6.15893  -13.82569 1.000 46.86013 ? 301 PG4 A O2  1 
HETATM 1136 C C3  . PG4 B 2 .   ? -0.56322  -5.55460  -13.77334 1.000 42.99107 ? 301 PG4 A C3  1 
HETATM 1137 C C4  . PG4 B 2 .   ? -0.00823  -5.41606  -15.16587 1.000 45.69835 ? 301 PG4 A C4  1 
HETATM 1138 O O3  . PG4 B 2 .   ? 0.48952   -4.11495  -15.33705 1.000 45.14494 ? 301 PG4 A O3  1 
HETATM 1139 C C5  . PG4 B 2 .   ? 1.20160   -3.96313  -16.53568 1.000 46.59797 ? 301 PG4 A C5  1 
HETATM 1140 C C6  . PG4 B 2 .   ? 0.66329   -2.76550  -17.27304 1.000 42.57156 ? 301 PG4 A C6  1 
HETATM 1141 O O4  . PG4 B 2 .   ? 0.99037   -1.58554  -16.58480 1.000 40.10026 ? 301 PG4 A O4  1 
HETATM 1142 C C7  . PG4 B 2 .   ? 0.64099   -0.43681  -17.31698 1.000 39.35397 ? 301 PG4 A C7  1 
HETATM 1143 C C8  . PG4 B 2 .   ? 1.10004   0.81612   -16.61402 1.000 41.81208 ? 301 PG4 A C8  1 
HETATM 1144 O O5  . PG4 B 2 .   ? 1.75106   0.48789   -15.40836 1.000 37.55728 ? 301 PG4 A O5  1 
HETATM 1145 O O   . HOH C 3 .   ? 3.64880   3.33365   -0.68760  1.000 22.61473 ? 401 HOH A O   1 
HETATM 1146 O O   . HOH C 3 .   ? 7.90731   -11.87224 -8.21594  1.000 29.83000 ? 402 HOH A O   1 
HETATM 1147 O O   . HOH C 3 .   ? -8.47325  -7.33102  7.42737   1.000 35.31944 ? 403 HOH A O   1 
HETATM 1148 O O   . HOH C 3 .   ? 16.10053  -15.14372 0.17225   1.000 31.23865 ? 404 HOH A O   1 
HETATM 1149 O O   . HOH C 3 .   ? 6.40796   2.02552   -9.86886  1.000 21.63001 ? 405 HOH A O   1 
HETATM 1150 O O   . HOH C 3 .   ? -12.44098 -15.95295 -11.11440 1.000 36.68728 ? 406 HOH A O   1 
HETATM 1151 O O   . HOH C 3 .   ? -14.62114 -1.99228  12.09747  1.000 32.64415 ? 407 HOH A O   1 
HETATM 1152 O O   . HOH C 3 .   ? -13.05365 9.52154   14.44821  1.000 43.58676 ? 408 HOH A O   1 
HETATM 1153 O O   . HOH C 3 .   ? 1.39993   11.90290  2.05208   1.000 35.62469 ? 409 HOH A O   1 
HETATM 1154 O O   . HOH C 3 .   ? 9.23163   1.41572   11.59357  1.000 27.93040 ? 410 HOH A O   1 
HETATM 1155 O O   . HOH C 3 .   ? -6.33724  5.46663   -9.48268  1.000 26.70100 ? 411 HOH A O   1 
HETATM 1156 O O   . HOH C 3 .   ? 17.92893  -2.56657  5.99862   1.000 41.73272 ? 412 HOH A O   1 
HETATM 1157 O O   . HOH C 3 .   ? -2.92658  -10.32338 0.90833   1.000 35.89104 ? 413 HOH A O   1 
HETATM 1158 O O   . HOH C 3 .   ? 4.36156   2.79211   -7.26850  1.000 27.65821 ? 414 HOH A O   1 
HETATM 1159 O O   . HOH C 3 .   ? 8.91824   2.95208   -9.01800  1.000 34.83496 ? 415 HOH A O   1 
HETATM 1160 O O   . HOH C 3 .   ? 1.00830   4.96871   -10.05534 1.000 34.67873 ? 416 HOH A O   1 
HETATM 1161 O O   . HOH C 3 .   ? -5.78759  -10.68582 0.86397   1.000 40.64433 ? 417 HOH A O   1 
HETATM 1162 O O   . HOH C 3 .   ? 20.55106  1.57383   2.11248   1.000 38.86454 ? 418 HOH A O   1 
HETATM 1163 O O   . HOH C 3 .   ? 7.79978   4.08030   -4.11857  1.000 25.79156 ? 419 HOH A O   1 
HETATM 1164 O O   . HOH C 3 .   ? 4.15338   6.74115   -6.38892  1.000 29.86025 ? 420 HOH A O   1 
HETATM 1165 O O   . HOH C 3 .   ? -18.69700 10.90413  8.81598   1.000 29.28966 ? 421 HOH A O   1 
HETATM 1166 O O   . HOH C 3 .   ? 12.87693  8.47966   -0.92526  1.000 31.60279 ? 422 HOH A O   1 
HETATM 1167 O O   . HOH C 3 .   ? 13.38681  -5.19308  6.15141   0.50  35.25602 ? 423 HOH A O   1 
HETATM 1168 O O   . HOH C 3 .   ? 11.01943  -6.31921  -16.84171 1.000 30.45368 ? 424 HOH A O   1 
HETATM 1169 O O   . HOH C 3 .   ? -13.77121 0.50093   -3.18405  1.000 32.21153 ? 425 HOH A O   1 
HETATM 1170 O O   . HOH C 3 .   ? -9.06368  6.45450   -9.33086  1.000 28.95241 ? 426 HOH A O   1 
HETATM 1171 O O   . HOH C 3 .   ? -20.98876 2.14080   1.16019   1.000 39.25651 ? 427 HOH A O   1 
HETATM 1172 O O   . HOH C 3 .   ? -5.30750  -9.33115  8.77613   1.000 38.81976 ? 428 HOH A O   1 
HETATM 1173 O O   . HOH C 3 .   ? -17.22398 13.58210  8.31598   1.000 31.21110 ? 429 HOH A O   1 
HETATM 1174 O O   . HOH C 3 .   ? -2.05225  11.18028  -7.46890  1.000 37.53078 ? 430 HOH A O   1 
HETATM 1175 O O   . HOH C 3 .   ? 6.65141   9.02998   6.22383   1.000 35.06576 ? 431 HOH A O   1 
HETATM 1176 O O   . HOH C 3 .   ? 15.24466  -12.54495 -8.56968  1.000 60.65497 ? 432 HOH A O   1 
HETATM 1177 O O   . HOH C 3 .   ? 10.40145  -10.74039 -8.86714  1.000 42.20627 ? 433 HOH A O   1 
HETATM 1178 O O   . HOH C 3 .   ? 5.23519   2.52278   -4.65177  1.000 32.07316 ? 434 HOH A O   1 
HETATM 1179 O O   . HOH C 3 .   ? -12.14182 -2.72647  -7.78956  1.000 43.03902 ? 435 HOH A O   1 
HETATM 1180 O O   . HOH C 3 .   ? 6.24715   1.25272   -0.92891  1.000 34.46588 ? 436 HOH A O   1 
HETATM 1181 O O   . HOH C 3 .   ? 3.76513   5.07018   -8.78815  1.000 30.72493 ? 437 HOH A O   1 
# 
